data_6D24
#
_entry.id   6D24
#
_cell.length_a   96.790
_cell.length_b   133.030
_cell.length_c   107.750
_cell.angle_alpha   90.000
_cell.angle_beta   100.270
_cell.angle_gamma   90.000
#
_symmetry.space_group_name_H-M   'P 1 21 1'
#
loop_
_entity.id
_entity.type
_entity.pdbx_description
1 polymer 'Glucose-6-phosphate 1-dehydrogenase'
2 polymer 'Glucose-6-phosphate 1-dehydrogenase'
3 non-polymer 6-O-phosphono-beta-D-glucopyranose
4 non-polymer 'SULFATE ION'
5 non-polymer GLYCEROL
6 non-polymer 'CHLORIDE ION'
7 water water
#
loop_
_entity_poly.entity_id
_entity_poly.type
_entity_poly.pdbx_seq_one_letter_code
_entity_poly.pdbx_strand_id
1 'polypeptide(L)'
;MGSSHHHHHHSSGLVPRGSHMASMENAKKVAAELRGEVCERIPDAVSPELRSRALTIVVLGASGDLAKKKTFPALFQLYC
NGMLPRDVNILGYARSTMEDVEKWKKDTLAGFFTRLDERGCHVGNFLRRISYMTGSYDRDEDFARLNERILRMEEAFQGP
EKGGNRLFYLALPPSVFVGVCRGLSKGAMQKPELGWVRLIVEKPFGRDTETSEQLSNQLKPLFNERQVFRIDHYLGKEMV
QNIIVTRFANRVFSALWNSNSIACVQITFKEKIGTEGRGGYFDSIGIIRDVIQNHLTQILSLLTMEKPRSLSAEDIRDEK
VQVLRQVVPANPAECVLGQYTASADGSTPGYLDDPSVPKGSHCPTFAVLRLHVNNDRWHGVPFIIRAGKALEERLLDIRI
QFKDEIRPFGESTQRNELVIRAQPSEAMYLKLTAKTPGLLNDTHQTELDLTYERRYDVTLPDAYESLIHEALLGNSTNFV
RVDELDAAWRIYTPLLHAIDRGEVKVLPYAAGSCGPEEAQEFIRISGYKTTNGNAYKCSNA
;
A,B
2 'polypeptide(L)'
;MGSSHHHHHHSSGLVPRGSHMASMENAKKVAAELRGEVCERIPDAVSPELRSRALTIVVLGASGDLAKKKTFPALFQLYC
NGMLPRDVNILGYARSTMEDVEKWKKDTLAGFFTRLDERGCHVGNFLRRISYMTGSYDRDEDFARLNERILRMEEAFQGP
EKGGNRLFYLALPPSVFVGVCRGLSKGAMQKPELGWVRLIVEKPFGRDTETSEQLSNQLKPLFNERQVFRIDHYLGKEMV
QNIIVTRFANRVFSALWNSNSIACVQITFKEKIGTEGRGGYFDSIGIIRDVIQNHLTQILSLLTMEKPRSLSAEDIRDEK
VQVLRQVVPANPAECVLGQYTASADGSTPGYLDDPSVPKGSHCPTFAVLRLHVNNDRWHGVPFIIRAGKALEERLLDIRI
QFKDEIRPFGESTQRNELVIRAQPSEAMYLKLTAKTPGLLNDTHQTELDLTYERRYDVTLPDAYESLIHEALLGNSTNFV
RVDELDAAWRIYTPLLHAIDRGEVKVLPYAAGS(CSO)GPEEAQEFIRISGYKTTNGNAYKCSNA
;
C,D
#
# COMPACT_ATOMS: atom_id res chain seq x y z
N VAL A 38 18.89 38.63 -37.41
CA VAL A 38 18.52 38.26 -36.04
C VAL A 38 18.97 36.83 -35.71
N CYS A 39 20.29 36.61 -35.54
CA CYS A 39 20.77 35.27 -35.20
C CYS A 39 21.54 35.22 -33.85
N GLU A 40 21.12 34.29 -32.97
CA GLU A 40 21.71 34.01 -31.65
C GLU A 40 23.11 33.43 -31.85
N ARG A 41 24.10 33.95 -31.11
CA ARG A 41 25.51 33.52 -31.18
C ARG A 41 25.71 32.03 -30.77
N ILE A 42 26.86 31.42 -31.17
CA ILE A 42 27.17 30.02 -30.85
C ILE A 42 28.11 29.94 -29.58
N PRO A 43 27.58 29.59 -28.36
CA PRO A 43 28.47 29.46 -27.18
C PRO A 43 29.31 28.17 -27.21
N ASP A 44 30.30 28.02 -26.30
CA ASP A 44 31.15 26.82 -26.30
C ASP A 44 30.62 25.73 -25.35
N ALA A 45 29.53 25.04 -25.77
CA ALA A 45 28.88 23.93 -25.07
C ALA A 45 29.49 22.58 -25.53
N VAL A 46 30.65 22.66 -26.24
CA VAL A 46 31.41 21.51 -26.74
C VAL A 46 31.95 20.80 -25.52
N SER A 47 31.43 19.59 -25.25
CA SER A 47 31.88 18.76 -24.13
C SER A 47 33.39 18.53 -24.12
N PRO A 48 34.05 18.70 -22.95
CA PRO A 48 35.52 18.64 -22.88
C PRO A 48 36.21 17.42 -23.52
N GLU A 49 35.50 16.28 -23.64
CA GLU A 49 36.04 15.07 -24.27
C GLU A 49 36.26 15.30 -25.77
N LEU A 50 35.21 15.83 -26.43
CA LEU A 50 35.16 16.12 -27.87
C LEU A 50 36.15 17.20 -28.32
N ARG A 51 36.57 18.10 -27.41
CA ARG A 51 37.48 19.19 -27.76
C ARG A 51 38.96 18.93 -27.30
N SER A 52 39.47 17.71 -27.58
CA SER A 52 40.87 17.31 -27.30
C SER A 52 41.45 16.48 -28.48
N ARG A 53 40.61 15.57 -29.02
CA ARG A 53 40.88 14.71 -30.18
C ARG A 53 39.98 15.16 -31.30
N ALA A 54 40.36 14.83 -32.54
CA ALA A 54 39.61 15.19 -33.74
C ALA A 54 38.20 14.60 -33.78
N LEU A 55 37.35 15.12 -34.67
CA LEU A 55 35.99 14.61 -34.85
C LEU A 55 35.60 14.51 -36.31
N THR A 56 35.03 13.36 -36.64
CA THR A 56 34.55 13.00 -37.98
C THR A 56 33.21 12.31 -37.82
N ILE A 57 32.16 12.92 -38.38
CA ILE A 57 30.81 12.37 -38.40
C ILE A 57 30.51 11.95 -39.85
N VAL A 58 30.62 10.64 -40.13
CA VAL A 58 30.36 10.14 -41.47
C VAL A 58 28.87 9.79 -41.62
N VAL A 59 28.20 10.44 -42.56
CA VAL A 59 26.79 10.19 -42.84
C VAL A 59 26.70 9.32 -44.12
N LEU A 60 26.63 7.99 -43.91
CA LEU A 60 26.54 7.01 -44.99
C LEU A 60 25.11 6.96 -45.48
N GLY A 61 24.91 7.31 -46.74
CA GLY A 61 23.60 7.42 -47.38
C GLY A 61 23.15 8.86 -47.35
N ALA A 62 24.11 9.81 -47.53
CA ALA A 62 23.95 11.28 -47.48
C ALA A 62 22.98 11.87 -48.45
N SER A 63 22.75 11.18 -49.57
CA SER A 63 21.79 11.63 -50.57
C SER A 63 20.34 11.31 -50.11
N GLY A 64 20.16 10.14 -49.49
CA GLY A 64 18.89 9.63 -49.00
C GLY A 64 18.00 10.59 -48.23
N ASP A 65 16.68 10.36 -48.30
CA ASP A 65 15.62 11.16 -47.72
C ASP A 65 15.74 11.47 -46.24
N LEU A 66 16.14 10.47 -45.40
CA LEU A 66 16.31 10.64 -43.95
C LEU A 66 17.46 11.61 -43.67
N ALA A 67 18.59 11.43 -44.37
CA ALA A 67 19.76 12.27 -44.18
C ALA A 67 19.51 13.75 -44.55
N LYS A 68 18.85 14.01 -45.72
CA LYS A 68 18.45 15.34 -46.21
C LYS A 68 17.56 16.03 -45.20
N LYS A 69 16.53 15.29 -44.71
CA LYS A 69 15.41 15.78 -43.91
C LYS A 69 15.60 15.85 -42.42
N LYS A 70 16.34 14.90 -41.83
CA LYS A 70 16.49 14.80 -40.36
C LYS A 70 17.93 14.84 -39.82
N THR A 71 18.86 14.04 -40.42
CA THR A 71 20.27 13.97 -39.97
C THR A 71 21.01 15.28 -40.16
N PHE A 72 21.20 15.71 -41.41
CA PHE A 72 21.90 16.96 -41.66
C PHE A 72 21.23 18.11 -40.90
N PRO A 73 19.88 18.33 -40.98
CA PRO A 73 19.30 19.44 -40.20
C PRO A 73 19.62 19.42 -38.71
N ALA A 74 19.65 18.22 -38.07
CA ALA A 74 19.94 18.06 -36.63
C ALA A 74 21.39 18.44 -36.31
N LEU A 75 22.30 18.14 -37.25
CA LEU A 75 23.73 18.41 -37.12
C LEU A 75 23.99 19.91 -37.17
N PHE A 76 23.16 20.65 -37.94
CA PHE A 76 23.22 22.11 -38.03
C PHE A 76 22.87 22.71 -36.67
N GLN A 77 21.76 22.26 -36.09
CA GLN A 77 21.30 22.72 -34.80
C GLN A 77 22.29 22.40 -33.66
N LEU A 78 22.94 21.23 -33.70
CA LEU A 78 23.93 20.92 -32.67
C LEU A 78 25.17 21.82 -32.81
N TYR A 79 25.52 22.22 -34.06
CA TYR A 79 26.65 23.11 -34.38
C TYR A 79 26.34 24.52 -33.85
N CYS A 80 25.11 25.00 -34.12
CA CYS A 80 24.59 26.30 -33.68
C CYS A 80 24.56 26.41 -32.18
N ASN A 81 24.29 25.29 -31.50
CA ASN A 81 24.28 25.24 -30.05
C ASN A 81 25.71 25.27 -29.49
N GLY A 82 26.69 25.13 -30.38
CA GLY A 82 28.09 25.10 -30.00
C GLY A 82 28.40 23.85 -29.21
N MET A 83 27.74 22.72 -29.58
CA MET A 83 27.83 21.40 -28.93
C MET A 83 28.74 20.47 -29.69
N LEU A 84 29.06 20.85 -30.93
CA LEU A 84 29.97 20.15 -31.83
C LEU A 84 31.24 21.00 -31.89
N PRO A 85 32.47 20.41 -31.97
CA PRO A 85 33.67 21.26 -32.08
C PRO A 85 33.60 22.16 -33.31
N ARG A 86 34.16 23.39 -33.23
CA ARG A 86 34.13 24.32 -34.37
C ARG A 86 34.77 23.73 -35.64
N ASP A 87 35.77 22.83 -35.47
CA ASP A 87 36.52 22.14 -36.52
C ASP A 87 36.07 20.67 -36.76
N VAL A 88 34.75 20.42 -36.68
CA VAL A 88 34.14 19.10 -36.90
C VAL A 88 34.10 18.74 -38.39
N ASN A 89 34.07 17.45 -38.72
CA ASN A 89 34.07 17.01 -40.11
C ASN A 89 32.90 16.10 -40.48
N ILE A 90 31.86 16.68 -41.07
CA ILE A 90 30.68 15.91 -41.50
C ILE A 90 30.96 15.44 -42.94
N LEU A 91 31.12 14.12 -43.13
CA LEU A 91 31.40 13.54 -44.45
C LEU A 91 30.22 12.75 -44.97
N GLY A 92 29.67 13.21 -46.09
CA GLY A 92 28.57 12.54 -46.73
C GLY A 92 29.05 11.46 -47.67
N TYR A 93 28.67 10.20 -47.42
CA TYR A 93 29.06 9.04 -48.22
C TYR A 93 27.83 8.35 -48.85
N ALA A 94 27.46 8.77 -50.05
CA ALA A 94 26.32 8.18 -50.71
C ALA A 94 26.76 7.65 -52.08
N ARG A 95 25.83 7.02 -52.82
CA ARG A 95 26.08 6.43 -54.12
C ARG A 95 25.99 7.46 -55.25
N SER A 96 25.13 8.48 -55.06
CA SER A 96 24.84 9.55 -56.02
C SER A 96 26.09 10.20 -56.59
N THR A 97 26.10 10.37 -57.93
CA THR A 97 27.22 10.91 -58.74
C THR A 97 27.20 12.46 -58.79
N MET A 98 27.19 13.07 -57.60
CA MET A 98 27.13 14.51 -57.28
C MET A 98 28.05 15.41 -58.12
N GLU A 99 27.42 16.21 -59.01
CA GLU A 99 28.07 17.16 -59.93
C GLU A 99 28.57 18.44 -59.16
N ASP A 100 27.65 19.21 -58.52
CA ASP A 100 27.94 20.40 -57.74
C ASP A 100 27.50 20.10 -56.32
N VAL A 101 28.49 19.82 -55.45
CA VAL A 101 28.27 19.48 -54.05
C VAL A 101 27.81 20.72 -53.31
N GLU A 102 28.47 21.86 -53.59
CA GLU A 102 28.17 23.14 -52.95
C GLU A 102 26.75 23.63 -53.23
N LYS A 103 26.20 23.35 -54.43
CA LYS A 103 24.83 23.69 -54.82
C LYS A 103 23.85 22.84 -54.02
N TRP A 104 24.10 21.52 -53.95
CA TRP A 104 23.30 20.57 -53.19
C TRP A 104 23.35 20.92 -51.71
N LYS A 105 24.50 21.43 -51.23
CA LYS A 105 24.70 21.84 -49.86
C LYS A 105 23.87 23.08 -49.51
N LYS A 106 23.92 24.12 -50.35
CA LYS A 106 23.25 25.40 -50.13
C LYS A 106 21.78 25.44 -50.54
N ASP A 107 21.38 24.63 -51.53
CA ASP A 107 20.01 24.63 -52.01
C ASP A 107 19.18 23.47 -51.48
N THR A 108 19.69 22.21 -51.59
CA THR A 108 18.97 21.02 -51.14
C THR A 108 19.04 20.93 -49.63
N LEU A 109 20.21 20.55 -49.12
CA LEU A 109 20.55 20.35 -47.72
C LEU A 109 20.09 21.47 -46.80
N ALA A 110 20.53 22.72 -47.09
CA ALA A 110 20.23 23.92 -46.31
C ALA A 110 18.76 24.30 -46.28
N GLY A 111 18.03 23.93 -47.32
CA GLY A 111 16.59 24.19 -47.40
C GLY A 111 15.80 23.52 -46.29
N PHE A 112 16.40 22.49 -45.65
CA PHE A 112 15.78 21.73 -44.58
C PHE A 112 16.08 22.24 -43.17
N PHE A 113 17.03 23.19 -43.01
CA PHE A 113 17.39 23.77 -41.71
C PHE A 113 16.21 24.65 -41.25
N THR A 114 15.88 24.59 -39.95
CA THR A 114 14.66 25.19 -39.39
C THR A 114 14.76 26.61 -38.79
N ARG A 115 15.44 26.78 -37.62
CA ARG A 115 15.53 28.11 -36.98
C ARG A 115 16.45 28.97 -37.83
N LEU A 116 15.87 29.95 -38.55
CA LEU A 116 16.64 30.84 -39.45
C LEU A 116 16.43 32.33 -39.12
N ASP A 117 15.48 32.55 -38.21
CA ASP A 117 15.07 33.83 -37.62
C ASP A 117 15.78 33.90 -36.24
N GLU A 118 16.54 32.83 -35.94
CA GLU A 118 17.24 32.63 -34.69
C GLU A 118 18.66 32.14 -34.93
N ARG A 119 18.95 31.50 -36.11
CA ARG A 119 20.29 30.96 -36.43
C ARG A 119 20.62 30.88 -37.95
N GLY A 120 19.99 31.72 -38.78
CA GLY A 120 20.15 31.75 -40.23
C GLY A 120 21.51 32.11 -40.80
N CYS A 121 22.26 32.96 -40.11
CA CYS A 121 23.59 33.43 -40.53
C CYS A 121 24.65 32.31 -40.50
N HIS A 122 24.51 31.41 -39.52
CA HIS A 122 25.42 30.30 -39.28
C HIS A 122 25.37 29.20 -40.36
N VAL A 123 24.33 29.19 -41.24
CA VAL A 123 24.20 28.21 -42.33
C VAL A 123 25.50 28.09 -43.15
N GLY A 124 26.13 29.24 -43.44
CA GLY A 124 27.37 29.32 -44.20
C GLY A 124 28.52 28.59 -43.56
N ASN A 125 28.92 29.06 -42.36
CA ASN A 125 30.01 28.52 -41.54
C ASN A 125 29.84 27.01 -41.32
N PHE A 126 28.60 26.57 -41.01
CA PHE A 126 28.24 25.17 -40.80
C PHE A 126 28.48 24.33 -42.05
N LEU A 127 27.81 24.69 -43.18
CA LEU A 127 27.92 24.01 -44.48
C LEU A 127 29.37 23.81 -44.93
N ARG A 128 30.27 24.72 -44.53
CA ARG A 128 31.69 24.66 -44.84
C ARG A 128 32.34 23.39 -44.24
N ARG A 129 31.73 22.80 -43.22
CA ARG A 129 32.25 21.60 -42.56
C ARG A 129 31.84 20.32 -43.27
N ILE A 130 30.68 20.35 -43.96
CA ILE A 130 30.17 19.20 -44.72
C ILE A 130 30.98 19.06 -46.04
N SER A 131 31.38 17.83 -46.32
CA SER A 131 32.09 17.42 -47.54
C SER A 131 31.37 16.16 -48.05
N TYR A 132 31.29 15.98 -49.37
CA TYR A 132 30.63 14.82 -49.92
C TYR A 132 31.65 13.90 -50.59
N MET A 133 31.35 12.59 -50.65
CA MET A 133 32.20 11.59 -51.23
C MET A 133 31.39 10.47 -51.90
N THR A 134 31.42 10.39 -53.26
CA THR A 134 30.73 9.29 -53.96
C THR A 134 31.42 7.98 -53.58
N GLY A 135 30.66 6.89 -53.53
CA GLY A 135 31.14 5.55 -53.16
C GLY A 135 30.06 4.50 -53.03
N SER A 136 30.45 3.22 -53.10
CA SER A 136 29.53 2.07 -53.02
C SER A 136 29.53 1.35 -51.66
N TYR A 137 28.42 0.67 -51.39
CA TYR A 137 28.23 -0.06 -50.15
C TYR A 137 28.63 -1.55 -50.30
N ASP A 138 29.53 -1.84 -51.26
CA ASP A 138 29.95 -3.22 -51.51
C ASP A 138 31.44 -3.37 -51.84
N ARG A 139 32.04 -2.34 -52.47
CA ARG A 139 33.44 -2.36 -52.90
C ARG A 139 34.40 -1.85 -51.82
N ASP A 140 35.24 -2.77 -51.26
CA ASP A 140 36.23 -2.48 -50.20
C ASP A 140 37.20 -1.35 -50.57
N GLU A 141 37.43 -1.15 -51.89
CA GLU A 141 38.27 -0.08 -52.46
C GLU A 141 37.68 1.28 -52.08
N ASP A 142 36.32 1.36 -52.00
CA ASP A 142 35.58 2.57 -51.64
C ASP A 142 35.59 2.87 -50.16
N PHE A 143 35.57 1.82 -49.32
CA PHE A 143 35.63 1.96 -47.87
C PHE A 143 37.07 2.40 -47.46
N ALA A 144 38.08 1.87 -48.19
CA ALA A 144 39.49 2.23 -48.04
C ALA A 144 39.62 3.71 -48.42
N ARG A 145 38.98 4.10 -49.54
CA ARG A 145 38.92 5.48 -50.03
C ARG A 145 38.22 6.37 -48.99
N LEU A 146 37.34 5.77 -48.14
CA LEU A 146 36.66 6.46 -47.03
C LEU A 146 37.67 6.62 -45.88
N ASN A 147 38.40 5.52 -45.52
CA ASN A 147 39.42 5.59 -44.47
C ASN A 147 40.47 6.65 -44.87
N GLU A 148 40.87 6.65 -46.16
CA GLU A 148 41.80 7.57 -46.76
C GLU A 148 41.40 9.01 -46.51
N ARG A 149 40.13 9.39 -46.87
CA ARG A 149 39.61 10.74 -46.71
C ARG A 149 39.48 11.15 -45.24
N ILE A 150 39.07 10.20 -44.36
CA ILE A 150 38.94 10.49 -42.92
C ILE A 150 40.30 10.95 -42.38
N LEU A 151 41.33 10.13 -42.56
CA LEU A 151 42.71 10.44 -42.16
C LEU A 151 43.27 11.73 -42.76
N ARG A 152 43.00 11.99 -44.07
CA ARG A 152 43.46 13.23 -44.71
C ARG A 152 42.89 14.49 -44.02
N MET A 153 41.70 14.35 -43.39
CA MET A 153 41.05 15.44 -42.69
C MET A 153 41.20 15.29 -41.14
N GLU A 154 41.70 14.11 -40.65
CA GLU A 154 41.97 13.83 -39.24
C GLU A 154 43.34 14.33 -38.89
N GLU A 155 44.29 14.20 -39.83
CA GLU A 155 45.67 14.64 -39.70
C GLU A 155 45.77 16.17 -39.60
N ALA A 156 44.80 16.88 -40.23
CA ALA A 156 44.71 18.36 -40.29
C ALA A 156 44.35 19.04 -38.96
N PHE A 157 43.94 18.26 -37.92
CA PHE A 157 43.59 18.73 -36.57
C PHE A 157 44.81 19.35 -35.84
N GLN A 158 44.57 20.50 -35.21
CA GLN A 158 45.61 21.28 -34.52
C GLN A 158 45.50 21.21 -32.99
N GLY A 159 44.80 20.21 -32.47
CA GLY A 159 44.56 20.07 -31.03
C GLY A 159 45.54 19.26 -30.21
N PRO A 160 45.19 19.05 -28.90
CA PRO A 160 46.10 18.34 -27.99
C PRO A 160 46.39 16.87 -28.32
N GLU A 161 45.37 16.06 -28.60
CA GLU A 161 45.58 14.65 -28.91
C GLU A 161 45.60 14.38 -30.42
N LYS A 162 46.64 13.63 -30.88
CA LYS A 162 46.92 13.27 -32.28
C LYS A 162 46.09 12.09 -32.84
N GLY A 163 45.11 11.62 -32.06
CA GLY A 163 44.22 10.53 -32.45
C GLY A 163 43.17 10.91 -33.49
N GLY A 164 41.91 10.85 -33.07
CA GLY A 164 40.74 11.17 -33.89
C GLY A 164 39.56 10.28 -33.60
N ASN A 165 38.37 10.87 -33.41
CA ASN A 165 37.16 10.10 -33.10
C ASN A 165 36.27 9.99 -34.33
N ARG A 166 35.61 8.83 -34.45
CA ARG A 166 34.72 8.51 -35.56
C ARG A 166 33.27 8.14 -35.14
N LEU A 167 32.31 8.85 -35.71
CA LEU A 167 30.91 8.49 -35.55
C LEU A 167 30.34 8.23 -36.93
N PHE A 168 29.87 6.99 -37.19
CA PHE A 168 29.27 6.60 -38.48
C PHE A 168 27.76 6.46 -38.40
N TYR A 169 27.04 7.36 -39.10
CA TYR A 169 25.58 7.38 -39.21
C TYR A 169 25.19 6.61 -40.47
N LEU A 170 24.64 5.41 -40.27
CA LEU A 170 24.28 4.54 -41.37
C LEU A 170 22.80 4.67 -41.73
N ALA A 171 22.47 5.79 -42.44
CA ALA A 171 21.13 6.07 -42.94
C ALA A 171 21.06 5.55 -44.39
N LEU A 172 21.21 4.22 -44.50
CA LEU A 172 21.26 3.49 -45.75
C LEU A 172 20.22 2.38 -45.83
N PRO A 173 19.83 1.90 -47.04
CA PRO A 173 18.82 0.81 -47.12
C PRO A 173 19.14 -0.46 -46.33
N PRO A 174 18.13 -1.27 -45.91
CA PRO A 174 18.45 -2.49 -45.16
C PRO A 174 19.12 -3.54 -46.04
N SER A 175 18.98 -3.34 -47.36
CA SER A 175 19.47 -4.13 -48.47
C SER A 175 21.01 -4.15 -48.55
N VAL A 176 21.68 -3.13 -47.99
CA VAL A 176 23.14 -2.99 -48.03
C VAL A 176 23.82 -2.90 -46.67
N PHE A 177 23.03 -2.99 -45.58
CA PHE A 177 23.46 -2.81 -44.19
C PHE A 177 24.69 -3.63 -43.79
N VAL A 178 24.56 -4.97 -43.82
CA VAL A 178 25.63 -5.88 -43.41
C VAL A 178 26.90 -5.66 -44.27
N GLY A 179 26.73 -5.31 -45.55
CA GLY A 179 27.84 -5.02 -46.44
C GLY A 179 28.71 -3.92 -45.85
N VAL A 180 28.08 -2.76 -45.58
CA VAL A 180 28.74 -1.58 -45.02
C VAL A 180 29.34 -1.86 -43.67
N CYS A 181 28.64 -2.63 -42.82
CA CYS A 181 29.13 -3.00 -41.50
C CYS A 181 30.42 -3.80 -41.58
N ARG A 182 30.46 -4.75 -42.52
CA ARG A 182 31.61 -5.59 -42.77
C ARG A 182 32.75 -4.73 -43.39
N GLY A 183 32.39 -3.81 -44.29
CA GLY A 183 33.30 -2.90 -44.98
C GLY A 183 33.98 -1.90 -44.08
N LEU A 184 33.22 -1.30 -43.14
CA LEU A 184 33.70 -0.33 -42.17
C LEU A 184 34.54 -1.02 -41.11
N SER A 185 34.07 -2.17 -40.60
CA SER A 185 34.84 -2.93 -39.62
C SER A 185 36.18 -3.40 -40.15
N LYS A 186 36.28 -3.65 -41.48
CA LYS A 186 37.52 -4.09 -42.14
C LYS A 186 38.47 -2.93 -42.21
N GLY A 187 38.24 -2.02 -43.15
CA GLY A 187 39.14 -0.90 -43.39
C GLY A 187 38.59 0.51 -43.29
N ALA A 188 38.09 0.90 -42.10
CA ALA A 188 37.60 2.26 -41.80
C ALA A 188 37.64 2.59 -40.29
N MET A 189 38.15 1.64 -39.48
CA MET A 189 38.28 1.75 -38.02
C MET A 189 39.45 2.61 -37.57
N GLN A 190 39.38 3.13 -36.33
CA GLN A 190 40.43 3.95 -35.74
C GLN A 190 41.43 3.10 -34.96
N LYS A 191 42.73 3.40 -35.12
CA LYS A 191 43.86 2.74 -34.45
C LYS A 191 43.63 2.71 -32.91
N PRO A 192 44.12 1.66 -32.20
CA PRO A 192 43.91 1.61 -30.75
C PRO A 192 44.65 2.73 -30.01
N GLU A 193 44.01 3.27 -28.95
CA GLU A 193 44.51 4.37 -28.09
C GLU A 193 44.60 5.70 -28.86
N LEU A 194 43.92 5.75 -30.01
CA LEU A 194 43.92 6.90 -30.89
C LEU A 194 42.48 7.37 -31.29
N GLY A 195 41.50 7.02 -30.45
CA GLY A 195 40.12 7.45 -30.62
C GLY A 195 39.06 6.35 -30.59
N TRP A 196 37.80 6.77 -30.47
CA TRP A 196 36.67 5.86 -30.49
C TRP A 196 35.95 5.78 -31.84
N VAL A 197 35.30 4.65 -32.10
CA VAL A 197 34.46 4.42 -33.27
C VAL A 197 33.08 4.05 -32.71
N ARG A 198 32.05 4.75 -33.20
CA ARG A 198 30.67 4.49 -32.79
C ARG A 198 29.80 4.40 -34.03
N LEU A 199 28.77 3.56 -34.00
CA LEU A 199 27.92 3.35 -35.15
C LEU A 199 26.47 3.61 -34.84
N ILE A 200 25.86 4.61 -35.49
CA ILE A 200 24.42 4.85 -35.32
C ILE A 200 23.72 4.02 -36.39
N VAL A 201 23.09 2.96 -35.95
CA VAL A 201 22.37 1.99 -36.77
C VAL A 201 20.88 2.37 -36.81
N GLU A 202 20.40 2.76 -37.99
CA GLU A 202 19.00 3.14 -38.18
C GLU A 202 18.16 1.88 -38.39
N LYS A 203 16.81 1.99 -38.26
CA LYS A 203 15.90 0.88 -38.51
C LYS A 203 15.68 0.67 -40.05
N PRO A 204 15.09 -0.46 -40.56
CA PRO A 204 14.45 -1.57 -39.88
C PRO A 204 15.42 -2.59 -39.30
N PHE A 205 14.99 -3.30 -38.24
CA PHE A 205 15.77 -4.34 -37.60
C PHE A 205 15.10 -5.70 -37.79
N GLY A 206 15.02 -6.12 -39.06
CA GLY A 206 14.40 -7.38 -39.45
C GLY A 206 12.90 -7.27 -39.53
N ARG A 207 12.24 -8.33 -40.00
CA ARG A 207 10.79 -8.31 -40.10
C ARG A 207 10.18 -8.99 -38.86
N ASP A 208 10.95 -9.90 -38.23
CA ASP A 208 10.55 -10.64 -37.05
C ASP A 208 11.77 -10.99 -36.17
N THR A 209 11.59 -11.87 -35.14
CA THR A 209 12.62 -12.23 -34.16
C THR A 209 13.76 -13.05 -34.81
N GLU A 210 13.42 -13.99 -35.75
CA GLU A 210 14.38 -14.84 -36.47
C GLU A 210 15.27 -14.00 -37.40
N THR A 211 14.64 -13.06 -38.12
CA THR A 211 15.26 -12.15 -39.07
C THR A 211 16.22 -11.24 -38.31
N SER A 212 15.74 -10.61 -37.23
CA SER A 212 16.53 -9.71 -36.39
C SER A 212 17.68 -10.42 -35.71
N GLU A 213 17.40 -11.63 -35.10
CA GLU A 213 18.37 -12.47 -34.37
C GLU A 213 19.59 -12.71 -35.21
N GLN A 214 19.40 -13.14 -36.48
CA GLN A 214 20.49 -13.44 -37.40
C GLN A 214 21.30 -12.17 -37.79
N LEU A 215 20.63 -11.04 -38.03
CA LEU A 215 21.27 -9.77 -38.30
C LEU A 215 22.16 -9.37 -37.10
N SER A 216 21.67 -9.64 -35.88
CA SER A 216 22.37 -9.31 -34.64
C SER A 216 23.55 -10.19 -34.47
N ASN A 217 23.48 -11.41 -35.03
CA ASN A 217 24.60 -12.34 -35.03
C ASN A 217 25.66 -11.84 -36.02
N GLN A 218 25.22 -11.38 -37.21
CA GLN A 218 26.02 -10.86 -38.33
C GLN A 218 26.93 -9.67 -37.95
N LEU A 219 26.55 -8.92 -36.90
CA LEU A 219 27.30 -7.76 -36.40
C LEU A 219 28.20 -8.06 -35.20
N LYS A 220 27.91 -9.16 -34.47
CA LYS A 220 28.66 -9.60 -33.29
C LYS A 220 30.21 -9.58 -33.51
N PRO A 221 30.78 -10.21 -34.59
CA PRO A 221 32.25 -10.16 -34.76
C PRO A 221 32.76 -8.80 -35.16
N LEU A 222 31.98 -8.10 -35.99
CA LEU A 222 32.18 -6.80 -36.63
C LEU A 222 32.37 -5.64 -35.66
N PHE A 223 31.57 -5.61 -34.58
CA PHE A 223 31.65 -4.56 -33.57
C PHE A 223 31.20 -5.06 -32.21
N ASN A 224 31.75 -4.45 -31.14
CA ASN A 224 31.38 -4.71 -29.75
C ASN A 224 30.09 -3.96 -29.56
N GLU A 225 29.12 -4.49 -28.77
CA GLU A 225 27.82 -3.84 -28.57
C GLU A 225 27.96 -2.37 -28.17
N ARG A 226 28.93 -2.05 -27.27
CA ARG A 226 29.30 -0.71 -26.77
C ARG A 226 29.44 0.36 -27.90
N GLN A 227 30.01 -0.05 -29.05
CA GLN A 227 30.20 0.78 -30.25
C GLN A 227 28.89 0.97 -31.01
N VAL A 228 27.96 -0.01 -30.92
CA VAL A 228 26.68 0.03 -31.63
C VAL A 228 25.67 0.93 -30.90
N PHE A 229 25.00 1.78 -31.68
CA PHE A 229 23.99 2.72 -31.22
C PHE A 229 22.76 2.55 -32.13
N ARG A 230 21.96 1.45 -31.92
CA ARG A 230 20.72 1.09 -32.64
C ARG A 230 19.66 2.15 -32.25
N ILE A 231 19.35 3.06 -33.19
CA ILE A 231 18.50 4.25 -32.95
C ILE A 231 16.98 4.01 -33.10
N ASP A 232 16.27 4.39 -32.04
CA ASP A 232 14.83 4.50 -31.98
C ASP A 232 14.62 5.99 -31.68
N HIS A 233 13.91 6.74 -32.55
CA HIS A 233 13.85 8.18 -32.31
C HIS A 233 12.87 8.60 -31.22
N TYR A 234 11.88 7.77 -30.91
CA TYR A 234 10.95 8.11 -29.82
C TYR A 234 11.68 8.31 -28.46
N LEU A 235 12.91 7.76 -28.31
CA LEU A 235 13.74 7.94 -27.11
C LEU A 235 14.47 9.30 -27.10
N GLY A 236 14.11 10.17 -28.02
CA GLY A 236 14.65 11.52 -28.12
C GLY A 236 13.58 12.58 -27.96
N LYS A 237 12.30 12.16 -27.86
CA LYS A 237 11.19 13.09 -27.69
C LYS A 237 11.16 13.59 -26.25
N GLU A 238 10.95 14.91 -26.05
CA GLU A 238 10.94 15.56 -24.72
C GLU A 238 10.09 14.81 -23.68
N MET A 239 8.79 14.50 -23.99
CA MET A 239 7.90 13.80 -23.04
C MET A 239 8.29 12.35 -22.76
N VAL A 240 8.87 11.66 -23.78
CA VAL A 240 9.32 10.28 -23.68
C VAL A 240 10.51 10.19 -22.73
N GLN A 241 11.36 11.22 -22.74
CA GLN A 241 12.51 11.29 -21.82
C GLN A 241 12.09 11.49 -20.34
N ASN A 242 11.06 12.34 -20.10
CA ASN A 242 10.55 12.60 -18.76
C ASN A 242 9.83 11.39 -18.13
N ILE A 243 9.59 10.29 -18.90
CA ILE A 243 8.90 9.11 -18.35
C ILE A 243 9.64 8.58 -17.10
N ILE A 244 10.98 8.50 -17.17
CA ILE A 244 11.85 8.01 -16.07
C ILE A 244 11.90 8.97 -14.84
N VAL A 245 11.86 10.29 -15.10
CA VAL A 245 11.90 11.31 -14.05
C VAL A 245 10.55 11.44 -13.36
N THR A 246 9.46 11.56 -14.15
CA THR A 246 8.13 11.74 -13.58
C THR A 246 7.75 10.50 -12.74
N ARG A 247 8.30 9.33 -13.15
CA ARG A 247 8.05 8.06 -12.54
C ARG A 247 8.90 7.69 -11.35
N PHE A 248 10.19 8.21 -11.19
CA PHE A 248 11.11 7.82 -10.09
C PHE A 248 11.75 9.02 -9.30
N ALA A 249 11.25 10.24 -9.55
CA ALA A 249 11.70 11.43 -8.81
C ALA A 249 10.57 11.88 -7.86
N ASN A 250 9.32 11.52 -8.23
CA ASN A 250 8.08 11.86 -7.54
C ASN A 250 7.42 10.70 -6.81
N ARG A 251 7.26 10.88 -5.47
CA ARG A 251 6.63 9.93 -4.56
C ARG A 251 5.16 9.77 -4.91
N VAL A 252 4.51 10.87 -5.39
CA VAL A 252 3.10 10.98 -5.82
C VAL A 252 2.78 9.94 -6.87
N PHE A 253 3.64 9.83 -7.92
CA PHE A 253 3.43 8.86 -9.00
C PHE A 253 4.02 7.52 -8.68
N SER A 254 5.13 7.50 -7.91
CA SER A 254 5.80 6.26 -7.53
C SER A 254 4.88 5.34 -6.70
N ALA A 255 4.15 5.93 -5.73
CA ALA A 255 3.28 5.17 -4.87
C ALA A 255 2.03 4.62 -5.59
N LEU A 256 1.68 5.25 -6.72
CA LEU A 256 0.50 4.90 -7.51
C LEU A 256 0.81 3.96 -8.68
N TRP A 257 2.10 3.83 -9.07
CA TRP A 257 2.51 3.02 -10.23
C TRP A 257 2.56 1.50 -9.95
N ASN A 258 1.39 0.88 -9.74
CA ASN A 258 1.18 -0.54 -9.46
C ASN A 258 -0.29 -0.94 -9.71
N SER A 259 -0.58 -2.26 -9.75
CA SER A 259 -1.92 -2.85 -10.00
C SER A 259 -3.03 -2.38 -9.03
N ASN A 260 -2.67 -2.04 -7.79
CA ASN A 260 -3.60 -1.59 -6.75
C ASN A 260 -4.29 -0.24 -7.03
N SER A 261 -3.57 0.69 -7.70
CA SER A 261 -4.04 2.04 -8.02
C SER A 261 -4.42 2.21 -9.51
N ILE A 262 -3.68 1.57 -10.46
CA ILE A 262 -3.90 1.66 -11.91
C ILE A 262 -4.87 0.59 -12.42
N ALA A 263 -5.95 1.05 -13.06
CA ALA A 263 -6.98 0.21 -13.67
C ALA A 263 -6.71 -0.10 -15.18
N CYS A 264 -5.97 0.76 -15.92
CA CYS A 264 -5.72 0.57 -17.34
C CYS A 264 -4.61 1.49 -17.86
N VAL A 265 -3.81 1.05 -18.85
CA VAL A 265 -2.79 1.93 -19.46
C VAL A 265 -2.94 1.97 -20.98
N GLN A 266 -3.08 3.17 -21.56
CA GLN A 266 -3.26 3.34 -23.01
C GLN A 266 -2.19 4.19 -23.72
N ILE A 267 -1.46 3.55 -24.66
CA ILE A 267 -0.44 4.19 -25.51
C ILE A 267 -1.07 4.40 -26.88
N THR A 268 -1.15 5.69 -27.34
CA THR A 268 -1.80 6.07 -28.60
C THR A 268 -0.89 6.79 -29.61
N PHE A 269 -0.88 6.25 -30.83
CA PHE A 269 -0.24 6.81 -32.02
C PHE A 269 -1.37 7.07 -33.01
N LYS A 270 -1.43 8.32 -33.50
CA LYS A 270 -2.43 8.80 -34.48
C LYS A 270 -1.72 9.69 -35.50
N GLU A 271 -2.09 9.53 -36.75
CA GLU A 271 -1.48 10.28 -37.84
C GLU A 271 -2.56 10.68 -38.81
N LYS A 272 -2.67 11.99 -39.11
CA LYS A 272 -3.69 12.48 -40.05
C LYS A 272 -3.35 12.02 -41.47
N ILE A 273 -2.04 11.91 -41.79
CA ILE A 273 -1.55 11.50 -43.11
C ILE A 273 -1.55 9.98 -43.29
N GLY A 274 -1.72 9.57 -44.54
CA GLY A 274 -1.69 8.19 -44.96
C GLY A 274 -0.30 7.89 -45.48
N THR A 275 -0.16 6.81 -46.26
CA THR A 275 1.12 6.43 -46.86
C THR A 275 1.32 7.40 -48.05
N GLU A 276 0.18 7.69 -48.74
CA GLU A 276 -0.08 8.56 -49.91
C GLU A 276 0.93 8.38 -51.05
N GLY A 277 2.18 8.75 -50.81
CA GLY A 277 3.25 8.61 -51.79
C GLY A 277 3.94 7.27 -51.72
N ARG A 278 4.63 7.01 -50.60
CA ARG A 278 5.39 5.78 -50.37
C ARG A 278 4.54 4.69 -49.66
N GLY A 279 3.58 4.15 -50.42
CA GLY A 279 2.73 3.04 -50.02
C GLY A 279 3.38 1.72 -50.36
N GLY A 280 4.16 1.74 -51.45
CA GLY A 280 4.96 0.62 -51.95
C GLY A 280 5.91 0.11 -50.89
N TYR A 281 6.56 1.05 -50.17
N TYR A 281 6.58 1.03 -50.14
CA TYR A 281 7.51 0.79 -49.10
CA TYR A 281 7.48 0.60 -49.08
C TYR A 281 6.79 0.13 -47.91
C TYR A 281 6.71 0.02 -47.92
N PHE A 282 5.74 0.80 -47.38
CA PHE A 282 4.92 0.43 -46.21
C PHE A 282 4.29 -0.95 -46.26
N ASP A 283 3.83 -1.40 -47.45
CA ASP A 283 3.16 -2.68 -47.69
C ASP A 283 3.88 -3.87 -47.05
N SER A 284 5.21 -3.89 -47.16
CA SER A 284 6.09 -4.93 -46.62
C SER A 284 6.34 -4.79 -45.11
N ILE A 285 6.05 -3.60 -44.54
CA ILE A 285 6.29 -3.32 -43.12
C ILE A 285 5.01 -3.46 -42.28
N GLY A 286 4.00 -2.60 -42.53
CA GLY A 286 2.74 -2.63 -41.76
C GLY A 286 2.84 -1.85 -40.46
N ILE A 287 1.67 -1.43 -39.92
CA ILE A 287 1.59 -0.57 -38.71
C ILE A 287 2.27 -1.15 -37.44
N ILE A 288 2.18 -2.48 -37.21
CA ILE A 288 2.79 -3.13 -36.04
C ILE A 288 4.32 -3.06 -36.11
N ARG A 289 4.92 -3.48 -37.25
CA ARG A 289 6.38 -3.47 -37.45
C ARG A 289 6.96 -2.05 -37.49
N ASP A 290 6.20 -1.08 -38.08
CA ASP A 290 6.61 0.30 -38.30
C ASP A 290 6.61 1.23 -37.09
N VAL A 291 5.67 1.02 -36.16
CA VAL A 291 5.52 1.90 -35.01
C VAL A 291 5.37 1.14 -33.69
N ILE A 292 4.47 0.12 -33.63
CA ILE A 292 4.17 -0.63 -32.40
C ILE A 292 5.38 -1.39 -31.87
N GLN A 293 6.03 -2.24 -32.67
CA GLN A 293 7.20 -3.05 -32.30
C GLN A 293 8.39 -2.22 -31.79
N ASN A 294 8.69 -1.06 -32.45
CA ASN A 294 9.83 -0.20 -32.11
C ASN A 294 9.44 0.94 -31.17
N HIS A 295 8.80 2.00 -31.68
CA HIS A 295 8.42 3.21 -30.92
C HIS A 295 7.53 3.02 -29.71
N LEU A 296 6.40 2.34 -29.87
CA LEU A 296 5.46 2.23 -28.76
C LEU A 296 5.84 1.15 -27.74
N THR A 297 6.64 0.12 -28.14
CA THR A 297 7.09 -0.89 -27.16
C THR A 297 8.11 -0.22 -26.25
N GLN A 298 8.85 0.80 -26.78
CA GLN A 298 9.77 1.62 -26.00
C GLN A 298 8.98 2.45 -24.97
N ILE A 299 7.94 3.21 -25.42
CA ILE A 299 7.05 3.92 -24.51
C ILE A 299 6.71 2.97 -23.37
N LEU A 300 6.26 1.76 -23.74
CA LEU A 300 5.81 0.67 -22.87
C LEU A 300 6.87 0.19 -21.88
N SER A 301 8.14 0.07 -22.31
CA SER A 301 9.23 -0.40 -21.45
C SER A 301 9.52 0.56 -20.30
N LEU A 302 9.60 1.89 -20.58
CA LEU A 302 9.84 2.92 -19.54
C LEU A 302 8.64 3.06 -18.57
N LEU A 303 7.40 2.84 -19.10
CA LEU A 303 6.16 2.95 -18.33
C LEU A 303 6.02 1.86 -17.28
N THR A 304 6.53 0.64 -17.61
CA THR A 304 6.35 -0.60 -16.85
C THR A 304 7.55 -1.06 -16.03
N MET A 305 8.75 -0.66 -16.43
CA MET A 305 9.99 -1.06 -15.76
C MET A 305 10.04 -0.71 -14.26
N GLU A 306 10.85 -1.47 -13.50
CA GLU A 306 11.04 -1.22 -12.07
C GLU A 306 12.10 -0.15 -11.91
N LYS A 307 12.17 0.47 -10.72
CA LYS A 307 13.16 1.52 -10.44
C LYS A 307 14.59 1.03 -10.71
N PRO A 308 15.33 1.70 -11.63
CA PRO A 308 16.70 1.27 -11.94
C PRO A 308 17.67 1.29 -10.74
N ARG A 309 18.65 0.31 -10.73
CA ARG A 309 19.63 0.16 -9.63
C ARG A 309 20.38 1.46 -9.40
N SER A 310 20.83 2.06 -10.49
CA SER A 310 21.52 3.35 -10.58
C SER A 310 20.91 4.11 -11.74
N LEU A 311 21.35 5.36 -12.01
CA LEU A 311 20.89 6.09 -13.20
C LEU A 311 21.86 5.83 -14.39
N SER A 312 22.76 4.83 -14.24
CA SER A 312 23.72 4.41 -15.25
C SER A 312 22.97 3.98 -16.54
N ALA A 313 23.66 4.00 -17.69
CA ALA A 313 23.08 3.61 -18.96
C ALA A 313 22.59 2.17 -18.94
N GLU A 314 23.46 1.21 -18.57
CA GLU A 314 23.09 -0.20 -18.54
C GLU A 314 22.16 -0.51 -17.40
N ASP A 315 22.26 0.19 -16.25
CA ASP A 315 21.35 0.01 -15.12
C ASP A 315 19.91 0.29 -15.50
N ILE A 316 19.71 1.34 -16.34
CA ILE A 316 18.41 1.74 -16.88
C ILE A 316 17.97 0.73 -17.94
N ARG A 317 18.91 0.37 -18.85
CA ARG A 317 18.67 -0.53 -19.98
C ARG A 317 18.28 -1.95 -19.51
N ASP A 318 18.86 -2.39 -18.38
CA ASP A 318 18.64 -3.70 -17.76
C ASP A 318 17.21 -3.90 -17.33
N GLU A 319 16.60 -2.83 -16.81
CA GLU A 319 15.22 -2.87 -16.32
C GLU A 319 14.27 -2.85 -17.50
N LYS A 320 14.65 -2.15 -18.58
CA LYS A 320 13.89 -2.08 -19.83
C LYS A 320 13.75 -3.49 -20.41
N VAL A 321 14.87 -4.22 -20.56
CA VAL A 321 14.83 -5.56 -21.11
C VAL A 321 14.08 -6.52 -20.17
N GLN A 322 14.37 -6.43 -18.87
CA GLN A 322 13.74 -7.22 -17.79
C GLN A 322 12.19 -7.24 -17.85
N VAL A 323 11.58 -6.06 -18.11
CA VAL A 323 10.14 -5.93 -18.19
C VAL A 323 9.59 -6.45 -19.55
N LEU A 324 10.29 -6.22 -20.68
CA LEU A 324 9.82 -6.75 -21.96
C LEU A 324 9.93 -8.29 -22.01
N ARG A 325 10.78 -8.81 -21.13
CA ARG A 325 10.98 -10.25 -20.99
C ARG A 325 9.77 -10.86 -20.23
N GLN A 326 8.96 -10.01 -19.62
CA GLN A 326 7.79 -10.47 -18.88
C GLN A 326 6.50 -10.17 -19.59
N VAL A 327 6.57 -9.43 -20.73
CA VAL A 327 5.41 -9.11 -21.56
C VAL A 327 5.01 -10.41 -22.24
N VAL A 328 3.70 -10.76 -22.13
CA VAL A 328 3.17 -11.94 -22.78
C VAL A 328 3.04 -11.60 -24.27
N PRO A 329 3.40 -12.55 -25.19
CA PRO A 329 3.33 -12.23 -26.63
C PRO A 329 1.90 -11.95 -27.07
N ALA A 330 1.74 -10.94 -27.92
CA ALA A 330 0.43 -10.55 -28.42
C ALA A 330 -0.29 -11.72 -29.13
N ASN A 331 -1.49 -11.99 -28.65
CA ASN A 331 -2.37 -13.03 -29.17
C ASN A 331 -3.29 -12.39 -30.22
N PRO A 332 -3.48 -13.07 -31.36
CA PRO A 332 -4.34 -12.54 -32.43
C PRO A 332 -5.79 -12.21 -32.06
N ALA A 333 -6.42 -13.00 -31.17
CA ALA A 333 -7.81 -12.78 -30.74
C ALA A 333 -7.98 -11.47 -29.93
N GLU A 334 -6.88 -10.98 -29.30
CA GLU A 334 -6.84 -9.75 -28.51
C GLU A 334 -6.22 -8.60 -29.30
N CYS A 335 -6.79 -8.30 -30.49
CA CYS A 335 -6.36 -7.20 -31.38
C CYS A 335 -7.38 -6.89 -32.49
N VAL A 336 -7.34 -5.64 -33.01
CA VAL A 336 -8.19 -5.15 -34.12
C VAL A 336 -7.30 -4.52 -35.23
N LEU A 337 -7.50 -4.90 -36.50
CA LEU A 337 -6.70 -4.36 -37.60
C LEU A 337 -7.52 -3.61 -38.63
N GLY A 338 -6.95 -2.56 -39.18
CA GLY A 338 -7.58 -1.73 -40.19
C GLY A 338 -6.71 -1.46 -41.38
N GLN A 339 -7.33 -0.99 -42.48
CA GLN A 339 -6.71 -0.58 -43.74
C GLN A 339 -7.59 0.54 -44.31
N TYR A 340 -7.03 1.74 -44.50
CA TYR A 340 -7.82 2.89 -44.92
C TYR A 340 -8.29 2.88 -46.38
N THR A 341 -9.55 3.34 -46.56
CA THR A 341 -10.30 3.51 -47.81
C THR A 341 -10.45 5.04 -47.99
N ALA A 342 -10.78 5.53 -49.21
CA ALA A 342 -10.90 6.95 -49.53
C ALA A 342 -11.81 7.72 -48.59
N SER A 343 -11.44 8.98 -48.31
CA SER A 343 -12.16 9.89 -47.43
C SER A 343 -13.45 10.37 -48.10
N ALA A 344 -14.44 10.80 -47.26
CA ALA A 344 -15.73 11.31 -47.72
C ALA A 344 -15.58 12.46 -48.73
N ASP A 345 -14.63 13.38 -48.48
CA ASP A 345 -14.27 14.53 -49.32
C ASP A 345 -13.54 14.12 -50.61
N GLY A 346 -12.86 12.96 -50.57
CA GLY A 346 -12.09 12.41 -51.68
C GLY A 346 -10.66 12.93 -51.78
N SER A 347 -10.32 13.95 -50.95
CA SER A 347 -8.98 14.57 -50.87
C SER A 347 -7.88 13.56 -50.46
N THR A 348 -8.20 12.61 -49.58
CA THR A 348 -7.28 11.55 -49.19
C THR A 348 -7.74 10.31 -49.97
N PRO A 349 -6.85 9.63 -50.75
CA PRO A 349 -7.30 8.45 -51.50
C PRO A 349 -7.24 7.19 -50.64
N GLY A 350 -7.73 6.08 -51.19
CA GLY A 350 -7.70 4.78 -50.52
C GLY A 350 -6.28 4.24 -50.48
N TYR A 351 -5.97 3.38 -49.49
CA TYR A 351 -4.64 2.80 -49.36
C TYR A 351 -4.23 2.03 -50.61
N LEU A 352 -5.14 1.17 -51.09
CA LEU A 352 -4.94 0.33 -52.28
C LEU A 352 -4.96 1.15 -53.56
N ASP A 353 -5.62 2.32 -53.55
CA ASP A 353 -5.72 3.26 -54.67
C ASP A 353 -4.38 3.97 -54.97
N ASP A 354 -3.28 3.32 -54.62
CA ASP A 354 -1.92 3.77 -54.79
C ASP A 354 -1.30 2.83 -55.82
N PRO A 355 -0.65 3.35 -56.90
CA PRO A 355 -0.04 2.44 -57.90
C PRO A 355 1.07 1.58 -57.32
N SER A 356 1.84 2.12 -56.33
CA SER A 356 2.93 1.44 -55.64
C SER A 356 2.43 0.31 -54.72
N VAL A 357 1.19 0.45 -54.21
CA VAL A 357 0.56 -0.57 -53.35
C VAL A 357 0.13 -1.80 -54.19
N PRO A 358 0.70 -3.00 -53.88
CA PRO A 358 0.31 -4.22 -54.62
C PRO A 358 -1.20 -4.49 -54.64
N LYS A 359 -1.70 -4.96 -55.81
CA LYS A 359 -3.10 -5.28 -56.03
C LYS A 359 -3.59 -6.36 -55.06
N GLY A 360 -4.72 -6.09 -54.41
CA GLY A 360 -5.34 -6.99 -53.44
C GLY A 360 -4.58 -7.21 -52.14
N SER A 361 -3.84 -6.18 -51.68
CA SER A 361 -3.07 -6.23 -50.44
C SER A 361 -3.99 -6.24 -49.21
N HIS A 362 -3.48 -6.78 -48.10
CA HIS A 362 -4.19 -6.84 -46.82
C HIS A 362 -3.35 -6.26 -45.68
N CYS A 363 -2.43 -5.33 -46.04
CA CYS A 363 -1.52 -4.69 -45.10
C CYS A 363 -2.24 -3.78 -44.07
N PRO A 364 -2.12 -4.04 -42.75
CA PRO A 364 -2.79 -3.17 -41.78
C PRO A 364 -2.11 -1.81 -41.63
N THR A 365 -2.92 -0.74 -41.78
CA THR A 365 -2.49 0.66 -41.66
C THR A 365 -2.89 1.14 -40.26
N PHE A 366 -3.66 0.30 -39.55
CA PHE A 366 -4.17 0.55 -38.20
C PHE A 366 -4.20 -0.74 -37.37
N ALA A 367 -3.85 -0.61 -36.08
CA ALA A 367 -3.88 -1.71 -35.12
C ALA A 367 -4.12 -1.22 -33.69
N VAL A 368 -4.97 -1.95 -32.94
CA VAL A 368 -5.23 -1.79 -31.51
C VAL A 368 -5.02 -3.14 -30.87
N LEU A 369 -4.13 -3.18 -29.87
CA LEU A 369 -3.71 -4.39 -29.16
C LEU A 369 -3.94 -4.28 -27.66
N ARG A 370 -4.18 -5.41 -27.00
CA ARG A 370 -4.32 -5.52 -25.56
C ARG A 370 -3.15 -6.42 -25.15
N LEU A 371 -2.13 -5.83 -24.50
CA LEU A 371 -0.95 -6.55 -24.02
C LEU A 371 -1.02 -6.79 -22.51
N HIS A 372 -0.34 -7.86 -22.03
CA HIS A 372 -0.31 -8.16 -20.60
C HIS A 372 1.11 -8.31 -20.06
N VAL A 373 1.46 -7.52 -19.02
CA VAL A 373 2.77 -7.64 -18.38
C VAL A 373 2.60 -8.62 -17.20
N ASN A 374 3.32 -9.73 -17.26
CA ASN A 374 3.20 -10.81 -16.29
C ASN A 374 4.19 -10.70 -15.11
N ASN A 375 3.94 -9.75 -14.21
CA ASN A 375 4.71 -9.56 -13.00
C ASN A 375 3.78 -9.04 -11.93
N ASP A 376 4.21 -9.10 -10.67
CA ASP A 376 3.46 -8.67 -9.50
C ASP A 376 3.05 -7.16 -9.53
N ARG A 377 3.70 -6.34 -10.40
CA ARG A 377 3.32 -4.93 -10.50
C ARG A 377 2.19 -4.76 -11.47
N TRP A 378 2.26 -5.38 -12.64
CA TRP A 378 1.30 -5.20 -13.72
C TRP A 378 0.31 -6.34 -13.91
N HIS A 379 0.18 -7.19 -12.89
CA HIS A 379 -0.74 -8.29 -12.95
C HIS A 379 -2.19 -7.79 -12.99
N GLY A 380 -2.87 -8.11 -14.09
CA GLY A 380 -4.26 -7.70 -14.28
C GLY A 380 -4.41 -6.44 -15.08
N VAL A 381 -3.47 -5.46 -14.91
CA VAL A 381 -3.51 -4.19 -15.63
C VAL A 381 -3.48 -4.38 -17.16
N PRO A 382 -4.58 -3.96 -17.87
CA PRO A 382 -4.58 -4.02 -19.35
C PRO A 382 -3.71 -2.93 -19.97
N PHE A 383 -2.98 -3.29 -21.03
CA PHE A 383 -2.12 -2.35 -21.74
C PHE A 383 -2.64 -2.21 -23.15
N ILE A 384 -3.38 -1.13 -23.42
CA ILE A 384 -3.98 -0.92 -24.73
C ILE A 384 -3.09 -0.09 -25.62
N ILE A 385 -2.50 -0.73 -26.64
CA ILE A 385 -1.61 -0.02 -27.57
C ILE A 385 -2.37 0.23 -28.90
N ARG A 386 -2.46 1.51 -29.30
CA ARG A 386 -3.16 2.00 -30.49
C ARG A 386 -2.23 2.67 -31.48
N ALA A 387 -2.40 2.39 -32.76
CA ALA A 387 -1.57 2.98 -33.80
C ALA A 387 -2.24 2.91 -35.15
N GLY A 388 -2.29 4.05 -35.84
CA GLY A 388 -2.91 4.15 -37.15
C GLY A 388 -2.58 5.39 -37.96
N LYS A 389 -2.51 5.19 -39.29
CA LYS A 389 -2.28 6.23 -40.29
C LYS A 389 -3.61 6.60 -40.94
N ALA A 390 -3.73 7.82 -41.52
CA ALA A 390 -4.94 8.36 -42.15
C ALA A 390 -6.13 8.38 -41.17
N LEU A 391 -5.89 8.88 -39.96
CA LEU A 391 -6.89 9.00 -38.91
C LEU A 391 -7.37 10.45 -38.75
N GLU A 392 -8.26 10.68 -37.76
CA GLU A 392 -8.90 11.96 -37.45
C GLU A 392 -7.94 13.08 -36.97
N GLU A 393 -6.82 12.74 -36.31
CA GLU A 393 -5.90 13.74 -35.77
C GLU A 393 -4.47 13.24 -35.66
N ARG A 394 -3.51 14.17 -35.50
CA ARG A 394 -2.11 13.80 -35.24
C ARG A 394 -2.01 13.69 -33.71
N LEU A 395 -1.54 12.54 -33.16
CA LEU A 395 -1.46 12.38 -31.69
C LEU A 395 -0.49 11.33 -31.18
N LEU A 396 0.27 11.72 -30.14
CA LEU A 396 1.10 10.83 -29.35
C LEU A 396 0.85 11.13 -27.87
N ASP A 397 0.17 10.19 -27.18
CA ASP A 397 -0.11 10.37 -25.77
C ASP A 397 -0.14 9.03 -25.06
N ILE A 398 0.16 9.12 -23.76
CA ILE A 398 0.20 8.02 -22.78
C ILE A 398 -0.92 8.35 -21.79
N ARG A 399 -1.75 7.34 -21.46
CA ARG A 399 -2.88 7.50 -20.56
C ARG A 399 -2.85 6.46 -19.44
N ILE A 400 -2.53 6.90 -18.20
CA ILE A 400 -2.46 6.05 -17.01
C ILE A 400 -3.74 6.24 -16.22
N GLN A 401 -4.77 5.44 -16.57
CA GLN A 401 -6.12 5.46 -15.96
C GLN A 401 -6.21 4.68 -14.63
N PHE A 402 -6.33 5.43 -13.49
CA PHE A 402 -6.41 4.93 -12.13
C PHE A 402 -7.75 4.28 -11.83
N LYS A 403 -7.85 3.44 -10.76
CA LYS A 403 -9.10 2.76 -10.38
C LYS A 403 -10.23 3.71 -10.03
N ASP A 404 -11.49 3.30 -10.31
N ASP A 404 -11.46 3.22 -10.24
CA ASP A 404 -12.66 4.13 -10.00
CA ASP A 404 -12.76 3.85 -9.99
C ASP A 404 -12.91 4.06 -8.49
C ASP A 404 -13.00 3.98 -8.44
N GLU A 405 -13.08 5.23 -7.88
CA GLU A 405 -13.31 5.40 -6.43
C GLU A 405 -14.83 5.41 -6.17
N ILE A 406 -15.36 4.20 -5.90
CA ILE A 406 -16.74 3.78 -5.72
C ILE A 406 -17.53 4.64 -4.71
N ARG A 407 -17.03 4.72 -3.47
CA ARG A 407 -17.68 5.45 -2.39
C ARG A 407 -16.77 6.61 -1.91
N PRO A 408 -17.30 7.73 -1.38
CA PRO A 408 -18.70 8.06 -1.12
C PRO A 408 -19.41 8.77 -2.27
N PHE A 409 -18.70 9.01 -3.38
CA PHE A 409 -19.16 9.83 -4.50
C PHE A 409 -19.92 9.11 -5.60
N GLY A 410 -19.79 7.79 -5.69
CA GLY A 410 -20.51 6.98 -6.69
C GLY A 410 -20.42 7.51 -8.11
N GLU A 411 -21.58 7.73 -8.76
CA GLU A 411 -21.66 8.23 -10.13
C GLU A 411 -21.21 9.69 -10.31
N SER A 412 -21.17 10.46 -9.19
CA SER A 412 -20.71 11.84 -9.17
C SER A 412 -19.22 11.94 -9.48
N THR A 413 -18.53 10.81 -9.61
CA THR A 413 -17.11 10.79 -9.91
C THR A 413 -16.84 9.78 -11.04
N GLN A 414 -15.59 9.72 -11.51
CA GLN A 414 -15.10 8.86 -12.60
C GLN A 414 -13.57 8.73 -12.51
N ARG A 415 -13.02 7.57 -12.96
CA ARG A 415 -11.58 7.24 -12.95
C ARG A 415 -10.68 8.43 -13.20
N ASN A 416 -9.66 8.61 -12.38
CA ASN A 416 -8.69 9.68 -12.60
C ASN A 416 -7.71 9.12 -13.62
N GLU A 417 -7.08 9.98 -14.39
CA GLU A 417 -6.06 9.48 -15.30
C GLU A 417 -4.99 10.50 -15.43
N LEU A 418 -3.76 10.03 -15.47
CA LEU A 418 -2.62 10.87 -15.73
C LEU A 418 -2.33 10.78 -17.23
N VAL A 419 -2.41 11.93 -17.90
CA VAL A 419 -2.21 12.00 -19.35
C VAL A 419 -0.90 12.74 -19.69
N ILE A 420 -0.01 12.06 -20.43
CA ILE A 420 1.26 12.64 -20.91
C ILE A 420 1.18 12.67 -22.44
N ARG A 421 1.03 13.87 -23.04
CA ARG A 421 0.95 14.03 -24.48
C ARG A 421 2.29 14.50 -24.99
N ALA A 422 2.97 13.62 -25.77
CA ALA A 422 4.32 13.82 -26.30
C ALA A 422 4.37 14.68 -27.59
N GLN A 423 3.18 14.87 -28.23
CA GLN A 423 2.86 15.66 -29.44
C GLN A 423 1.34 15.58 -29.70
N PRO A 424 0.67 16.62 -30.24
CA PRO A 424 1.16 17.92 -30.75
C PRO A 424 1.69 18.83 -29.65
N SER A 425 0.84 19.41 -28.79
CA SER A 425 1.38 20.29 -27.74
C SER A 425 1.90 19.50 -26.60
N GLU A 426 3.22 19.60 -26.36
CA GLU A 426 3.82 18.86 -25.26
C GLU A 426 3.23 19.32 -23.94
N ALA A 427 2.54 18.38 -23.29
CA ALA A 427 1.85 18.65 -22.06
C ALA A 427 1.70 17.39 -21.21
N MET A 428 1.51 17.63 -19.90
CA MET A 428 1.28 16.62 -18.89
C MET A 428 0.15 17.18 -18.04
N TYR A 429 -0.92 16.39 -17.87
CA TYR A 429 -2.09 16.78 -17.10
C TYR A 429 -2.76 15.60 -16.40
N LEU A 430 -3.11 15.80 -15.15
CA LEU A 430 -3.76 14.81 -14.33
C LEU A 430 -5.23 15.18 -14.25
N LYS A 431 -6.10 14.32 -14.80
CA LYS A 431 -7.54 14.55 -14.77
C LYS A 431 -8.12 14.11 -13.40
N LEU A 432 -8.79 15.05 -12.65
CA LEU A 432 -9.42 14.83 -11.34
C LEU A 432 -10.92 15.09 -11.36
N THR A 433 -11.57 14.89 -10.20
CA THR A 433 -12.97 15.24 -9.94
C THR A 433 -13.01 16.26 -8.78
N ALA A 434 -13.64 17.41 -9.06
CA ALA A 434 -13.73 18.52 -8.13
C ALA A 434 -15.13 19.10 -8.08
N LYS A 435 -15.45 19.80 -6.98
CA LYS A 435 -16.73 20.45 -6.75
C LYS A 435 -16.91 21.52 -7.79
N THR A 436 -18.13 21.59 -8.40
CA THR A 436 -18.51 22.62 -9.41
C THR A 436 -18.26 23.98 -8.74
N PRO A 437 -17.30 24.81 -9.23
CA PRO A 437 -17.02 26.09 -8.57
C PRO A 437 -18.21 27.04 -8.55
N GLY A 438 -18.52 27.55 -7.35
CA GLY A 438 -19.63 28.47 -7.17
C GLY A 438 -20.53 28.12 -6.02
N LEU A 439 -21.74 28.67 -6.06
CA LEU A 439 -22.80 28.52 -5.07
C LEU A 439 -23.65 27.23 -5.36
N LEU A 440 -22.97 26.07 -5.47
CA LEU A 440 -23.64 24.80 -5.77
C LEU A 440 -22.86 23.58 -5.24
N ASN A 441 -23.57 22.50 -4.90
CA ASN A 441 -23.05 21.25 -4.32
C ASN A 441 -23.17 20.14 -5.38
N ASP A 442 -22.32 20.20 -6.40
CA ASP A 442 -22.28 19.27 -7.52
C ASP A 442 -20.80 19.01 -7.89
N THR A 443 -20.51 18.03 -8.76
CA THR A 443 -19.14 17.69 -9.18
C THR A 443 -18.92 17.98 -10.67
N HIS A 444 -17.66 18.01 -11.10
CA HIS A 444 -17.28 18.24 -12.49
C HIS A 444 -15.87 17.69 -12.71
N GLN A 445 -15.59 17.13 -13.90
CA GLN A 445 -14.23 16.65 -14.10
C GLN A 445 -13.34 17.82 -14.52
N THR A 446 -12.11 17.85 -14.02
CA THR A 446 -11.17 18.94 -14.28
C THR A 446 -9.76 18.39 -14.45
N GLU A 447 -8.81 19.30 -14.73
CA GLU A 447 -7.41 19.00 -15.01
C GLU A 447 -6.43 19.81 -14.14
N LEU A 448 -5.26 19.20 -13.84
CA LEU A 448 -4.17 19.87 -13.14
C LEU A 448 -3.10 19.89 -14.22
N ASP A 449 -3.21 20.85 -15.15
CA ASP A 449 -2.39 20.85 -16.36
C ASP A 449 -1.03 21.55 -16.24
N LEU A 450 -0.08 21.10 -17.10
CA LEU A 450 1.27 21.65 -17.29
C LEU A 450 1.51 21.71 -18.79
N THR A 451 1.26 22.87 -19.42
CA THR A 451 1.45 22.99 -20.87
C THR A 451 2.79 23.62 -21.14
N TYR A 452 3.72 22.83 -21.71
CA TYR A 452 5.10 23.20 -22.01
C TYR A 452 5.22 24.47 -22.83
N GLU A 453 4.42 24.59 -23.91
CA GLU A 453 4.45 25.78 -24.76
C GLU A 453 4.04 27.03 -23.99
N ARG A 454 3.07 26.92 -23.05
CA ARG A 454 2.59 28.01 -22.21
C ARG A 454 3.58 28.38 -21.08
N ARG A 455 4.18 27.37 -20.40
CA ARG A 455 5.05 27.58 -19.23
C ARG A 455 6.54 27.80 -19.51
N TYR A 456 7.10 27.31 -20.63
CA TYR A 456 8.52 27.47 -20.92
C TYR A 456 8.80 28.21 -22.21
N ASP A 457 9.77 29.15 -22.16
CA ASP A 457 10.20 29.96 -23.31
C ASP A 457 11.35 29.28 -24.09
N VAL A 458 11.54 27.97 -23.87
CA VAL A 458 12.58 27.16 -24.51
C VAL A 458 12.06 26.47 -25.80
N THR A 459 12.81 26.61 -26.90
CA THR A 459 12.51 26.03 -28.21
C THR A 459 13.08 24.62 -28.25
N LEU A 460 12.30 23.64 -27.74
CA LEU A 460 12.64 22.20 -27.58
C LEU A 460 13.26 21.52 -28.83
N PRO A 461 14.32 20.68 -28.65
CA PRO A 461 14.98 20.09 -29.84
C PRO A 461 14.23 18.94 -30.51
N ASP A 462 14.60 18.66 -31.77
CA ASP A 462 14.10 17.55 -32.59
C ASP A 462 14.74 16.30 -31.99
N ALA A 463 13.98 15.19 -31.91
CA ALA A 463 14.43 13.92 -31.33
C ALA A 463 15.87 13.54 -31.69
N TYR A 464 16.25 13.77 -32.97
CA TYR A 464 17.55 13.46 -33.52
C TYR A 464 18.70 14.33 -33.02
N GLU A 465 18.43 15.54 -32.52
CA GLU A 465 19.49 16.40 -31.99
C GLU A 465 20.03 15.78 -30.72
N SER A 466 19.11 15.38 -29.81
CA SER A 466 19.43 14.76 -28.54
C SER A 466 20.22 13.48 -28.78
N LEU A 467 19.66 12.55 -29.55
CA LEU A 467 20.27 11.26 -29.86
C LEU A 467 21.71 11.37 -30.38
N ILE A 468 21.93 12.13 -31.48
CA ILE A 468 23.25 12.31 -32.09
C ILE A 468 24.23 12.87 -31.06
N HIS A 469 23.76 13.84 -30.26
CA HIS A 469 24.54 14.45 -29.20
C HIS A 469 24.91 13.42 -28.15
N GLU A 470 23.92 12.67 -27.62
CA GLU A 470 24.10 11.61 -26.63
C GLU A 470 25.08 10.55 -27.12
N ALA A 471 25.09 10.27 -28.43
CA ALA A 471 25.98 9.29 -29.06
C ALA A 471 27.42 9.78 -29.11
N LEU A 472 27.61 11.12 -29.21
CA LEU A 472 28.94 11.75 -29.25
C LEU A 472 29.57 11.69 -27.86
N LEU A 473 28.70 11.74 -26.83
CA LEU A 473 29.04 11.69 -25.41
C LEU A 473 29.25 10.25 -24.94
N GLY A 474 28.59 9.30 -25.60
CA GLY A 474 28.70 7.88 -25.30
C GLY A 474 27.64 7.40 -24.33
N ASN A 475 26.44 7.96 -24.44
CA ASN A 475 25.37 7.57 -23.56
C ASN A 475 24.45 6.56 -24.24
N SER A 476 24.73 5.29 -23.98
CA SER A 476 24.01 4.18 -24.59
C SER A 476 22.57 4.01 -24.06
N THR A 477 22.12 4.83 -23.06
CA THR A 477 20.76 4.80 -22.45
C THR A 477 19.62 4.90 -23.48
N ASN A 478 19.63 5.95 -24.33
CA ASN A 478 18.55 6.17 -25.31
C ASN A 478 18.75 5.43 -26.64
N PHE A 479 19.45 4.29 -26.56
CA PHE A 479 19.73 3.43 -27.70
C PHE A 479 19.32 2.01 -27.40
N VAL A 480 18.65 1.38 -28.38
CA VAL A 480 18.15 0.02 -28.25
C VAL A 480 19.29 -1.03 -28.10
N ARG A 481 19.25 -1.78 -26.98
CA ARG A 481 20.21 -2.83 -26.69
C ARG A 481 19.75 -4.08 -27.46
N VAL A 482 20.69 -4.96 -27.84
CA VAL A 482 20.38 -6.15 -28.59
C VAL A 482 19.29 -6.95 -27.93
N ASP A 483 19.50 -7.37 -26.69
CA ASP A 483 18.56 -8.18 -25.93
C ASP A 483 17.24 -7.47 -25.80
N GLU A 484 17.28 -6.13 -25.58
CA GLU A 484 16.12 -5.24 -25.42
C GLU A 484 15.33 -5.26 -26.71
N LEU A 485 16.04 -5.34 -27.85
CA LEU A 485 15.44 -5.38 -29.17
C LEU A 485 14.76 -6.70 -29.40
N ASP A 486 15.39 -7.80 -28.97
CA ASP A 486 14.84 -9.15 -29.14
C ASP A 486 13.63 -9.28 -28.25
N ALA A 487 13.78 -8.83 -27.01
CA ALA A 487 12.72 -8.86 -26.04
C ALA A 487 11.47 -8.21 -26.66
N ALA A 488 11.67 -7.21 -27.54
CA ALA A 488 10.58 -6.50 -28.20
C ALA A 488 10.02 -7.30 -29.34
N TRP A 489 10.87 -7.90 -30.19
CA TRP A 489 10.45 -8.72 -31.32
C TRP A 489 9.66 -9.92 -30.89
N ARG A 490 10.05 -10.55 -29.76
CA ARG A 490 9.43 -11.73 -29.18
C ARG A 490 7.97 -11.51 -28.74
N ILE A 491 7.54 -10.26 -28.57
CA ILE A 491 6.16 -9.93 -28.20
C ILE A 491 5.24 -10.09 -29.45
N TYR A 492 5.65 -9.45 -30.54
CA TYR A 492 4.85 -9.34 -31.76
C TYR A 492 5.06 -10.42 -32.81
N THR A 493 6.24 -11.09 -32.88
CA THR A 493 6.54 -12.11 -33.90
C THR A 493 5.37 -13.15 -34.06
N PRO A 494 4.86 -13.83 -33.01
CA PRO A 494 3.70 -14.75 -33.21
C PRO A 494 2.46 -14.07 -33.83
N LEU A 495 2.13 -12.82 -33.38
CA LEU A 495 0.99 -12.05 -33.90
C LEU A 495 1.21 -11.68 -35.34
N LEU A 496 2.42 -11.20 -35.66
CA LEU A 496 2.87 -10.77 -36.99
C LEU A 496 2.74 -11.89 -37.96
N HIS A 497 3.19 -13.10 -37.56
CA HIS A 497 3.12 -14.33 -38.35
C HIS A 497 1.66 -14.73 -38.64
N ALA A 498 0.80 -14.72 -37.58
CA ALA A 498 -0.63 -15.01 -37.68
C ALA A 498 -1.26 -14.09 -38.75
N ILE A 499 -0.96 -12.77 -38.66
CA ILE A 499 -1.38 -11.73 -39.60
C ILE A 499 -0.96 -12.09 -41.03
N ASP A 500 0.36 -12.39 -41.24
CA ASP A 500 0.97 -12.73 -42.53
C ASP A 500 0.48 -14.06 -43.10
N ARG A 501 -0.03 -14.96 -42.23
CA ARG A 501 -0.60 -16.24 -42.64
C ARG A 501 -2.06 -16.04 -43.08
N GLY A 502 -2.58 -14.82 -42.88
CA GLY A 502 -3.93 -14.41 -43.24
C GLY A 502 -4.97 -14.81 -42.21
N GLU A 503 -4.52 -15.18 -41.01
CA GLU A 503 -5.37 -15.62 -39.92
C GLU A 503 -6.14 -14.49 -39.25
N VAL A 504 -5.63 -13.24 -39.33
CA VAL A 504 -6.25 -12.07 -38.68
C VAL A 504 -6.96 -11.19 -39.72
N LYS A 505 -8.24 -10.83 -39.45
CA LYS A 505 -9.07 -9.98 -40.33
C LYS A 505 -8.62 -8.52 -40.28
N VAL A 506 -8.50 -7.89 -41.46
CA VAL A 506 -8.10 -6.49 -41.62
C VAL A 506 -9.30 -5.66 -42.13
N LEU A 507 -9.99 -4.99 -41.20
CA LEU A 507 -11.20 -4.19 -41.44
C LEU A 507 -10.98 -2.89 -42.20
N PRO A 508 -11.92 -2.48 -43.10
CA PRO A 508 -11.73 -1.22 -43.84
C PRO A 508 -12.28 -0.01 -43.07
N TYR A 509 -11.62 1.15 -43.17
CA TYR A 509 -12.06 2.37 -42.50
C TYR A 509 -11.76 3.58 -43.38
N ALA A 510 -12.69 4.56 -43.41
CA ALA A 510 -12.58 5.81 -44.20
C ALA A 510 -11.41 6.67 -43.73
N ALA A 511 -10.57 7.13 -44.68
CA ALA A 511 -9.39 7.95 -44.38
C ALA A 511 -9.85 9.24 -43.71
N GLY A 512 -9.23 9.58 -42.59
CA GLY A 512 -9.58 10.76 -41.83
C GLY A 512 -10.65 10.54 -40.77
N SER A 513 -11.24 9.33 -40.69
CA SER A 513 -12.24 8.99 -39.66
C SER A 513 -11.50 8.57 -38.39
N CYS A 514 -12.25 8.22 -37.34
CA CYS A 514 -11.70 7.77 -36.05
C CYS A 514 -11.03 6.36 -36.12
N GLY A 515 -11.34 5.59 -37.19
CA GLY A 515 -10.85 4.22 -37.43
C GLY A 515 -12.00 3.23 -37.44
N PRO A 516 -11.76 1.88 -37.50
CA PRO A 516 -12.90 0.93 -37.48
C PRO A 516 -13.68 0.91 -36.15
N GLU A 517 -15.02 0.78 -36.24
CA GLU A 517 -15.98 0.75 -35.12
C GLU A 517 -15.62 -0.32 -34.10
N GLU A 518 -15.24 -1.51 -34.58
CA GLU A 518 -14.85 -2.70 -33.83
C GLU A 518 -13.76 -2.41 -32.82
N ALA A 519 -12.83 -1.50 -33.18
CA ALA A 519 -11.68 -1.08 -32.38
C ALA A 519 -12.11 -0.34 -31.09
N GLN A 520 -13.01 0.67 -31.21
CA GLN A 520 -13.49 1.44 -30.05
C GLN A 520 -14.22 0.50 -29.06
N GLU A 521 -14.99 -0.49 -29.59
CA GLU A 521 -15.71 -1.48 -28.81
C GLU A 521 -14.74 -2.37 -28.05
N PHE A 522 -13.70 -2.87 -28.75
CA PHE A 522 -12.61 -3.68 -28.22
C PHE A 522 -11.88 -2.94 -27.09
N ILE A 523 -11.60 -1.63 -27.27
CA ILE A 523 -10.94 -0.81 -26.26
C ILE A 523 -11.78 -0.79 -24.99
N ARG A 524 -13.15 -0.67 -25.14
CA ARG A 524 -14.08 -0.68 -23.99
C ARG A 524 -13.98 -2.01 -23.27
N ILE A 525 -14.02 -3.12 -24.02
CA ILE A 525 -13.95 -4.50 -23.54
C ILE A 525 -12.60 -4.74 -22.88
N SER A 526 -11.53 -4.18 -23.46
CA SER A 526 -10.15 -4.31 -22.97
C SER A 526 -9.92 -3.68 -21.60
N GLY A 527 -10.84 -2.83 -21.15
CA GLY A 527 -10.76 -2.24 -19.82
C GLY A 527 -10.70 -0.74 -19.76
N TYR A 528 -10.59 -0.06 -20.92
CA TYR A 528 -10.56 1.39 -20.92
C TYR A 528 -11.98 2.00 -20.82
N LYS A 529 -12.11 3.10 -20.04
CA LYS A 529 -13.37 3.81 -19.79
C LYS A 529 -13.35 5.26 -20.32
N THR A 530 -13.76 6.24 -19.46
CA THR A 530 -13.88 7.72 -19.59
C THR A 530 -14.57 8.17 -20.93
N THR A 531 -15.60 9.03 -20.76
CA THR A 531 -16.44 9.58 -21.84
C THR A 531 -15.70 10.66 -22.71
N ASN A 532 -14.38 10.87 -22.48
CA ASN A 532 -13.53 11.81 -23.24
C ASN A 532 -12.94 11.18 -24.54
N GLY A 533 -13.81 11.04 -25.53
CA GLY A 533 -13.53 10.52 -26.87
C GLY A 533 -14.54 11.09 -27.84
N ASN A 534 -14.46 12.43 -28.07
CA ASN A 534 -15.44 13.13 -28.89
C ASN A 534 -14.93 13.91 -30.11
N ALA A 535 -15.45 13.48 -31.26
CA ALA A 535 -15.44 14.04 -32.61
C ALA A 535 -16.91 13.83 -33.07
N TYR A 536 -17.22 14.11 -34.36
CA TYR A 536 -18.57 13.91 -34.92
C TYR A 536 -18.75 12.40 -35.05
N LYS A 537 -17.68 11.74 -35.53
CA LYS A 537 -17.51 10.30 -35.74
C LYS A 537 -17.45 9.57 -34.37
N CYS A 538 -16.43 9.97 -33.53
CA CYS A 538 -16.11 9.44 -32.19
C CYS A 538 -17.25 9.57 -31.17
N SER A 539 -17.21 8.67 -30.15
CA SER A 539 -18.18 8.59 -29.04
C SER A 539 -17.58 7.78 -27.88
N VAL B 38 -14.04 -34.22 43.54
CA VAL B 38 -13.43 -33.25 42.63
C VAL B 38 -14.55 -32.34 42.01
N CYS B 39 -15.36 -31.75 42.91
CA CYS B 39 -16.46 -30.87 42.51
C CYS B 39 -16.14 -29.39 42.68
N GLU B 40 -15.82 -28.75 41.53
CA GLU B 40 -15.50 -27.34 41.41
C GLU B 40 -16.61 -26.46 41.99
N ARG B 41 -16.37 -25.89 43.22
CA ARG B 41 -17.27 -25.00 43.97
C ARG B 41 -17.68 -23.73 43.20
N ILE B 42 -18.86 -23.15 43.52
CA ILE B 42 -19.42 -21.97 42.86
C ILE B 42 -18.84 -20.63 43.40
N PRO B 43 -17.98 -19.90 42.61
CA PRO B 43 -17.48 -18.60 43.10
C PRO B 43 -18.46 -17.45 42.86
N ASP B 44 -18.28 -16.35 43.61
CA ASP B 44 -19.10 -15.16 43.44
C ASP B 44 -18.44 -14.25 42.41
N ALA B 45 -18.61 -14.63 41.13
CA ALA B 45 -18.14 -13.86 39.97
C ALA B 45 -19.36 -13.27 39.21
N VAL B 46 -20.48 -13.17 39.93
CA VAL B 46 -21.76 -12.61 39.48
C VAL B 46 -21.62 -11.10 39.35
N SER B 47 -21.93 -10.57 38.16
CA SER B 47 -21.82 -9.13 37.84
C SER B 47 -22.65 -8.23 38.77
N PRO B 48 -22.04 -7.11 39.25
CA PRO B 48 -22.72 -6.27 40.26
C PRO B 48 -24.13 -5.77 39.94
N GLU B 49 -24.49 -5.69 38.63
CA GLU B 49 -25.84 -5.24 38.24
C GLU B 49 -26.86 -6.30 38.66
N LEU B 50 -26.58 -7.58 38.33
CA LEU B 50 -27.41 -8.75 38.58
C LEU B 50 -27.64 -9.04 40.07
N ARG B 51 -26.76 -8.50 40.94
CA ARG B 51 -26.81 -8.71 42.40
C ARG B 51 -27.98 -8.00 43.11
N SER B 52 -28.04 -6.65 43.02
CA SER B 52 -29.01 -5.75 43.69
C SER B 52 -30.50 -6.09 43.50
N ARG B 53 -30.97 -6.24 42.25
CA ARG B 53 -32.36 -6.55 41.91
C ARG B 53 -32.53 -8.02 41.65
N ALA B 54 -33.78 -8.52 41.72
CA ALA B 54 -34.11 -9.92 41.50
C ALA B 54 -33.82 -10.35 40.05
N LEU B 55 -33.83 -11.68 39.81
CA LEU B 55 -33.64 -12.21 38.45
C LEU B 55 -34.60 -13.33 38.15
N THR B 56 -35.18 -13.25 36.95
CA THR B 56 -36.16 -14.19 36.43
C THR B 56 -35.84 -14.40 34.95
N ILE B 57 -35.48 -15.64 34.61
CA ILE B 57 -35.19 -16.04 33.23
C ILE B 57 -36.36 -16.95 32.78
N VAL B 58 -37.29 -16.39 32.00
CA VAL B 58 -38.43 -17.16 31.51
C VAL B 58 -38.08 -17.82 30.18
N VAL B 59 -38.15 -19.16 30.15
CA VAL B 59 -37.86 -19.93 28.95
C VAL B 59 -39.21 -20.36 28.35
N LEU B 60 -39.74 -19.52 27.43
CA LEU B 60 -40.98 -19.72 26.67
C LEU B 60 -40.73 -20.88 25.67
N GLY B 61 -41.55 -21.93 25.77
CA GLY B 61 -41.42 -23.14 24.96
C GLY B 61 -40.40 -24.10 25.54
N ALA B 62 -40.39 -24.25 26.91
CA ALA B 62 -39.48 -25.06 27.74
C ALA B 62 -39.45 -26.53 27.44
N SER B 63 -40.54 -27.05 26.87
CA SER B 63 -40.63 -28.46 26.49
C SER B 63 -39.84 -28.70 25.19
N GLY B 64 -39.91 -27.71 24.30
CA GLY B 64 -39.23 -27.68 23.01
C GLY B 64 -37.80 -28.19 22.98
N ASP B 65 -37.43 -28.73 21.81
CA ASP B 65 -36.13 -29.35 21.54
C ASP B 65 -34.94 -28.49 21.84
N LEU B 66 -34.99 -27.20 21.43
CA LEU B 66 -33.89 -26.24 21.61
C LEU B 66 -33.64 -25.96 23.11
N ALA B 67 -34.72 -25.72 23.89
CA ALA B 67 -34.60 -25.39 25.30
C ALA B 67 -33.94 -26.53 26.08
N LYS B 68 -34.49 -27.77 25.95
CA LYS B 68 -33.98 -28.99 26.62
C LYS B 68 -32.55 -29.41 26.18
N LYS B 69 -32.15 -29.09 24.92
CA LYS B 69 -30.84 -29.43 24.36
C LYS B 69 -29.75 -28.37 24.48
N LYS B 70 -30.11 -27.08 24.38
CA LYS B 70 -29.14 -25.98 24.35
C LYS B 70 -29.34 -24.89 25.44
N THR B 71 -30.59 -24.37 25.61
CA THR B 71 -30.89 -23.31 26.60
C THR B 71 -30.66 -23.76 28.04
N PHE B 72 -31.46 -24.74 28.51
CA PHE B 72 -31.30 -25.23 29.86
C PHE B 72 -29.85 -25.67 30.13
N PRO B 73 -29.20 -26.51 29.26
CA PRO B 73 -27.80 -26.87 29.56
C PRO B 73 -26.86 -25.70 29.73
N ALA B 74 -27.01 -24.61 28.91
CA ALA B 74 -26.17 -23.40 28.97
C ALA B 74 -26.37 -22.64 30.29
N LEU B 75 -27.61 -22.65 30.80
CA LEU B 75 -28.00 -21.99 32.05
C LEU B 75 -27.37 -22.68 33.24
N PHE B 76 -27.21 -24.02 33.16
CA PHE B 76 -26.55 -24.81 34.19
C PHE B 76 -25.09 -24.40 34.29
N GLN B 77 -24.41 -24.32 33.14
CA GLN B 77 -23.01 -23.93 33.07
C GLN B 77 -22.77 -22.49 33.56
N LEU B 78 -23.68 -21.55 33.24
CA LEU B 78 -23.52 -20.18 33.73
C LEU B 78 -23.73 -20.11 35.25
N TYR B 79 -24.58 -21.00 35.82
CA TYR B 79 -24.87 -21.11 37.26
C TYR B 79 -23.62 -21.65 37.97
N CYS B 80 -23.04 -22.73 37.42
CA CYS B 80 -21.83 -23.39 37.91
C CYS B 80 -20.63 -22.46 37.91
N ASN B 81 -20.48 -21.65 36.86
CA ASN B 81 -19.39 -20.70 36.75
C ASN B 81 -19.49 -19.58 37.78
N GLY B 82 -20.66 -19.46 38.42
CA GLY B 82 -20.95 -18.41 39.37
C GLY B 82 -21.06 -17.11 38.60
N MET B 83 -22.01 -17.05 37.64
CA MET B 83 -22.25 -15.88 36.77
C MET B 83 -23.68 -15.44 36.86
N LEU B 84 -24.54 -16.32 37.40
CA LEU B 84 -25.96 -16.11 37.65
C LEU B 84 -26.12 -15.99 39.17
N PRO B 85 -27.04 -15.14 39.70
CA PRO B 85 -27.19 -15.06 41.18
C PRO B 85 -27.60 -16.42 41.75
N ARG B 86 -27.15 -16.80 42.98
CA ARG B 86 -27.53 -18.13 43.52
C ARG B 86 -29.03 -18.30 43.61
N ASP B 87 -29.75 -17.17 43.80
CA ASP B 87 -31.20 -17.02 43.93
C ASP B 87 -31.85 -16.55 42.62
N VAL B 88 -31.49 -17.20 41.50
CA VAL B 88 -32.04 -16.92 40.16
C VAL B 88 -33.31 -17.75 39.95
N ASN B 89 -34.22 -17.31 39.06
CA ASN B 89 -35.46 -18.01 38.81
C ASN B 89 -35.70 -18.37 37.35
N ILE B 90 -35.38 -19.62 36.99
CA ILE B 90 -35.58 -20.09 35.62
C ILE B 90 -36.99 -20.67 35.54
N LEU B 91 -37.88 -20.01 34.76
CA LEU B 91 -39.28 -20.46 34.65
C LEU B 91 -39.58 -21.00 33.26
N GLY B 92 -39.97 -22.26 33.21
CA GLY B 92 -40.33 -22.87 31.95
C GLY B 92 -41.80 -22.70 31.68
N TYR B 93 -42.14 -21.93 30.62
CA TYR B 93 -43.50 -21.67 30.16
C TYR B 93 -43.76 -22.39 28.82
N ALA B 94 -44.29 -23.62 28.88
CA ALA B 94 -44.57 -24.39 27.67
C ALA B 94 -46.05 -24.83 27.66
N ARG B 95 -46.49 -25.40 26.53
CA ARG B 95 -47.86 -25.88 26.35
C ARG B 95 -48.07 -27.28 26.94
N SER B 96 -46.99 -28.06 27.04
CA SER B 96 -47.00 -29.41 27.60
C SER B 96 -47.63 -29.45 28.98
N THR B 97 -48.51 -30.43 29.17
CA THR B 97 -49.31 -30.66 30.37
C THR B 97 -48.64 -31.72 31.25
N MET B 98 -47.34 -31.49 31.59
CA MET B 98 -46.53 -32.44 32.34
C MET B 98 -46.89 -32.54 33.82
N GLU B 99 -46.94 -33.81 34.24
CA GLU B 99 -47.30 -34.36 35.54
C GLU B 99 -46.15 -34.23 36.56
N ASP B 100 -45.05 -34.99 36.35
CA ASP B 100 -43.91 -34.94 37.23
C ASP B 100 -42.87 -34.03 36.61
N VAL B 101 -42.81 -32.79 37.12
CA VAL B 101 -41.88 -31.75 36.66
C VAL B 101 -40.49 -32.13 37.12
N GLU B 102 -40.38 -32.58 38.39
CA GLU B 102 -39.11 -32.97 39.00
C GLU B 102 -38.42 -34.13 38.27
N LYS B 103 -39.21 -35.08 37.71
CA LYS B 103 -38.71 -36.24 36.94
C LYS B 103 -38.16 -35.72 35.62
N TRP B 104 -38.93 -34.84 34.92
CA TRP B 104 -38.51 -34.22 33.66
C TRP B 104 -37.26 -33.37 33.89
N LYS B 105 -37.16 -32.74 35.07
CA LYS B 105 -36.02 -31.93 35.44
C LYS B 105 -34.74 -32.78 35.65
N LYS B 106 -34.84 -33.87 36.42
CA LYS B 106 -33.71 -34.73 36.76
C LYS B 106 -33.35 -35.77 35.71
N ASP B 107 -34.33 -36.22 34.90
CA ASP B 107 -34.09 -37.23 33.87
C ASP B 107 -33.94 -36.67 32.46
N THR B 108 -34.90 -35.82 32.04
CA THR B 108 -34.87 -35.23 30.69
C THR B 108 -33.84 -34.13 30.65
N LEU B 109 -34.13 -33.00 31.30
CA LEU B 109 -33.32 -31.78 31.31
C LEU B 109 -31.89 -32.00 31.70
N ALA B 110 -31.69 -32.63 32.87
CA ALA B 110 -30.37 -32.90 33.43
C ALA B 110 -29.52 -33.82 32.59
N GLY B 111 -30.14 -34.71 31.83
CA GLY B 111 -29.45 -35.65 30.95
C GLY B 111 -28.63 -34.95 29.88
N PHE B 112 -28.95 -33.67 29.61
CA PHE B 112 -28.28 -32.86 28.61
C PHE B 112 -27.10 -32.02 29.14
N PHE B 113 -26.93 -31.93 30.49
CA PHE B 113 -25.83 -31.18 31.11
C PHE B 113 -24.52 -31.94 30.84
N THR B 114 -23.43 -31.20 30.54
CA THR B 114 -22.18 -31.77 30.03
C THR B 114 -21.04 -32.06 31.06
N ARG B 115 -20.41 -31.01 31.64
CA ARG B 115 -19.30 -31.23 32.59
C ARG B 115 -19.89 -31.79 33.86
N LEU B 116 -19.73 -33.10 34.09
CA LEU B 116 -20.33 -33.75 35.27
C LEU B 116 -19.30 -34.49 36.14
N ASP B 117 -18.04 -34.49 35.65
CA ASP B 117 -16.89 -35.09 36.31
C ASP B 117 -16.23 -34.00 37.17
N GLU B 118 -16.70 -32.74 37.01
CA GLU B 118 -16.24 -31.57 37.75
C GLU B 118 -17.42 -30.81 38.38
N ARG B 119 -18.58 -30.82 37.69
CA ARG B 119 -19.76 -30.06 38.08
C ARG B 119 -21.04 -30.89 38.35
N GLY B 120 -20.90 -32.22 38.32
CA GLY B 120 -22.01 -33.15 38.52
C GLY B 120 -22.83 -33.00 39.78
N CYS B 121 -22.19 -32.60 40.89
CA CYS B 121 -22.85 -32.42 42.19
C CYS B 121 -23.82 -31.24 42.20
N HIS B 122 -23.48 -30.18 41.46
CA HIS B 122 -24.25 -28.95 41.36
C HIS B 122 -25.59 -29.10 40.63
N VAL B 123 -25.80 -30.22 39.88
CA VAL B 123 -27.05 -30.50 39.15
C VAL B 123 -28.27 -30.31 40.08
N GLY B 124 -28.18 -30.81 41.30
CA GLY B 124 -29.24 -30.72 42.30
C GLY B 124 -29.64 -29.30 42.64
N ASN B 125 -28.69 -28.53 43.23
CA ASN B 125 -28.84 -27.13 43.63
C ASN B 125 -29.36 -26.27 42.48
N PHE B 126 -28.81 -26.47 41.26
CA PHE B 126 -29.21 -25.76 40.05
C PHE B 126 -30.68 -26.03 39.70
N LEU B 127 -31.04 -27.34 39.48
CA LEU B 127 -32.39 -27.78 39.12
C LEU B 127 -33.46 -27.26 40.07
N ARG B 128 -33.09 -27.01 41.35
CA ARG B 128 -33.99 -26.45 42.37
C ARG B 128 -34.49 -25.05 41.98
N ARG B 129 -33.76 -24.35 41.10
CA ARG B 129 -34.11 -23.01 40.65
C ARG B 129 -35.12 -23.02 39.50
N ILE B 130 -35.08 -24.10 38.68
CA ILE B 130 -36.01 -24.28 37.55
C ILE B 130 -37.41 -24.68 38.08
N SER B 131 -38.44 -24.03 37.55
CA SER B 131 -39.85 -24.26 37.86
C SER B 131 -40.59 -24.29 36.54
N TYR B 132 -41.69 -25.05 36.47
CA TYR B 132 -42.47 -25.18 35.24
C TYR B 132 -43.93 -24.65 35.38
N MET B 133 -44.46 -24.17 34.24
CA MET B 133 -45.78 -23.57 34.08
C MET B 133 -46.39 -24.00 32.75
N THR B 134 -47.63 -24.53 32.78
CA THR B 134 -48.35 -24.87 31.55
C THR B 134 -49.16 -23.64 31.15
N GLY B 135 -49.28 -23.37 29.85
CA GLY B 135 -50.02 -22.19 29.39
C GLY B 135 -49.97 -21.95 27.90
N SER B 136 -51.07 -21.37 27.36
CA SER B 136 -51.26 -21.03 25.95
C SER B 136 -50.31 -19.94 25.46
N TYR B 137 -50.23 -19.76 24.14
CA TYR B 137 -49.40 -18.70 23.57
C TYR B 137 -50.30 -17.58 23.00
N ASP B 138 -51.63 -17.73 23.18
CA ASP B 138 -52.62 -16.83 22.62
C ASP B 138 -53.63 -16.24 23.63
N ARG B 139 -53.94 -16.98 24.73
CA ARG B 139 -54.88 -16.51 25.76
C ARG B 139 -54.13 -15.63 26.76
N ASP B 140 -54.54 -14.34 26.85
CA ASP B 140 -53.92 -13.32 27.73
C ASP B 140 -53.99 -13.67 29.20
N GLU B 141 -55.03 -14.43 29.61
CA GLU B 141 -55.25 -14.91 30.99
C GLU B 141 -54.08 -15.79 31.42
N ASP B 142 -53.52 -16.56 30.46
CA ASP B 142 -52.39 -17.43 30.67
C ASP B 142 -51.10 -16.64 30.77
N PHE B 143 -51.08 -15.45 30.17
CA PHE B 143 -49.91 -14.56 30.24
C PHE B 143 -49.91 -13.79 31.58
N ALA B 144 -51.13 -13.39 32.04
CA ALA B 144 -51.36 -12.70 33.32
C ALA B 144 -50.96 -13.65 34.43
N ARG B 145 -51.29 -14.95 34.25
CA ARG B 145 -50.90 -16.02 35.15
C ARG B 145 -49.36 -16.16 35.14
N LEU B 146 -48.67 -15.81 34.00
CA LEU B 146 -47.19 -15.84 33.92
C LEU B 146 -46.66 -14.67 34.74
N ASN B 147 -47.21 -13.45 34.51
CA ASN B 147 -46.86 -12.24 35.25
C ASN B 147 -46.98 -12.56 36.74
N GLU B 148 -48.15 -13.12 37.12
CA GLU B 148 -48.48 -13.51 38.47
C GLU B 148 -47.39 -14.33 39.16
N ARG B 149 -46.87 -15.40 38.48
CA ARG B 149 -45.83 -16.26 39.10
C ARG B 149 -44.50 -15.52 39.27
N ILE B 150 -44.07 -14.71 38.25
CA ILE B 150 -42.84 -13.90 38.30
C ILE B 150 -42.93 -12.92 39.50
N LEU B 151 -44.11 -12.30 39.69
CA LEU B 151 -44.40 -11.35 40.78
C LEU B 151 -44.19 -12.01 42.14
N ARG B 152 -44.71 -13.24 42.32
CA ARG B 152 -44.55 -14.03 43.54
C ARG B 152 -43.08 -14.35 43.79
N MET B 153 -42.32 -14.58 42.69
CA MET B 153 -40.88 -14.87 42.72
C MET B 153 -40.08 -13.65 43.14
N GLU B 154 -40.41 -12.47 42.56
CA GLU B 154 -39.70 -11.22 42.87
C GLU B 154 -39.99 -10.76 44.29
N GLU B 155 -41.15 -11.16 44.84
CA GLU B 155 -41.63 -10.88 46.20
C GLU B 155 -40.99 -11.80 47.26
N ALA B 156 -40.17 -12.76 46.80
CA ALA B 156 -39.44 -13.69 47.64
C ALA B 156 -37.93 -13.40 47.62
N PHE B 157 -37.53 -12.28 46.98
CA PHE B 157 -36.14 -11.88 46.83
C PHE B 157 -35.59 -11.14 48.07
N GLN B 158 -34.57 -11.77 48.68
CA GLN B 158 -33.86 -11.37 49.91
C GLN B 158 -32.74 -10.30 49.67
N GLY B 159 -32.83 -9.55 48.56
CA GLY B 159 -31.85 -8.54 48.18
C GLY B 159 -32.24 -7.09 48.42
N PRO B 160 -31.34 -6.16 48.00
CA PRO B 160 -31.58 -4.73 48.24
C PRO B 160 -32.82 -4.10 47.57
N GLU B 161 -32.99 -4.23 46.23
CA GLU B 161 -34.14 -3.59 45.56
C GLU B 161 -35.40 -4.48 45.52
N LYS B 162 -36.58 -3.82 45.61
CA LYS B 162 -37.92 -4.42 45.66
C LYS B 162 -38.51 -4.86 44.30
N GLY B 163 -37.89 -4.46 43.20
CA GLY B 163 -38.37 -4.81 41.87
C GLY B 163 -37.99 -6.20 41.41
N GLY B 164 -37.30 -6.26 40.28
CA GLY B 164 -36.81 -7.50 39.67
C GLY B 164 -36.58 -7.35 38.19
N ASN B 165 -35.54 -8.03 37.64
CA ASN B 165 -35.18 -8.03 36.21
C ASN B 165 -35.77 -9.27 35.52
N ARG B 166 -36.25 -9.11 34.27
CA ARG B 166 -36.89 -10.18 33.49
C ARG B 166 -36.24 -10.41 32.13
N LEU B 167 -35.65 -11.60 31.91
CA LEU B 167 -35.10 -12.00 30.60
C LEU B 167 -36.03 -13.09 30.06
N PHE B 168 -36.65 -12.85 28.89
CA PHE B 168 -37.55 -13.80 28.24
C PHE B 168 -36.90 -14.47 27.02
N TYR B 169 -36.65 -15.80 27.12
CA TYR B 169 -36.08 -16.63 26.07
C TYR B 169 -37.21 -17.25 25.32
N LEU B 170 -37.42 -16.76 24.12
CA LEU B 170 -38.46 -17.22 23.23
C LEU B 170 -37.94 -18.28 22.28
N ALA B 171 -37.99 -19.53 22.75
CA ALA B 171 -37.60 -20.70 21.94
C ALA B 171 -38.91 -21.43 21.60
N LEU B 172 -39.78 -20.71 20.86
CA LEU B 172 -41.11 -21.17 20.45
C LEU B 172 -41.32 -21.15 18.93
N PRO B 173 -42.31 -21.91 18.36
CA PRO B 173 -42.50 -21.92 16.89
C PRO B 173 -42.71 -20.54 16.26
N PRO B 174 -42.36 -20.33 14.97
CA PRO B 174 -42.56 -18.99 14.37
C PRO B 174 -44.05 -18.68 14.18
N SER B 175 -44.85 -19.74 14.23
CA SER B 175 -46.31 -19.79 14.09
C SER B 175 -47.04 -19.04 15.23
N VAL B 176 -46.41 -18.92 16.41
CA VAL B 176 -47.00 -18.29 17.61
C VAL B 176 -46.23 -17.08 18.15
N PHE B 177 -45.11 -16.70 17.47
CA PHE B 177 -44.19 -15.65 17.90
C PHE B 177 -44.84 -14.31 18.24
N VAL B 178 -45.50 -13.68 17.25
CA VAL B 178 -46.14 -12.38 17.44
C VAL B 178 -47.22 -12.44 18.55
N GLY B 179 -47.88 -13.59 18.69
CA GLY B 179 -48.88 -13.81 19.73
C GLY B 179 -48.32 -13.62 21.12
N VAL B 180 -47.15 -14.24 21.39
CA VAL B 180 -46.43 -14.17 22.65
C VAL B 180 -45.84 -12.78 22.85
N CYS B 181 -45.31 -12.18 21.78
CA CYS B 181 -44.74 -10.82 21.87
C CYS B 181 -45.77 -9.79 22.30
N ARG B 182 -46.97 -9.89 21.72
CA ARG B 182 -48.12 -9.04 22.04
C ARG B 182 -48.60 -9.33 23.48
N GLY B 183 -48.61 -10.61 23.87
CA GLY B 183 -49.05 -11.04 25.19
C GLY B 183 -48.14 -10.62 26.33
N LEU B 184 -46.80 -10.73 26.10
CA LEU B 184 -45.77 -10.35 27.07
C LEU B 184 -45.72 -8.84 27.19
N SER B 185 -45.72 -8.12 26.05
CA SER B 185 -45.73 -6.66 26.06
C SER B 185 -46.94 -6.10 26.78
N LYS B 186 -48.10 -6.81 26.73
CA LYS B 186 -49.33 -6.37 27.41
C LYS B 186 -49.21 -6.56 28.87
N GLY B 187 -49.34 -7.81 29.33
CA GLY B 187 -49.32 -8.10 30.76
C GLY B 187 -48.28 -9.05 31.31
N ALA B 188 -46.98 -8.72 31.14
CA ALA B 188 -45.83 -9.50 31.66
C ALA B 188 -44.56 -8.63 31.85
N MET B 189 -44.68 -7.31 31.57
CA MET B 189 -43.62 -6.30 31.67
C MET B 189 -43.35 -5.87 33.12
N GLN B 190 -42.16 -5.31 33.36
CA GLN B 190 -41.76 -4.84 34.69
C GLN B 190 -42.14 -3.37 34.88
N LYS B 191 -42.65 -3.01 36.09
CA LYS B 191 -43.04 -1.65 36.46
C LYS B 191 -41.87 -0.66 36.21
N PRO B 192 -42.16 0.64 35.89
CA PRO B 192 -41.08 1.60 35.65
C PRO B 192 -40.23 1.85 36.91
N GLU B 193 -38.88 1.95 36.73
CA GLU B 193 -37.87 2.18 37.77
C GLU B 193 -37.74 1.00 38.77
N LEU B 194 -38.06 -0.22 38.31
CA LEU B 194 -37.97 -1.42 39.16
C LEU B 194 -37.25 -2.66 38.51
N GLY B 195 -36.79 -2.52 37.27
CA GLY B 195 -36.08 -3.59 36.58
C GLY B 195 -36.22 -3.58 35.08
N TRP B 196 -35.23 -4.15 34.37
CA TRP B 196 -35.24 -4.25 32.92
C TRP B 196 -35.95 -5.50 32.39
N VAL B 197 -36.46 -5.40 31.16
CA VAL B 197 -37.07 -6.52 30.43
C VAL B 197 -36.26 -6.66 29.13
N ARG B 198 -35.81 -7.87 28.85
CA ARG B 198 -35.03 -8.15 27.65
C ARG B 198 -35.60 -9.40 26.98
N LEU B 199 -35.59 -9.43 25.65
CA LEU B 199 -36.17 -10.55 24.93
C LEU B 199 -35.17 -11.22 24.01
N ILE B 200 -34.86 -12.50 24.27
CA ILE B 200 -33.98 -13.24 23.37
C ILE B 200 -34.89 -13.90 22.34
N VAL B 201 -34.81 -13.39 21.12
CA VAL B 201 -35.61 -13.81 19.97
C VAL B 201 -34.78 -14.77 19.09
N GLU B 202 -35.36 -15.90 18.72
CA GLU B 202 -34.70 -16.94 17.91
C GLU B 202 -35.10 -16.92 16.42
N LYS B 203 -34.33 -17.68 15.62
CA LYS B 203 -34.54 -17.93 14.19
C LYS B 203 -35.83 -18.83 14.09
N PRO B 204 -36.66 -18.76 13.02
CA PRO B 204 -36.51 -17.98 11.79
C PRO B 204 -37.05 -16.55 11.88
N PHE B 205 -36.49 -15.67 11.04
CA PHE B 205 -36.89 -14.29 10.97
C PHE B 205 -37.43 -14.01 9.58
N GLY B 206 -38.53 -14.69 9.27
CA GLY B 206 -39.21 -14.59 7.98
C GLY B 206 -38.65 -15.51 6.91
N ARG B 207 -39.36 -15.59 5.78
CA ARG B 207 -39.04 -16.39 4.59
C ARG B 207 -38.11 -15.61 3.66
N ASP B 208 -38.23 -14.27 3.68
CA ASP B 208 -37.54 -13.30 2.83
C ASP B 208 -37.58 -11.88 3.48
N THR B 209 -37.20 -10.83 2.71
CA THR B 209 -37.11 -9.45 3.19
C THR B 209 -38.50 -8.86 3.48
N GLU B 210 -39.53 -9.18 2.65
CA GLU B 210 -40.93 -8.71 2.83
C GLU B 210 -41.57 -9.31 4.09
N THR B 211 -41.35 -10.62 4.30
CA THR B 211 -41.82 -11.41 5.41
C THR B 211 -41.21 -10.88 6.70
N SER B 212 -39.86 -10.71 6.71
CA SER B 212 -39.11 -10.21 7.85
C SER B 212 -39.52 -8.77 8.19
N GLU B 213 -39.71 -7.90 7.14
CA GLU B 213 -40.09 -6.47 7.28
C GLU B 213 -41.35 -6.38 8.11
N GLN B 214 -42.41 -7.10 7.67
CA GLN B 214 -43.73 -7.22 8.31
C GLN B 214 -43.56 -7.54 9.79
N LEU B 215 -42.81 -8.62 10.09
CA LEU B 215 -42.53 -9.10 11.45
C LEU B 215 -41.83 -8.06 12.32
N SER B 216 -40.84 -7.33 11.75
CA SER B 216 -40.11 -6.31 12.48
C SER B 216 -41.03 -5.13 12.82
N ASN B 217 -41.95 -4.79 11.89
CA ASN B 217 -42.95 -3.73 12.09
C ASN B 217 -43.92 -4.16 13.17
N GLN B 218 -44.25 -5.49 13.21
CA GLN B 218 -45.15 -6.10 14.18
C GLN B 218 -44.65 -5.97 15.63
N LEU B 219 -43.31 -5.87 15.81
CA LEU B 219 -42.64 -5.75 17.11
C LEU B 219 -42.27 -4.32 17.52
N LYS B 220 -42.18 -3.40 16.52
CA LYS B 220 -41.83 -1.99 16.74
C LYS B 220 -42.66 -1.35 17.89
N PRO B 221 -44.03 -1.41 17.92
CA PRO B 221 -44.77 -0.80 19.05
C PRO B 221 -44.61 -1.56 20.36
N LEU B 222 -44.54 -2.90 20.27
CA LEU B 222 -44.43 -3.84 21.38
C LEU B 222 -43.20 -3.65 22.25
N PHE B 223 -42.02 -3.50 21.63
CA PHE B 223 -40.76 -3.33 22.37
C PHE B 223 -39.82 -2.36 21.68
N ASN B 224 -38.95 -1.71 22.46
CA ASN B 224 -37.90 -0.83 21.97
C ASN B 224 -36.81 -1.77 21.48
N GLU B 225 -36.11 -1.43 20.38
CA GLU B 225 -35.07 -2.31 19.83
C GLU B 225 -34.05 -2.76 20.91
N ARG B 226 -33.67 -1.84 21.84
CA ARG B 226 -32.75 -2.02 22.97
C ARG B 226 -33.08 -3.27 23.81
N GLN B 227 -34.38 -3.56 24.00
CA GLN B 227 -34.91 -4.72 24.72
C GLN B 227 -34.77 -6.01 23.90
N VAL B 228 -34.84 -5.90 22.57
CA VAL B 228 -34.77 -7.04 21.66
C VAL B 228 -33.32 -7.54 21.48
N PHE B 229 -33.14 -8.86 21.61
CA PHE B 229 -31.88 -9.57 21.48
C PHE B 229 -32.07 -10.73 20.50
N ARG B 230 -32.06 -10.38 19.19
CA ARG B 230 -32.22 -11.31 18.05
C ARG B 230 -30.96 -12.16 18.03
N ILE B 231 -31.12 -13.46 18.33
CA ILE B 231 -29.97 -14.38 18.48
C ILE B 231 -29.58 -15.14 17.17
N ASP B 232 -28.29 -15.04 16.85
CA ASP B 232 -27.59 -15.81 15.84
C ASP B 232 -26.49 -16.47 16.70
N HIS B 233 -26.42 -17.80 16.73
CA HIS B 233 -25.48 -18.41 17.66
C HIS B 233 -24.02 -18.50 17.17
N TYR B 234 -23.74 -18.15 15.89
CA TYR B 234 -22.37 -18.20 15.38
C TYR B 234 -21.51 -17.14 16.05
N LEU B 235 -22.07 -15.96 16.38
CA LEU B 235 -21.41 -14.90 17.15
C LEU B 235 -21.08 -15.38 18.59
N GLY B 236 -21.46 -16.61 18.88
CA GLY B 236 -21.18 -17.23 20.16
C GLY B 236 -20.04 -18.24 20.08
N LYS B 237 -19.52 -18.49 18.87
CA LYS B 237 -18.44 -19.45 18.68
C LYS B 237 -17.10 -18.80 18.91
N GLU B 238 -16.18 -19.48 19.62
CA GLU B 238 -14.83 -18.97 19.94
C GLU B 238 -14.09 -18.32 18.75
N MET B 239 -13.96 -19.02 17.59
CA MET B 239 -13.25 -18.48 16.41
C MET B 239 -13.97 -17.31 15.74
N VAL B 240 -15.32 -17.32 15.78
CA VAL B 240 -16.16 -16.28 15.18
C VAL B 240 -15.99 -14.99 15.97
N GLN B 241 -15.80 -15.10 17.29
CA GLN B 241 -15.57 -13.92 18.15
C GLN B 241 -14.18 -13.26 17.89
N ASN B 242 -13.15 -14.10 17.69
CA ASN B 242 -11.80 -13.60 17.40
C ASN B 242 -11.68 -12.91 16.01
N ILE B 243 -12.74 -12.94 15.15
CA ILE B 243 -12.66 -12.31 13.82
C ILE B 243 -12.30 -10.85 13.94
N ILE B 244 -12.92 -10.13 14.91
CA ILE B 244 -12.70 -8.68 15.16
C ILE B 244 -11.30 -8.36 15.77
N VAL B 245 -10.79 -9.26 16.64
CA VAL B 245 -9.49 -9.12 17.28
C VAL B 245 -8.36 -9.45 16.30
N THR B 246 -8.45 -10.59 15.61
CA THR B 246 -7.39 -11.01 14.70
C THR B 246 -7.23 -10.00 13.56
N ARG B 247 -8.30 -9.26 13.23
CA ARG B 247 -8.32 -8.28 12.17
C ARG B 247 -7.94 -6.87 12.57
N PHE B 248 -8.25 -6.43 13.81
CA PHE B 248 -8.00 -5.03 14.20
C PHE B 248 -7.04 -4.85 15.42
N ALA B 249 -6.38 -5.94 15.85
CA ALA B 249 -5.37 -5.88 16.91
C ALA B 249 -3.98 -6.11 16.31
N ASN B 250 -3.93 -6.78 15.15
CA ASN B 250 -2.73 -7.17 14.40
C ASN B 250 -2.53 -6.40 13.12
N ARG B 251 -1.36 -5.71 13.05
CA ARG B 251 -0.90 -4.94 11.89
C ARG B 251 -0.65 -5.86 10.70
N VAL B 252 -0.17 -7.09 10.97
CA VAL B 252 0.13 -8.16 10.00
C VAL B 252 -1.09 -8.45 9.14
N PHE B 253 -2.28 -8.66 9.77
CA PHE B 253 -3.51 -8.95 9.03
C PHE B 253 -4.20 -7.70 8.56
N SER B 254 -4.09 -6.61 9.35
CA SER B 254 -4.71 -5.33 9.02
C SER B 254 -4.19 -4.77 7.68
N ALA B 255 -2.87 -4.82 7.46
CA ALA B 255 -2.26 -4.31 6.26
C ALA B 255 -2.59 -5.14 5.02
N LEU B 256 -2.98 -6.40 5.23
CA LEU B 256 -3.28 -7.35 4.16
C LEU B 256 -4.77 -7.44 3.83
N TRP B 257 -5.65 -6.94 4.72
CA TRP B 257 -7.10 -7.05 4.56
C TRP B 257 -7.69 -6.03 3.58
N ASN B 258 -7.37 -6.16 2.28
CA ASN B 258 -7.83 -5.30 1.16
C ASN B 258 -7.61 -6.02 -0.19
N SER B 259 -8.21 -5.46 -1.28
CA SER B 259 -8.15 -6.01 -2.65
C SER B 259 -6.72 -6.23 -3.22
N ASN B 260 -5.75 -5.41 -2.81
CA ASN B 260 -4.37 -5.47 -3.27
C ASN B 260 -3.61 -6.74 -2.85
N SER B 261 -3.93 -7.31 -1.65
CA SER B 261 -3.28 -8.50 -1.09
C SER B 261 -4.14 -9.76 -1.17
N ILE B 262 -5.50 -9.65 -0.99
CA ILE B 262 -6.45 -10.78 -1.03
C ILE B 262 -7.00 -11.02 -2.46
N ALA B 263 -6.82 -12.27 -2.93
CA ALA B 263 -7.27 -12.74 -4.23
C ALA B 263 -8.65 -13.42 -4.16
N CYS B 264 -9.05 -14.02 -3.00
CA CYS B 264 -10.32 -14.72 -2.87
C CYS B 264 -10.69 -14.98 -1.40
N VAL B 265 -12.00 -14.99 -1.03
CA VAL B 265 -12.40 -15.33 0.33
C VAL B 265 -13.45 -16.44 0.31
N GLN B 266 -13.21 -17.53 1.03
CA GLN B 266 -14.15 -18.66 1.08
C GLN B 266 -14.66 -19.04 2.49
N ILE B 267 -16.01 -18.93 2.67
CA ILE B 267 -16.71 -19.31 3.90
C ILE B 267 -17.38 -20.66 3.65
N THR B 268 -17.01 -21.69 4.47
CA THR B 268 -17.48 -23.08 4.31
C THR B 268 -18.23 -23.68 5.51
N PHE B 269 -19.43 -24.18 5.23
CA PHE B 269 -20.27 -24.92 6.14
C PHE B 269 -20.43 -26.30 5.52
N LYS B 270 -20.11 -27.34 6.31
CA LYS B 270 -20.18 -28.75 5.94
C LYS B 270 -20.76 -29.54 7.10
N GLU B 271 -21.63 -30.48 6.79
CA GLU B 271 -22.30 -31.29 7.79
C GLU B 271 -22.36 -32.72 7.28
N LYS B 272 -21.85 -33.68 8.08
CA LYS B 272 -21.86 -35.09 7.69
C LYS B 272 -23.27 -35.63 7.69
N ILE B 273 -24.12 -35.12 8.61
CA ILE B 273 -25.54 -35.51 8.75
C ILE B 273 -26.47 -34.79 7.77
N GLY B 274 -27.60 -35.46 7.48
CA GLY B 274 -28.65 -34.95 6.60
C GLY B 274 -29.79 -34.40 7.41
N THR B 275 -31.01 -34.46 6.86
CA THR B 275 -32.21 -33.99 7.54
C THR B 275 -32.81 -35.11 8.44
N GLU B 276 -32.35 -36.37 8.21
CA GLU B 276 -32.64 -37.64 8.89
C GLU B 276 -34.16 -37.87 9.14
N GLY B 277 -34.69 -37.26 10.19
CA GLY B 277 -36.11 -37.36 10.53
C GLY B 277 -36.88 -36.09 10.27
N ARG B 278 -36.25 -34.95 10.59
CA ARG B 278 -36.78 -33.59 10.46
C ARG B 278 -36.60 -32.98 9.05
N GLY B 279 -36.92 -33.77 8.03
CA GLY B 279 -36.88 -33.32 6.63
C GLY B 279 -38.05 -32.42 6.27
N GLY B 280 -39.16 -32.61 7.00
CA GLY B 280 -40.39 -31.84 6.84
C GLY B 280 -40.15 -30.40 7.21
N TYR B 281 -39.59 -30.19 8.42
CA TYR B 281 -39.22 -28.90 8.99
C TYR B 281 -38.29 -28.10 8.05
N PHE B 282 -37.30 -28.78 7.43
CA PHE B 282 -36.30 -28.20 6.54
C PHE B 282 -36.83 -27.81 5.14
N ASP B 283 -37.76 -28.60 4.56
CA ASP B 283 -38.31 -28.40 3.21
C ASP B 283 -38.79 -26.98 2.94
N SER B 284 -39.42 -26.35 3.94
CA SER B 284 -39.93 -24.98 3.90
C SER B 284 -38.83 -23.92 4.10
N ILE B 285 -37.64 -24.33 4.63
CA ILE B 285 -36.55 -23.42 4.91
C ILE B 285 -35.48 -23.47 3.81
N GLY B 286 -34.79 -24.61 3.62
CA GLY B 286 -33.72 -24.74 2.64
C GLY B 286 -32.38 -24.23 3.15
N ILE B 287 -31.28 -24.69 2.53
CA ILE B 287 -29.89 -24.40 2.96
C ILE B 287 -29.54 -22.89 3.00
N ILE B 288 -30.05 -22.09 2.05
CA ILE B 288 -29.77 -20.64 2.01
C ILE B 288 -30.41 -19.91 3.20
N ARG B 289 -31.71 -20.14 3.44
CA ARG B 289 -32.45 -19.53 4.55
C ARG B 289 -31.98 -20.01 5.94
N ASP B 290 -31.58 -21.31 6.05
CA ASP B 290 -31.14 -22.01 7.27
C ASP B 290 -29.74 -21.73 7.76
N VAL B 291 -28.78 -21.47 6.84
CA VAL B 291 -27.39 -21.24 7.22
C VAL B 291 -26.74 -20.09 6.45
N ILE B 292 -26.97 -19.98 5.12
CA ILE B 292 -26.31 -18.95 4.30
C ILE B 292 -26.75 -17.52 4.64
N GLN B 293 -28.05 -17.26 4.85
CA GLN B 293 -28.66 -15.94 5.16
C GLN B 293 -28.33 -15.40 6.57
N ASN B 294 -28.34 -16.32 7.58
CA ASN B 294 -28.14 -16.00 8.99
C ASN B 294 -26.72 -16.16 9.43
N HIS B 295 -26.25 -17.39 9.58
CA HIS B 295 -24.93 -17.74 10.12
C HIS B 295 -23.72 -17.30 9.32
N LEU B 296 -23.70 -17.62 8.04
CA LEU B 296 -22.55 -17.31 7.23
C LEU B 296 -22.51 -15.85 6.75
N THR B 297 -23.67 -15.16 6.64
CA THR B 297 -23.65 -13.75 6.25
C THR B 297 -23.07 -12.96 7.44
N GLN B 298 -23.25 -13.50 8.68
CA GLN B 298 -22.68 -12.97 9.93
C GLN B 298 -21.13 -12.97 9.83
N ILE B 299 -20.52 -14.20 9.69
CA ILE B 299 -19.09 -14.46 9.44
C ILE B 299 -18.61 -13.46 8.40
N LEU B 300 -19.40 -13.29 7.28
CA LEU B 300 -19.15 -12.38 6.16
C LEU B 300 -19.09 -10.92 6.56
N SER B 301 -19.97 -10.49 7.47
CA SER B 301 -20.03 -9.10 7.94
C SER B 301 -18.79 -8.71 8.72
N LEU B 302 -18.34 -9.61 9.63
CA LEU B 302 -17.13 -9.39 10.46
C LEU B 302 -15.80 -9.52 9.65
N LEU B 303 -15.85 -10.27 8.55
CA LEU B 303 -14.71 -10.45 7.66
C LEU B 303 -14.42 -9.23 6.77
N THR B 304 -15.51 -8.52 6.37
CA THR B 304 -15.51 -7.43 5.39
C THR B 304 -15.61 -6.04 5.95
N MET B 305 -16.19 -5.90 7.15
CA MET B 305 -16.41 -4.59 7.78
C MET B 305 -15.13 -3.74 7.95
N GLU B 306 -15.28 -2.41 8.02
CA GLU B 306 -14.16 -1.51 8.23
C GLU B 306 -13.93 -1.41 9.73
N LYS B 307 -12.74 -0.94 10.14
CA LYS B 307 -12.39 -0.81 11.56
C LYS B 307 -13.43 0.02 12.31
N PRO B 308 -14.06 -0.55 13.38
CA PRO B 308 -15.10 0.19 14.12
C PRO B 308 -14.57 1.47 14.80
N ARG B 309 -15.45 2.54 14.89
CA ARG B 309 -15.08 3.84 15.47
C ARG B 309 -14.54 3.64 16.89
N SER B 310 -15.26 2.84 17.67
CA SER B 310 -14.92 2.44 19.04
C SER B 310 -15.17 0.92 19.13
N LEU B 311 -14.91 0.30 20.31
CA LEU B 311 -15.26 -1.11 20.50
C LEU B 311 -16.67 -1.23 21.12
N SER B 312 -17.43 -0.11 21.13
CA SER B 312 -18.80 -0.03 21.62
C SER B 312 -19.70 -1.02 20.85
N ALA B 313 -20.84 -1.42 21.45
CA ALA B 313 -21.79 -2.34 20.83
C ALA B 313 -22.30 -1.81 19.50
N GLU B 314 -22.88 -0.59 19.50
CA GLU B 314 -23.41 -0.01 18.28
C GLU B 314 -22.34 0.43 17.32
N ASP B 315 -21.15 0.85 17.81
CA ASP B 315 -20.02 1.21 16.94
C ASP B 315 -19.58 0.04 16.06
N ILE B 316 -19.59 -1.18 16.66
CA ILE B 316 -19.28 -2.45 15.99
C ILE B 316 -20.42 -2.83 15.04
N ARG B 317 -21.67 -2.81 15.53
CA ARG B 317 -22.88 -3.13 14.79
C ARG B 317 -23.12 -2.22 13.58
N ASP B 318 -22.69 -0.94 13.67
CA ASP B 318 -22.83 0.07 12.59
C ASP B 318 -22.02 -0.28 11.37
N GLU B 319 -20.81 -0.84 11.58
CA GLU B 319 -19.93 -1.21 10.50
C GLU B 319 -20.40 -2.50 9.87
N LYS B 320 -21.02 -3.39 10.67
CA LYS B 320 -21.60 -4.65 10.21
C LYS B 320 -22.72 -4.35 9.20
N VAL B 321 -23.65 -3.41 9.57
CA VAL B 321 -24.78 -2.98 8.73
C VAL B 321 -24.31 -2.29 7.46
N GLN B 322 -23.32 -1.41 7.62
CA GLN B 322 -22.69 -0.63 6.57
C GLN B 322 -22.13 -1.50 5.41
N VAL B 323 -21.46 -2.62 5.76
CA VAL B 323 -20.83 -3.49 4.77
C VAL B 323 -21.87 -4.40 4.08
N LEU B 324 -22.89 -4.92 4.81
CA LEU B 324 -23.93 -5.76 4.16
C LEU B 324 -24.82 -4.90 3.24
N ARG B 325 -24.80 -3.58 3.48
CA ARG B 325 -25.53 -2.63 2.67
C ARG B 325 -24.78 -2.42 1.34
N GLN B 326 -23.52 -2.88 1.26
CA GLN B 326 -22.72 -2.75 0.05
C GLN B 326 -22.58 -4.05 -0.70
N VAL B 327 -23.06 -5.16 -0.10
CA VAL B 327 -23.05 -6.48 -0.72
C VAL B 327 -24.07 -6.45 -1.86
N VAL B 328 -23.65 -6.85 -3.07
CA VAL B 328 -24.55 -6.93 -4.21
C VAL B 328 -25.43 -8.18 -3.99
N PRO B 329 -26.75 -8.10 -4.29
CA PRO B 329 -27.62 -9.25 -4.06
C PRO B 329 -27.22 -10.43 -4.94
N ALA B 330 -27.26 -11.64 -4.37
CA ALA B 330 -26.91 -12.85 -5.08
C ALA B 330 -27.76 -13.04 -6.36
N ASN B 331 -27.07 -13.19 -7.49
CA ASN B 331 -27.67 -13.42 -8.79
C ASN B 331 -27.74 -14.92 -9.02
N PRO B 332 -28.87 -15.41 -9.57
CA PRO B 332 -29.03 -16.86 -9.78
C PRO B 332 -28.00 -17.57 -10.65
N ALA B 333 -27.47 -16.88 -11.70
CA ALA B 333 -26.47 -17.45 -12.60
C ALA B 333 -25.13 -17.69 -11.90
N GLU B 334 -24.86 -16.98 -10.79
CA GLU B 334 -23.64 -17.09 -9.98
C GLU B 334 -23.88 -17.91 -8.70
N CYS B 335 -24.38 -19.15 -8.87
CA CYS B 335 -24.64 -20.11 -7.79
C CYS B 335 -24.88 -21.54 -8.29
N VAL B 336 -24.64 -22.54 -7.41
CA VAL B 336 -24.87 -23.98 -7.65
C VAL B 336 -25.74 -24.57 -6.50
N LEU B 337 -26.81 -25.30 -6.84
CA LEU B 337 -27.66 -25.91 -5.82
C LEU B 337 -27.70 -27.43 -5.88
N GLY B 338 -27.79 -28.06 -4.72
CA GLY B 338 -27.84 -29.51 -4.60
C GLY B 338 -28.95 -30.00 -3.71
N GLN B 339 -29.25 -31.31 -3.81
CA GLN B 339 -30.22 -32.04 -3.00
C GLN B 339 -29.69 -33.45 -2.89
N TYR B 340 -29.38 -33.87 -1.65
CA TYR B 340 -28.77 -35.16 -1.39
C TYR B 340 -29.70 -36.37 -1.71
N THR B 341 -29.08 -37.33 -2.41
CA THR B 341 -29.57 -38.63 -2.88
C THR B 341 -29.13 -39.66 -1.84
N ALA B 342 -29.45 -40.96 -2.02
CA ALA B 342 -29.00 -42.00 -1.10
C ALA B 342 -27.50 -42.27 -1.28
N SER B 343 -26.83 -42.59 -0.17
CA SER B 343 -25.40 -42.91 -0.13
C SER B 343 -25.16 -44.27 -0.73
N ALA B 344 -23.89 -44.51 -1.14
CA ALA B 344 -23.46 -45.78 -1.71
C ALA B 344 -23.71 -46.95 -0.72
N ASP B 345 -23.33 -46.77 0.56
CA ASP B 345 -23.46 -47.77 1.63
C ASP B 345 -24.89 -48.00 2.18
N GLY B 346 -25.88 -47.31 1.62
CA GLY B 346 -27.27 -47.43 2.07
C GLY B 346 -27.57 -46.77 3.41
N SER B 347 -26.52 -46.58 4.26
CA SER B 347 -26.58 -45.95 5.59
C SER B 347 -27.32 -44.59 5.60
N THR B 348 -27.11 -43.73 4.59
CA THR B 348 -27.81 -42.46 4.54
C THR B 348 -28.85 -42.51 3.43
N PRO B 349 -30.16 -42.57 3.78
CA PRO B 349 -31.19 -42.59 2.73
C PRO B 349 -31.31 -41.21 2.03
N GLY B 350 -31.90 -41.19 0.83
CA GLY B 350 -32.09 -39.97 0.05
C GLY B 350 -32.94 -38.93 0.75
N TYR B 351 -32.74 -37.64 0.44
CA TYR B 351 -33.50 -36.54 1.07
C TYR B 351 -35.00 -36.74 0.93
N LEU B 352 -35.46 -37.06 -0.29
CA LEU B 352 -36.86 -37.29 -0.63
C LEU B 352 -37.39 -38.59 -0.02
N ASP B 353 -36.47 -39.57 0.24
CA ASP B 353 -36.78 -40.87 0.86
C ASP B 353 -37.17 -40.76 2.36
N ASP B 354 -37.71 -39.59 2.72
CA ASP B 354 -38.16 -39.20 4.04
C ASP B 354 -39.67 -39.06 3.94
N PRO B 355 -40.48 -39.71 4.84
CA PRO B 355 -41.93 -39.55 4.77
C PRO B 355 -42.40 -38.11 4.97
N SER B 356 -41.69 -37.34 5.85
CA SER B 356 -41.97 -35.94 6.17
C SER B 356 -41.67 -35.00 5.00
N VAL B 357 -40.74 -35.40 4.11
CA VAL B 357 -40.37 -34.62 2.94
C VAL B 357 -41.47 -34.72 1.86
N PRO B 358 -42.10 -33.57 1.49
CA PRO B 358 -43.16 -33.59 0.46
C PRO B 358 -42.72 -34.24 -0.86
N LYS B 359 -43.63 -35.02 -1.48
CA LYS B 359 -43.38 -35.71 -2.75
C LYS B 359 -42.99 -34.72 -3.86
N GLY B 360 -41.87 -35.00 -4.53
CA GLY B 360 -41.34 -34.20 -5.63
C GLY B 360 -40.85 -32.81 -5.28
N SER B 361 -40.32 -32.61 -4.05
CA SER B 361 -39.78 -31.32 -3.59
C SER B 361 -38.35 -31.07 -4.08
N HIS B 362 -38.07 -29.84 -4.50
CA HIS B 362 -36.80 -29.43 -5.10
C HIS B 362 -36.01 -28.54 -4.15
N CYS B 363 -36.18 -28.79 -2.84
CA CYS B 363 -35.53 -28.03 -1.77
C CYS B 363 -34.00 -28.21 -1.75
N PRO B 364 -33.21 -27.13 -1.89
CA PRO B 364 -31.74 -27.30 -1.87
C PRO B 364 -31.21 -27.58 -0.46
N THR B 365 -30.43 -28.68 -0.35
CA THR B 365 -29.77 -29.14 0.88
C THR B 365 -28.31 -28.69 0.83
N PHE B 366 -27.90 -28.16 -0.34
CA PHE B 366 -26.57 -27.65 -0.63
C PHE B 366 -26.61 -26.43 -1.55
N ALA B 367 -25.75 -25.43 -1.27
CA ALA B 367 -25.59 -24.22 -2.07
C ALA B 367 -24.18 -23.64 -1.99
N VAL B 368 -23.66 -23.20 -3.15
CA VAL B 368 -22.40 -22.47 -3.33
C VAL B 368 -22.72 -21.24 -4.14
N LEU B 369 -22.36 -20.07 -3.65
CA LEU B 369 -22.60 -18.83 -4.36
C LEU B 369 -21.39 -17.94 -4.29
N ARG B 370 -21.29 -17.05 -5.24
CA ARG B 370 -20.20 -16.09 -5.45
C ARG B 370 -20.84 -14.73 -5.19
N LEU B 371 -20.45 -14.09 -4.07
CA LEU B 371 -20.96 -12.77 -3.68
C LEU B 371 -19.93 -11.68 -3.96
N HIS B 372 -20.40 -10.44 -4.18
CA HIS B 372 -19.50 -9.31 -4.45
C HIS B 372 -19.75 -8.14 -3.51
N VAL B 373 -18.71 -7.69 -2.78
CA VAL B 373 -18.83 -6.51 -1.90
C VAL B 373 -18.41 -5.29 -2.75
N ASN B 374 -19.34 -4.36 -2.94
CA ASN B 374 -19.12 -3.21 -3.80
C ASN B 374 -18.58 -1.96 -3.06
N ASN B 375 -17.31 -2.00 -2.68
CA ASN B 375 -16.63 -0.89 -2.03
C ASN B 375 -15.18 -0.97 -2.44
N ASP B 376 -14.44 0.13 -2.23
CA ASP B 376 -13.02 0.26 -2.58
C ASP B 376 -12.08 -0.75 -1.85
N ARG B 377 -12.56 -1.44 -0.77
CA ARG B 377 -11.75 -2.45 -0.09
C ARG B 377 -11.92 -3.79 -0.78
N TRP B 378 -13.17 -4.19 -1.07
CA TRP B 378 -13.48 -5.50 -1.60
C TRP B 378 -13.80 -5.55 -3.08
N HIS B 379 -13.42 -4.49 -3.80
CA HIS B 379 -13.65 -4.43 -5.22
C HIS B 379 -12.85 -5.49 -5.95
N GLY B 380 -13.56 -6.40 -6.60
CA GLY B 380 -12.94 -7.48 -7.37
C GLY B 380 -12.81 -8.75 -6.60
N VAL B 381 -12.56 -8.68 -5.27
CA VAL B 381 -12.42 -9.84 -4.40
C VAL B 381 -13.69 -10.74 -4.44
N PRO B 382 -13.55 -12.01 -4.96
CA PRO B 382 -14.69 -12.95 -4.94
C PRO B 382 -14.93 -13.49 -3.52
N PHE B 383 -16.22 -13.62 -3.15
CA PHE B 383 -16.61 -14.15 -1.86
C PHE B 383 -17.38 -15.43 -2.10
N ILE B 384 -16.72 -16.58 -1.92
CA ILE B 384 -17.35 -17.87 -2.18
C ILE B 384 -17.96 -18.44 -0.91
N ILE B 385 -19.30 -18.46 -0.84
CA ILE B 385 -19.97 -18.98 0.34
C ILE B 385 -20.54 -20.37 0.02
N ARG B 386 -20.10 -21.40 0.80
CA ARG B 386 -20.47 -22.82 0.65
C ARG B 386 -21.21 -23.35 1.87
N ALA B 387 -22.25 -24.14 1.62
CA ALA B 387 -23.06 -24.71 2.69
C ALA B 387 -23.83 -25.91 2.21
N GLY B 388 -23.73 -26.99 2.97
CA GLY B 388 -24.42 -28.24 2.64
C GLY B 388 -24.51 -29.27 3.75
N LYS B 389 -25.60 -30.02 3.73
CA LYS B 389 -25.89 -31.13 4.64
C LYS B 389 -25.63 -32.45 3.89
N ALA B 390 -25.39 -33.58 4.63
CA ALA B 390 -25.06 -34.91 4.11
C ALA B 390 -23.83 -34.88 3.18
N LEU B 391 -22.77 -34.22 3.65
CA LEU B 391 -21.51 -34.10 2.91
C LEU B 391 -20.45 -35.03 3.50
N GLU B 392 -19.22 -34.94 2.95
CA GLU B 392 -18.06 -35.76 3.30
C GLU B 392 -17.51 -35.55 4.73
N GLU B 393 -17.65 -34.35 5.30
CA GLU B 393 -17.11 -34.06 6.62
C GLU B 393 -17.89 -32.97 7.37
N ARG B 394 -17.69 -32.86 8.71
CA ARG B 394 -18.26 -31.78 9.50
C ARG B 394 -17.20 -30.66 9.44
N LEU B 395 -17.59 -29.44 9.00
CA LEU B 395 -16.61 -28.34 8.87
C LEU B 395 -17.19 -26.92 8.90
N LEU B 396 -16.53 -26.05 9.69
CA LEU B 396 -16.74 -24.61 9.68
C LEU B 396 -15.39 -23.92 9.61
N ASP B 397 -15.09 -23.32 8.44
CA ASP B 397 -13.82 -22.62 8.27
C ASP B 397 -13.97 -21.46 7.32
N ILE B 398 -13.08 -20.48 7.52
CA ILE B 398 -12.94 -19.23 6.79
C ILE B 398 -11.58 -19.32 6.11
N ARG B 399 -11.52 -19.01 4.79
CA ARG B 399 -10.29 -19.10 4.00
C ARG B 399 -10.00 -17.80 3.29
N ILE B 400 -8.97 -17.06 3.76
CA ILE B 400 -8.56 -15.77 3.17
C ILE B 400 -7.36 -16.05 2.28
N GLN B 401 -7.62 -16.37 1.00
CA GLN B 401 -6.59 -16.69 -0.02
C GLN B 401 -5.95 -15.43 -0.67
N PHE B 402 -4.68 -15.16 -0.33
CA PHE B 402 -3.89 -14.01 -0.79
C PHE B 402 -3.47 -14.16 -2.23
N LYS B 403 -3.09 -13.06 -2.92
CA LYS B 403 -2.64 -13.08 -4.32
C LYS B 403 -1.38 -13.95 -4.52
N ASP B 404 -1.30 -14.59 -5.69
CA ASP B 404 -0.19 -15.44 -6.09
C ASP B 404 1.05 -14.52 -6.34
N GLU B 405 2.22 -14.83 -5.70
CA GLU B 405 3.49 -14.09 -5.87
C GLU B 405 4.28 -14.73 -7.03
N ILE B 406 4.06 -14.19 -8.25
CA ILE B 406 4.50 -14.59 -9.58
C ILE B 406 6.03 -14.80 -9.69
N ARG B 407 6.80 -13.78 -9.34
CA ARG B 407 8.25 -13.81 -9.44
C ARG B 407 8.88 -13.62 -8.05
N PRO B 408 10.09 -14.15 -7.75
CA PRO B 408 11.00 -14.92 -8.62
C PRO B 408 10.79 -16.42 -8.60
N PHE B 409 9.79 -16.90 -7.83
CA PHE B 409 9.56 -18.33 -7.57
C PHE B 409 8.66 -19.08 -8.56
N GLY B 410 7.83 -18.36 -9.30
CA GLY B 410 6.95 -18.95 -10.31
C GLY B 410 6.11 -20.11 -9.79
N GLU B 411 6.19 -21.27 -10.48
CA GLU B 411 5.44 -22.48 -10.13
C GLU B 411 5.94 -23.16 -8.82
N SER B 412 7.15 -22.81 -8.35
CA SER B 412 7.72 -23.29 -7.10
C SER B 412 6.94 -22.74 -5.89
N THR B 413 5.96 -21.88 -6.14
CA THR B 413 5.16 -21.31 -5.08
C THR B 413 3.67 -21.37 -5.48
N GLN B 414 2.78 -20.96 -4.56
CA GLN B 414 1.32 -20.96 -4.68
C GLN B 414 0.72 -20.02 -3.61
N ARG B 415 -0.43 -19.38 -3.93
CA ARG B 415 -1.17 -18.46 -3.07
C ARG B 415 -1.11 -18.82 -1.60
N ASN B 416 -0.80 -17.85 -0.75
CA ASN B 416 -0.83 -18.08 0.69
C ASN B 416 -2.29 -17.95 1.10
N GLU B 417 -2.71 -18.68 2.13
CA GLU B 417 -4.07 -18.52 2.59
C GLU B 417 -4.14 -18.64 4.07
N LEU B 418 -4.78 -17.63 4.70
CA LEU B 418 -5.00 -17.63 6.14
C LEU B 418 -6.29 -18.42 6.37
N VAL B 419 -6.18 -19.50 7.14
CA VAL B 419 -7.31 -20.38 7.42
C VAL B 419 -7.70 -20.30 8.92
N ILE B 420 -8.98 -19.94 9.17
CA ILE B 420 -9.55 -19.92 10.52
C ILE B 420 -10.65 -20.98 10.57
N ARG B 421 -10.39 -22.09 11.29
CA ARG B 421 -11.35 -23.19 11.43
C ARG B 421 -12.04 -23.08 12.78
N ALA B 422 -13.37 -22.77 12.73
CA ALA B 422 -14.21 -22.53 13.90
C ALA B 422 -14.73 -23.82 14.56
N GLN B 423 -14.63 -24.97 13.84
CA GLN B 423 -14.98 -26.36 14.18
C GLN B 423 -14.58 -27.28 12.99
N PRO B 424 -14.15 -28.54 13.18
CA PRO B 424 -14.06 -29.33 14.43
C PRO B 424 -13.00 -28.84 15.39
N SER B 425 -11.70 -29.01 15.10
CA SER B 425 -10.70 -28.53 16.05
C SER B 425 -10.47 -27.05 15.86
N GLU B 426 -10.80 -26.25 16.89
CA GLU B 426 -10.64 -24.79 16.83
C GLU B 426 -9.16 -24.50 16.62
N ALA B 427 -8.87 -23.93 15.45
CA ALA B 427 -7.50 -23.62 15.04
C ALA B 427 -7.46 -22.45 14.04
N MET B 428 -6.30 -21.81 13.99
CA MET B 428 -5.97 -20.73 13.08
C MET B 428 -4.60 -21.05 12.56
N TYR B 429 -4.46 -21.09 11.23
CA TYR B 429 -3.18 -21.41 10.57
C TYR B 429 -3.00 -20.67 9.25
N LEU B 430 -1.80 -20.14 9.06
CA LEU B 430 -1.44 -19.40 7.87
C LEU B 430 -0.62 -20.32 6.99
N LYS B 431 -1.14 -20.64 5.80
CA LYS B 431 -0.42 -21.51 4.85
C LYS B 431 0.60 -20.66 4.07
N LEU B 432 1.85 -21.14 4.01
CA LEU B 432 3.01 -20.44 3.48
C LEU B 432 3.94 -21.35 2.65
N THR B 433 4.79 -20.78 1.79
CA THR B 433 5.77 -21.54 0.99
C THR B 433 7.16 -21.34 1.58
N ALA B 434 7.84 -22.46 1.83
CA ALA B 434 9.15 -22.49 2.44
C ALA B 434 10.07 -23.49 1.75
N LYS B 435 11.39 -23.30 1.93
CA LYS B 435 12.43 -24.17 1.39
C LYS B 435 12.28 -25.54 2.04
N THR B 436 12.35 -26.62 1.22
CA THR B 436 12.30 -28.01 1.67
C THR B 436 13.42 -28.17 2.74
N PRO B 437 13.09 -28.44 4.03
CA PRO B 437 14.15 -28.55 5.05
C PRO B 437 15.13 -29.69 4.77
N GLY B 438 16.41 -29.37 4.81
CA GLY B 438 17.46 -30.35 4.57
C GLY B 438 18.51 -29.84 3.63
N LEU B 439 19.24 -30.78 3.02
CA LEU B 439 20.32 -30.55 2.04
C LEU B 439 19.68 -30.43 0.61
N LEU B 440 18.77 -29.43 0.46
CA LEU B 440 18.02 -29.22 -0.78
C LEU B 440 17.76 -27.78 -1.10
N ASN B 441 17.59 -27.46 -2.38
N ASN B 441 17.60 -27.52 -2.39
CA ASN B 441 17.20 -26.10 -2.78
CA ASN B 441 17.32 -26.25 -3.06
C ASN B 441 15.90 -26.15 -3.58
C ASN B 441 15.92 -26.37 -3.73
N ASP B 442 14.88 -26.81 -2.96
CA ASP B 442 13.53 -27.01 -3.47
C ASP B 442 12.50 -26.33 -2.52
N THR B 443 11.20 -26.24 -2.93
CA THR B 443 10.16 -25.60 -2.09
C THR B 443 9.12 -26.61 -1.65
N HIS B 444 8.29 -26.25 -0.65
CA HIS B 444 7.21 -27.09 -0.13
C HIS B 444 6.18 -26.21 0.56
N GLN B 445 4.88 -26.55 0.49
CA GLN B 445 3.91 -25.70 1.20
C GLN B 445 3.88 -26.15 2.65
N THR B 446 3.78 -25.19 3.57
CA THR B 446 3.79 -25.41 5.01
C THR B 446 2.76 -24.49 5.69
N GLU B 447 2.56 -24.70 7.02
CA GLU B 447 1.57 -23.96 7.81
C GLU B 447 2.20 -23.42 9.09
N LEU B 448 1.78 -22.23 9.54
CA LEU B 448 2.23 -21.65 10.79
C LEU B 448 0.99 -21.81 11.67
N ASP B 449 0.82 -23.01 12.26
CA ASP B 449 -0.42 -23.33 12.97
C ASP B 449 -0.47 -22.95 14.44
N LEU B 450 -1.68 -22.74 14.95
CA LEU B 450 -2.04 -22.49 16.35
C LEU B 450 -3.33 -23.30 16.62
N THR B 451 -3.16 -24.48 17.28
CA THR B 451 -4.26 -25.40 17.62
C THR B 451 -4.69 -25.20 19.08
N TYR B 452 -5.91 -24.63 19.24
CA TYR B 452 -6.50 -24.26 20.53
C TYR B 452 -6.56 -25.43 21.54
N GLU B 453 -6.72 -26.69 21.12
N GLU B 453 -6.72 -26.69 21.06
CA GLU B 453 -6.77 -27.79 22.09
CA GLU B 453 -6.77 -27.93 21.84
C GLU B 453 -5.36 -28.23 22.51
C GLU B 453 -5.41 -28.19 22.46
N ARG B 454 -4.35 -28.06 21.61
CA ARG B 454 -2.95 -28.32 21.92
C ARG B 454 -2.33 -27.28 22.85
N ARG B 455 -2.41 -25.98 22.43
CA ARG B 455 -1.86 -24.80 23.13
C ARG B 455 -2.59 -24.43 24.41
N TYR B 456 -3.92 -24.21 24.31
CA TYR B 456 -4.73 -23.83 25.46
C TYR B 456 -5.38 -25.03 26.04
N ASP B 457 -5.23 -25.19 27.32
CA ASP B 457 -5.75 -26.39 27.94
C ASP B 457 -6.99 -25.99 28.85
N VAL B 458 -7.91 -25.19 28.22
CA VAL B 458 -9.19 -24.63 28.73
C VAL B 458 -10.43 -25.25 28.03
N THR B 459 -11.47 -25.53 28.81
CA THR B 459 -12.74 -26.13 28.36
C THR B 459 -13.67 -25.04 27.86
N LEU B 460 -13.48 -24.60 26.60
CA LEU B 460 -14.22 -23.51 25.91
C LEU B 460 -15.77 -23.59 26.00
N PRO B 461 -16.50 -22.47 26.25
CA PRO B 461 -17.97 -22.57 26.40
C PRO B 461 -18.74 -22.78 25.10
N ASP B 462 -19.99 -23.27 25.26
CA ASP B 462 -20.95 -23.48 24.19
C ASP B 462 -21.42 -22.08 23.80
N ALA B 463 -21.59 -21.82 22.48
CA ALA B 463 -22.01 -20.53 21.91
C ALA B 463 -23.07 -19.83 22.75
N TYR B 464 -24.07 -20.58 23.23
CA TYR B 464 -25.20 -20.11 24.00
C TYR B 464 -24.88 -19.63 25.41
N GLU B 465 -23.75 -20.09 26.01
CA GLU B 465 -23.36 -19.62 27.35
C GLU B 465 -22.98 -18.16 27.27
N SER B 466 -22.11 -17.84 26.31
CA SER B 466 -21.64 -16.48 26.08
C SER B 466 -22.81 -15.54 25.81
N LEU B 467 -23.62 -15.86 24.79
CA LEU B 467 -24.78 -15.06 24.38
C LEU B 467 -25.74 -14.74 25.54
N ILE B 468 -26.24 -15.78 26.25
CA ILE B 468 -27.19 -15.60 27.36
C ILE B 468 -26.57 -14.70 28.42
N HIS B 469 -25.27 -14.91 28.71
CA HIS B 469 -24.53 -14.12 29.67
C HIS B 469 -24.47 -12.67 29.22
N GLU B 470 -24.02 -12.42 27.97
CA GLU B 470 -23.92 -11.11 27.35
C GLU B 470 -25.26 -10.37 27.36
N ALA B 471 -26.38 -11.11 27.21
CA ALA B 471 -27.74 -10.56 27.23
C ALA B 471 -28.15 -10.13 28.63
N LEU B 472 -27.62 -10.79 29.68
CA LEU B 472 -27.91 -10.47 31.08
C LEU B 472 -27.19 -9.17 31.49
N LEU B 473 -26.03 -8.94 30.83
CA LEU B 473 -25.18 -7.77 31.00
C LEU B 473 -25.66 -6.59 30.14
N GLY B 474 -26.33 -6.89 29.04
CA GLY B 474 -26.89 -5.88 28.15
C GLY B 474 -25.97 -5.51 27.02
N ASN B 475 -25.23 -6.50 26.51
CA ASN B 475 -24.29 -6.26 25.42
C ASN B 475 -24.90 -6.66 24.09
N SER B 476 -25.48 -5.66 23.43
CA SER B 476 -26.17 -5.85 22.17
C SER B 476 -25.25 -6.16 20.98
N THR B 477 -23.90 -6.18 21.17
CA THR B 477 -22.89 -6.47 20.12
C THR B 477 -23.11 -7.80 19.37
N ASN B 478 -23.20 -8.93 20.11
CA ASN B 478 -23.35 -10.25 19.50
C ASN B 478 -24.79 -10.64 19.20
N PHE B 479 -25.63 -9.61 18.96
CA PHE B 479 -27.06 -9.75 18.64
C PHE B 479 -27.39 -9.01 17.38
N VAL B 480 -28.20 -9.63 16.53
CA VAL B 480 -28.59 -9.08 15.23
C VAL B 480 -29.46 -7.82 15.43
N ARG B 481 -29.09 -6.72 14.74
CA ARG B 481 -29.84 -5.45 14.77
C ARG B 481 -30.90 -5.55 13.67
N VAL B 482 -31.95 -4.70 13.71
CA VAL B 482 -33.02 -4.81 12.71
C VAL B 482 -32.49 -4.48 11.32
N ASP B 483 -31.72 -3.41 11.19
CA ASP B 483 -31.14 -3.02 9.91
C ASP B 483 -30.13 -4.04 9.44
N GLU B 484 -29.43 -4.68 10.38
CA GLU B 484 -28.40 -5.73 10.18
C GLU B 484 -29.09 -7.00 9.65
N LEU B 485 -30.38 -7.20 10.04
CA LEU B 485 -31.22 -8.33 9.64
C LEU B 485 -31.72 -8.07 8.25
N ASP B 486 -32.15 -6.82 8.00
CA ASP B 486 -32.68 -6.40 6.71
C ASP B 486 -31.58 -6.47 5.67
N ALA B 487 -30.41 -5.88 5.98
CA ALA B 487 -29.27 -5.81 5.09
C ALA B 487 -28.87 -7.21 4.62
N ALA B 488 -29.08 -8.22 5.50
CA ALA B 488 -28.78 -9.62 5.23
C ALA B 488 -29.83 -10.21 4.30
N TRP B 489 -31.12 -10.03 4.60
CA TRP B 489 -32.23 -10.55 3.78
C TRP B 489 -32.21 -10.04 2.36
N ARG B 490 -31.84 -8.76 2.19
CA ARG B 490 -31.77 -8.08 0.91
C ARG B 490 -30.74 -8.67 -0.05
N ILE B 491 -29.78 -9.44 0.45
CA ILE B 491 -28.76 -10.11 -0.37
C ILE B 491 -29.39 -11.33 -1.10
N TYR B 492 -30.06 -12.18 -0.33
CA TYR B 492 -30.58 -13.45 -0.80
C TYR B 492 -32.03 -13.44 -1.30
N THR B 493 -32.91 -12.50 -0.87
CA THR B 493 -34.33 -12.47 -1.28
C THR B 493 -34.53 -12.62 -2.82
N PRO B 494 -33.86 -11.82 -3.71
CA PRO B 494 -34.03 -12.05 -5.17
C PRO B 494 -33.65 -13.47 -5.63
N LEU B 495 -32.53 -14.03 -5.08
CA LEU B 495 -32.04 -15.37 -5.40
C LEU B 495 -33.02 -16.43 -4.91
N LEU B 496 -33.49 -16.26 -3.66
CA LEU B 496 -34.46 -17.13 -2.99
C LEU B 496 -35.74 -17.24 -3.78
N HIS B 497 -36.25 -16.09 -4.27
CA HIS B 497 -37.45 -15.99 -5.09
C HIS B 497 -37.27 -16.72 -6.42
N ALA B 498 -36.13 -16.49 -7.11
CA ALA B 498 -35.77 -17.14 -8.38
C ALA B 498 -35.83 -18.66 -8.18
N ILE B 499 -35.19 -19.16 -7.09
CA ILE B 499 -35.17 -20.56 -6.67
C ILE B 499 -36.59 -21.09 -6.51
N ASP B 500 -37.44 -20.39 -5.71
CA ASP B 500 -38.83 -20.75 -5.43
C ASP B 500 -39.76 -20.68 -6.64
N ARG B 501 -39.39 -19.87 -7.67
CA ARG B 501 -40.13 -19.75 -8.92
C ARG B 501 -39.74 -20.92 -9.85
N GLY B 502 -38.73 -21.71 -9.44
CA GLY B 502 -38.23 -22.87 -10.17
C GLY B 502 -37.22 -22.52 -11.26
N GLU B 503 -36.72 -21.28 -11.20
CA GLU B 503 -35.78 -20.75 -12.19
C GLU B 503 -34.36 -21.32 -12.05
N VAL B 504 -33.98 -21.77 -10.85
CA VAL B 504 -32.63 -22.29 -10.56
C VAL B 504 -32.64 -23.82 -10.42
N LYS B 505 -31.73 -24.51 -11.15
CA LYS B 505 -31.61 -25.96 -11.15
C LYS B 505 -31.02 -26.48 -9.87
N VAL B 506 -31.65 -27.54 -9.29
CA VAL B 506 -31.21 -28.19 -8.05
C VAL B 506 -30.68 -29.60 -8.37
N LEU B 507 -29.34 -29.70 -8.49
CA LEU B 507 -28.61 -30.92 -8.87
C LEU B 507 -28.58 -32.01 -7.80
N PRO B 508 -28.64 -33.32 -8.18
CA PRO B 508 -28.58 -34.38 -7.17
C PRO B 508 -27.14 -34.78 -6.86
N TYR B 509 -26.87 -35.13 -5.59
CA TYR B 509 -25.53 -35.56 -5.15
C TYR B 509 -25.66 -36.64 -4.08
N ALA B 510 -24.78 -37.66 -4.12
CA ALA B 510 -24.74 -38.80 -3.19
C ALA B 510 -24.48 -38.35 -1.74
N ALA B 511 -25.28 -38.87 -0.75
CA ALA B 511 -25.16 -38.49 0.67
C ALA B 511 -23.88 -39.01 1.34
N GLY B 512 -22.97 -38.09 1.64
CA GLY B 512 -21.66 -38.40 2.19
C GLY B 512 -20.55 -38.11 1.20
N SER B 513 -20.90 -37.63 -0.01
CA SER B 513 -19.90 -37.25 -1.02
C SER B 513 -19.44 -35.81 -0.80
N CYS B 514 -18.60 -35.30 -1.69
CA CYS B 514 -18.09 -33.94 -1.63
C CYS B 514 -19.16 -32.90 -2.07
N GLY B 515 -20.22 -33.36 -2.75
CA GLY B 515 -21.31 -32.54 -3.28
C GLY B 515 -21.39 -32.62 -4.80
N PRO B 516 -22.25 -31.83 -5.51
CA PRO B 516 -22.28 -31.91 -6.99
C PRO B 516 -20.99 -31.43 -7.66
N GLU B 517 -20.60 -32.12 -8.75
CA GLU B 517 -19.40 -31.89 -9.57
C GLU B 517 -19.31 -30.43 -10.07
N GLU B 518 -20.46 -29.91 -10.52
CA GLU B 518 -20.67 -28.58 -11.07
C GLU B 518 -20.20 -27.48 -10.10
N ALA B 519 -20.39 -27.73 -8.78
CA ALA B 519 -20.03 -26.82 -7.68
C ALA B 519 -18.52 -26.61 -7.58
N GLN B 520 -17.72 -27.69 -7.55
CA GLN B 520 -16.27 -27.59 -7.45
C GLN B 520 -15.69 -26.81 -8.67
N GLU B 521 -16.29 -27.04 -9.86
CA GLU B 521 -15.89 -26.37 -11.11
C GLU B 521 -16.19 -24.89 -11.02
N PHE B 522 -17.40 -24.54 -10.55
CA PHE B 522 -17.87 -23.17 -10.32
C PHE B 522 -16.96 -22.43 -9.33
N ILE B 523 -16.53 -23.11 -8.23
CA ILE B 523 -15.61 -22.55 -7.24
C ILE B 523 -14.29 -22.18 -7.92
N ARG B 524 -13.78 -23.04 -8.83
CA ARG B 524 -12.55 -22.79 -9.58
C ARG B 524 -12.72 -21.56 -10.46
N ILE B 525 -13.83 -21.47 -11.21
CA ILE B 525 -14.21 -20.37 -12.10
C ILE B 525 -14.41 -19.07 -11.30
N SER B 526 -14.99 -19.19 -10.08
CA SER B 526 -15.27 -18.07 -9.17
C SER B 526 -14.00 -17.39 -8.65
N GLY B 527 -12.85 -18.03 -8.81
CA GLY B 527 -11.57 -17.45 -8.43
C GLY B 527 -10.76 -18.19 -7.41
N TYR B 528 -11.30 -19.31 -6.88
CA TYR B 528 -10.59 -20.07 -5.85
C TYR B 528 -9.63 -21.10 -6.44
N LYS B 529 -8.40 -21.19 -5.88
CA LYS B 529 -7.34 -22.09 -6.35
C LYS B 529 -6.99 -23.27 -5.37
N THR B 530 -5.65 -23.52 -5.15
CA THR B 530 -4.90 -24.56 -4.37
C THR B 530 -5.48 -26.02 -4.62
N THR B 531 -4.54 -26.92 -5.01
CA THR B 531 -4.61 -28.33 -5.45
C THR B 531 -5.10 -29.39 -4.37
N ASN B 532 -6.02 -28.98 -3.44
CA ASN B 532 -6.60 -29.77 -2.32
C ASN B 532 -7.32 -31.11 -2.72
N GLY B 533 -6.53 -32.16 -3.02
CA GLY B 533 -7.01 -33.50 -3.34
C GLY B 533 -7.37 -34.26 -2.08
N ASN B 534 -8.31 -33.68 -1.31
CA ASN B 534 -8.76 -34.07 0.02
C ASN B 534 -9.29 -35.48 0.17
N ALA B 535 -10.24 -35.90 -0.70
CA ALA B 535 -10.91 -37.20 -0.60
C ALA B 535 -10.70 -38.04 -1.87
N TYR B 536 -11.39 -39.20 -1.96
CA TYR B 536 -11.38 -40.10 -3.14
C TYR B 536 -12.15 -39.36 -4.24
N LYS B 537 -13.29 -38.75 -3.85
CA LYS B 537 -14.20 -37.95 -4.65
C LYS B 537 -13.51 -36.60 -5.01
N CYS B 538 -13.11 -35.82 -3.96
CA CYS B 538 -12.48 -34.49 -3.99
C CYS B 538 -11.16 -34.43 -4.75
N SER B 539 -10.85 -33.21 -5.28
CA SER B 539 -9.64 -32.84 -6.03
C SER B 539 -9.52 -31.31 -6.13
N VAL C 38 21.58 -49.28 13.40
CA VAL C 38 21.44 -49.85 12.06
C VAL C 38 22.56 -49.37 11.09
N CYS C 39 22.83 -50.14 10.01
CA CYS C 39 23.82 -49.78 8.99
C CYS C 39 23.46 -50.26 7.60
N GLU C 40 23.04 -49.31 6.75
CA GLU C 40 22.61 -49.56 5.36
C GLU C 40 23.54 -48.93 4.31
N ARG C 41 23.41 -49.41 3.06
CA ARG C 41 24.12 -49.07 1.83
C ARG C 41 24.18 -47.57 1.51
N ILE C 42 25.37 -47.08 1.05
CA ILE C 42 25.54 -45.68 0.60
C ILE C 42 25.20 -45.59 -0.90
N PRO C 43 24.18 -44.78 -1.29
CA PRO C 43 23.82 -44.74 -2.72
C PRO C 43 24.74 -43.85 -3.52
N ASP C 44 24.83 -44.10 -4.84
CA ASP C 44 25.70 -43.30 -5.71
C ASP C 44 24.94 -42.15 -6.37
N ALA C 45 24.39 -41.27 -5.51
CA ALA C 45 23.63 -40.09 -5.90
C ALA C 45 24.53 -38.84 -6.07
N VAL C 46 25.84 -39.06 -6.29
CA VAL C 46 26.81 -37.98 -6.54
C VAL C 46 26.46 -37.36 -7.91
N SER C 47 26.31 -36.01 -7.96
CA SER C 47 25.90 -35.26 -9.14
C SER C 47 26.64 -35.67 -10.42
N PRO C 48 25.89 -35.86 -11.54
CA PRO C 48 26.50 -36.32 -12.81
C PRO C 48 27.74 -35.58 -13.32
N GLU C 49 27.91 -34.29 -12.93
CA GLU C 49 29.08 -33.50 -13.31
C GLU C 49 30.36 -34.06 -12.66
N LEU C 50 30.26 -34.34 -11.34
CA LEU C 50 31.34 -34.86 -10.51
C LEU C 50 31.73 -36.32 -10.86
N ARG C 51 30.89 -36.99 -11.68
CA ARG C 51 31.03 -38.39 -12.07
C ARG C 51 32.07 -38.65 -13.17
N SER C 52 31.97 -37.93 -14.30
CA SER C 52 32.83 -38.08 -15.47
C SER C 52 34.32 -37.94 -15.18
N ARG C 53 34.73 -36.88 -14.46
CA ARG C 53 36.11 -36.54 -14.13
C ARG C 53 36.47 -36.84 -12.67
N ALA C 54 37.76 -37.00 -12.41
CA ALA C 54 38.29 -37.28 -11.09
C ALA C 54 37.97 -36.17 -10.06
N LEU C 55 38.15 -36.49 -8.77
CA LEU C 55 37.94 -35.52 -7.70
C LEU C 55 39.01 -35.61 -6.62
N THR C 56 39.50 -34.43 -6.25
CA THR C 56 40.52 -34.22 -5.25
C THR C 56 40.12 -33.02 -4.40
N ILE C 57 39.89 -33.25 -3.11
CA ILE C 57 39.53 -32.21 -2.16
C ILE C 57 40.74 -32.02 -1.24
N VAL C 58 41.53 -30.97 -1.47
CA VAL C 58 42.71 -30.71 -0.65
C VAL C 58 42.34 -29.82 0.52
N VAL C 59 42.53 -30.32 1.74
CA VAL C 59 42.26 -29.56 2.94
C VAL C 59 43.60 -29.02 3.47
N LEU C 60 43.97 -27.81 2.97
CA LEU C 60 45.19 -27.14 3.39
C LEU C 60 44.94 -26.56 4.74
N GLY C 61 45.67 -27.08 5.71
CA GLY C 61 45.50 -26.76 7.12
C GLY C 61 44.65 -27.84 7.75
N ALA C 62 45.07 -29.12 7.52
CA ALA C 62 44.39 -30.35 7.97
C ALA C 62 44.55 -30.65 9.44
N SER C 63 45.65 -30.16 10.02
CA SER C 63 45.97 -30.32 11.44
C SER C 63 45.09 -29.38 12.26
N GLY C 64 44.89 -28.17 11.72
CA GLY C 64 44.11 -27.07 12.28
C GLY C 64 42.79 -27.47 12.92
N ASP C 65 42.36 -26.66 13.89
CA ASP C 65 41.14 -26.83 14.68
C ASP C 65 39.87 -26.90 13.88
N LEU C 66 39.73 -26.03 12.86
CA LEU C 66 38.56 -25.96 11.97
C LEU C 66 38.40 -27.21 11.14
N ALA C 67 39.45 -27.66 10.45
CA ALA C 67 39.37 -28.85 9.63
C ALA C 67 38.97 -30.09 10.45
N LYS C 68 39.71 -30.39 11.56
CA LYS C 68 39.45 -31.56 12.42
C LYS C 68 38.06 -31.52 13.10
N LYS C 69 37.50 -30.32 13.36
CA LYS C 69 36.20 -30.12 14.02
C LYS C 69 35.00 -29.93 13.09
N LYS C 70 35.18 -29.25 11.94
CA LYS C 70 34.06 -28.91 11.04
C LYS C 70 34.21 -29.44 9.61
N THR C 71 35.39 -29.25 8.94
CA THR C 71 35.63 -29.66 7.54
C THR C 71 35.58 -31.17 7.38
N PHE C 72 36.52 -31.88 8.00
CA PHE C 72 36.55 -33.31 7.88
C PHE C 72 35.21 -33.90 8.28
N PRO C 73 34.61 -33.57 9.47
CA PRO C 73 33.30 -34.16 9.81
C PRO C 73 32.22 -33.97 8.75
N ALA C 74 32.14 -32.75 8.10
CA ALA C 74 31.18 -32.43 7.03
C ALA C 74 31.41 -33.30 5.78
N LEU C 75 32.71 -33.60 5.53
CA LEU C 75 33.17 -34.39 4.40
C LEU C 75 32.67 -35.82 4.54
N PHE C 76 32.65 -36.34 5.79
CA PHE C 76 32.17 -37.67 6.12
C PHE C 76 30.70 -37.78 5.82
N GLN C 77 29.93 -36.78 6.26
CA GLN C 77 28.50 -36.75 6.04
C GLN C 77 28.14 -36.63 4.56
N LEU C 78 28.91 -35.87 3.77
CA LEU C 78 28.63 -35.78 2.33
C LEU C 78 28.92 -37.11 1.63
N TYR C 79 29.89 -37.86 2.14
CA TYR C 79 30.29 -39.18 1.62
C TYR C 79 29.17 -40.20 1.91
N CYS C 80 28.67 -40.19 3.16
CA CYS C 80 27.60 -41.05 3.65
C CYS C 80 26.32 -40.82 2.87
N ASN C 81 26.12 -39.57 2.45
CA ASN C 81 24.97 -39.14 1.65
C ASN C 81 25.09 -39.67 0.22
N GLY C 82 26.28 -40.15 -0.14
CA GLY C 82 26.60 -40.60 -1.49
C GLY C 82 26.51 -39.43 -2.44
N MET C 83 26.98 -38.24 -1.98
CA MET C 83 26.99 -36.96 -2.70
C MET C 83 28.38 -36.66 -3.25
N LEU C 84 29.39 -37.42 -2.76
CA LEU C 84 30.78 -37.37 -3.19
C LEU C 84 31.03 -38.63 -3.99
N PRO C 85 31.84 -38.61 -5.09
CA PRO C 85 32.12 -39.88 -5.81
C PRO C 85 32.73 -40.93 -4.90
N ARG C 86 32.44 -42.20 -5.14
CA ARG C 86 32.97 -43.28 -4.30
C ARG C 86 34.50 -43.27 -4.17
N ASP C 87 35.19 -42.88 -5.28
CA ASP C 87 36.65 -42.78 -5.44
C ASP C 87 37.20 -41.33 -5.27
N VAL C 88 36.64 -40.57 -4.31
CA VAL C 88 37.06 -39.21 -4.02
C VAL C 88 38.40 -39.18 -3.26
N ASN C 89 39.18 -38.10 -3.36
CA ASN C 89 40.49 -38.02 -2.72
C ASN C 89 40.66 -36.82 -1.79
N ILE C 90 40.46 -37.03 -0.50
CA ILE C 90 40.62 -35.94 0.48
C ILE C 90 42.09 -35.94 0.92
N LEU C 91 42.81 -34.88 0.59
CA LEU C 91 44.22 -34.77 0.95
C LEU C 91 44.45 -33.70 1.98
N GLY C 92 44.92 -34.12 3.13
CA GLY C 92 45.28 -33.19 4.19
C GLY C 92 46.70 -32.70 3.98
N TYR C 93 46.86 -31.39 3.78
CA TYR C 93 48.18 -30.79 3.64
C TYR C 93 48.40 -29.87 4.85
N ALA C 94 49.48 -30.07 5.63
CA ALA C 94 49.77 -29.20 6.80
C ALA C 94 51.26 -29.11 7.09
N ARG C 95 51.71 -28.13 7.89
CA ARG C 95 53.11 -28.00 8.29
C ARG C 95 53.44 -29.06 9.36
N SER C 96 52.46 -29.37 10.25
CA SER C 96 52.61 -30.36 11.33
C SER C 96 53.14 -31.72 10.83
N THR C 97 53.76 -32.50 11.70
CA THR C 97 54.29 -33.81 11.32
C THR C 97 53.54 -34.95 12.06
N MET C 98 53.20 -36.04 11.33
CA MET C 98 52.49 -37.17 11.93
C MET C 98 53.35 -38.38 11.82
N GLU C 99 53.47 -39.14 12.93
CA GLU C 99 54.19 -40.41 12.99
C GLU C 99 53.27 -41.52 12.43
N ASP C 100 52.02 -41.51 12.87
CA ASP C 100 50.98 -42.44 12.49
C ASP C 100 49.77 -41.60 12.04
N VAL C 101 49.58 -41.53 10.72
CA VAL C 101 48.48 -40.80 10.08
C VAL C 101 47.20 -41.56 10.33
N GLU C 102 47.24 -42.89 10.22
CA GLU C 102 46.10 -43.76 10.42
C GLU C 102 45.51 -43.67 11.83
N LYS C 103 46.37 -43.45 12.86
CA LYS C 103 45.97 -43.27 14.26
C LYS C 103 45.26 -41.92 14.40
N TRP C 104 45.85 -40.84 13.84
CA TRP C 104 45.27 -39.51 13.86
C TRP C 104 43.92 -39.52 13.09
N LYS C 105 43.83 -40.34 12.03
CA LYS C 105 42.62 -40.52 11.24
C LYS C 105 41.48 -41.19 12.03
N LYS C 106 41.72 -42.33 12.68
CA LYS C 106 40.65 -43.00 13.41
C LYS C 106 40.40 -42.41 14.80
N ASP C 107 41.45 -41.94 15.49
CA ASP C 107 41.30 -41.45 16.86
C ASP C 107 40.97 -39.97 16.95
N THR C 108 41.76 -39.11 16.28
CA THR C 108 41.55 -37.67 16.32
C THR C 108 40.38 -37.30 15.42
N LEU C 109 40.62 -37.34 14.10
CA LEU C 109 39.68 -37.03 13.02
C LEU C 109 38.28 -37.65 13.19
N ALA C 110 38.22 -39.00 13.29
CA ALA C 110 37.00 -39.77 13.41
C ALA C 110 36.21 -39.50 14.68
N GLY C 111 36.88 -39.08 15.75
CA GLY C 111 36.23 -38.75 17.01
C GLY C 111 35.23 -37.60 16.91
N PHE C 112 35.36 -36.81 15.83
CA PHE C 112 34.52 -35.66 15.56
C PHE C 112 33.29 -35.94 14.67
N PHE C 113 33.21 -37.15 14.07
CA PHE C 113 32.06 -37.56 13.23
C PHE C 113 30.85 -37.78 14.15
N THR C 114 29.65 -37.34 13.70
CA THR C 114 28.45 -37.26 14.54
C THR C 114 27.43 -38.43 14.45
N ARG C 115 26.71 -38.60 13.30
CA ARG C 115 25.71 -39.68 13.19
C ARG C 115 26.44 -40.99 13.15
N LEU C 116 26.46 -41.74 14.27
CA LEU C 116 27.23 -42.99 14.32
C LEU C 116 26.36 -44.19 14.70
N ASP C 117 25.08 -43.90 15.00
CA ASP C 117 24.06 -44.89 15.35
C ASP C 117 23.35 -45.32 14.06
N GLU C 118 23.67 -44.62 12.94
CA GLU C 118 23.13 -44.89 11.61
C GLU C 118 24.26 -45.02 10.59
N ARG C 119 25.34 -44.23 10.79
CA ARG C 119 26.46 -44.14 9.84
C ARG C 119 27.84 -44.55 10.40
N GLY C 120 27.86 -45.08 11.62
CA GLY C 120 29.09 -45.50 12.30
C GLY C 120 29.98 -46.48 11.56
N CYS C 121 29.40 -47.40 10.79
CA CYS C 121 30.11 -48.42 10.02
C CYS C 121 30.93 -47.83 8.87
N HIS C 122 30.40 -46.79 8.26
CA HIS C 122 30.98 -46.09 7.13
C HIS C 122 32.27 -45.34 7.46
N VAL C 123 32.56 -45.11 8.77
CA VAL C 123 33.79 -44.40 9.21
C VAL C 123 35.04 -45.00 8.55
N GLY C 124 35.10 -46.33 8.48
CA GLY C 124 36.20 -47.09 7.89
C GLY C 124 36.43 -46.76 6.43
N ASN C 125 35.42 -47.09 5.59
CA ASN C 125 35.42 -46.88 4.13
C ASN C 125 35.78 -45.44 3.78
N PHE C 126 35.17 -44.47 4.54
CA PHE C 126 35.39 -43.04 4.37
C PHE C 126 36.86 -42.66 4.63
N LEU C 127 37.37 -42.95 5.86
CA LEU C 127 38.74 -42.65 6.30
C LEU C 127 39.79 -43.17 5.34
N ARG C 128 39.45 -44.28 4.66
CA ARG C 128 40.28 -44.96 3.65
C ARG C 128 40.58 -44.02 2.41
N ARG C 129 39.78 -42.88 2.26
CA ARG C 129 39.92 -41.87 1.19
C ARG C 129 40.82 -40.71 1.59
N ILE C 130 40.88 -40.41 2.90
CA ILE C 130 41.73 -39.34 3.44
C ILE C 130 43.20 -39.79 3.48
N SER C 131 44.10 -38.92 3.02
CA SER C 131 45.56 -39.12 2.98
C SER C 131 46.20 -37.81 3.48
N TYR C 132 47.45 -37.83 3.97
CA TYR C 132 48.05 -36.62 4.53
C TYR C 132 49.43 -36.28 3.93
N MET C 133 49.90 -35.01 4.12
CA MET C 133 51.25 -34.58 3.78
C MET C 133 51.69 -33.33 4.57
N THR C 134 52.94 -33.42 5.10
CA THR C 134 53.64 -32.39 5.87
C THR C 134 54.38 -31.51 4.86
N GLY C 135 54.05 -30.24 4.84
CA GLY C 135 54.65 -29.29 3.93
C GLY C 135 54.42 -27.87 4.41
N SER C 136 55.41 -27.00 4.15
CA SER C 136 55.40 -25.58 4.52
C SER C 136 54.38 -24.80 3.67
N TYR C 137 53.88 -23.69 4.19
CA TYR C 137 52.93 -22.92 3.41
C TYR C 137 53.63 -21.75 2.67
N ASP C 138 54.91 -21.97 2.22
CA ASP C 138 55.69 -20.93 1.50
C ASP C 138 56.74 -21.46 0.50
N ARG C 139 57.38 -22.63 0.78
CA ARG C 139 58.43 -23.23 -0.07
C ARG C 139 57.82 -23.97 -1.30
N ASP C 140 58.14 -23.49 -2.54
CA ASP C 140 57.60 -23.96 -3.85
C ASP C 140 57.74 -25.48 -4.09
N GLU C 141 58.76 -26.11 -3.46
CA GLU C 141 59.08 -27.55 -3.54
C GLU C 141 57.96 -28.37 -3.00
N ASP C 142 57.38 -27.91 -1.90
CA ASP C 142 56.29 -28.55 -1.21
C ASP C 142 54.99 -28.41 -1.98
N PHE C 143 54.91 -27.38 -2.87
CA PHE C 143 53.75 -27.11 -3.71
C PHE C 143 53.80 -27.97 -4.97
N ALA C 144 55.04 -28.27 -5.42
CA ALA C 144 55.32 -29.17 -6.55
C ALA C 144 55.03 -30.58 -6.04
N ARG C 145 55.39 -30.81 -4.75
CA ARG C 145 55.18 -32.05 -4.01
C ARG C 145 53.68 -32.27 -3.74
N LEU C 146 52.87 -31.19 -3.59
CA LEU C 146 51.43 -31.36 -3.41
C LEU C 146 50.87 -31.78 -4.77
N ASN C 147 51.09 -30.94 -5.82
CA ASN C 147 50.69 -31.18 -7.23
C ASN C 147 51.00 -32.60 -7.64
N GLU C 148 52.24 -33.04 -7.33
CA GLU C 148 52.75 -34.38 -7.59
C GLU C 148 51.75 -35.41 -7.17
N ARG C 149 51.25 -35.33 -5.90
CA ARG C 149 50.29 -36.29 -5.33
C ARG C 149 49.01 -36.32 -6.12
N ILE C 150 48.50 -35.09 -6.43
CA ILE C 150 47.23 -34.76 -7.11
C ILE C 150 47.17 -35.33 -8.53
N LEU C 151 48.23 -35.12 -9.35
CA LEU C 151 48.23 -35.66 -10.72
C LEU C 151 48.10 -37.17 -10.69
N ARG C 152 48.96 -37.81 -9.90
CA ARG C 152 49.04 -39.26 -9.67
C ARG C 152 47.71 -39.85 -9.18
N MET C 153 46.91 -39.11 -8.36
CA MET C 153 45.60 -39.53 -7.87
C MET C 153 44.60 -39.56 -9.02
N GLU C 154 44.64 -38.54 -9.90
CA GLU C 154 43.75 -38.47 -11.07
C GLU C 154 44.24 -39.38 -12.21
N GLU C 155 45.51 -39.82 -12.13
CA GLU C 155 46.13 -40.78 -13.05
C GLU C 155 45.49 -42.16 -12.76
N ALA C 156 45.13 -42.42 -11.47
CA ALA C 156 44.53 -43.67 -10.98
C ALA C 156 43.00 -43.78 -11.21
N PHE C 157 42.37 -42.71 -11.72
CA PHE C 157 40.93 -42.64 -12.02
C PHE C 157 40.56 -43.59 -13.17
N GLN C 158 39.44 -44.32 -13.01
CA GLN C 158 38.95 -45.31 -13.96
C GLN C 158 37.72 -44.85 -14.77
N GLY C 159 37.47 -43.54 -14.79
CA GLY C 159 36.29 -42.99 -15.44
C GLY C 159 36.43 -42.49 -16.87
N PRO C 160 35.37 -41.82 -17.36
CA PRO C 160 35.38 -41.34 -18.76
C PRO C 160 36.40 -40.25 -19.12
N GLU C 161 36.38 -39.13 -18.37
CA GLU C 161 37.17 -37.92 -18.63
C GLU C 161 38.60 -37.93 -18.08
N LYS C 162 39.52 -37.30 -18.86
CA LYS C 162 40.94 -37.15 -18.59
C LYS C 162 41.20 -35.97 -17.64
N GLY C 163 42.26 -36.08 -16.84
CA GLY C 163 42.63 -35.08 -15.85
C GLY C 163 41.81 -35.28 -14.60
N GLY C 164 41.50 -34.18 -13.92
CA GLY C 164 40.73 -34.25 -12.69
C GLY C 164 40.37 -32.90 -12.11
N ASN C 165 39.31 -32.86 -11.29
CA ASN C 165 38.83 -31.62 -10.68
C ASN C 165 39.51 -31.44 -9.32
N ARG C 166 39.88 -30.17 -9.00
CA ARG C 166 40.63 -29.81 -7.80
C ARG C 166 40.00 -28.74 -6.87
N LEU C 167 39.42 -29.16 -5.71
CA LEU C 167 38.83 -28.21 -4.75
C LEU C 167 39.81 -28.05 -3.59
N PHE C 168 40.31 -26.80 -3.35
CA PHE C 168 41.25 -26.48 -2.27
C PHE C 168 40.57 -25.73 -1.13
N TYR C 169 40.47 -26.37 0.04
CA TYR C 169 39.90 -25.80 1.25
C TYR C 169 41.07 -25.23 2.06
N LEU C 170 41.14 -23.90 2.13
CA LEU C 170 42.23 -23.20 2.82
C LEU C 170 41.84 -22.79 4.23
N ALA C 171 41.87 -23.78 5.15
CA ALA C 171 41.56 -23.58 6.56
C ALA C 171 42.89 -23.37 7.30
N LEU C 172 43.56 -22.29 6.94
CA LEU C 172 44.89 -21.94 7.43
C LEU C 172 44.91 -20.51 8.03
N PRO C 173 45.93 -20.17 8.89
CA PRO C 173 45.99 -18.79 9.47
C PRO C 173 45.97 -17.65 8.44
N PRO C 174 45.52 -16.42 8.81
CA PRO C 174 45.54 -15.30 7.82
C PRO C 174 46.96 -14.83 7.54
N SER C 175 47.88 -15.23 8.45
CA SER C 175 49.31 -14.97 8.47
C SER C 175 50.05 -15.63 7.28
N VAL C 176 49.49 -16.71 6.71
CA VAL C 176 50.10 -17.46 5.61
C VAL C 176 49.26 -17.54 4.33
N PHE C 177 48.10 -16.88 4.32
CA PHE C 177 47.09 -16.93 3.25
C PHE C 177 47.63 -16.63 1.86
N VAL C 178 48.16 -15.42 1.65
CA VAL C 178 48.68 -15.01 0.35
C VAL C 178 49.86 -15.96 -0.13
N GLY C 179 50.63 -16.50 0.83
CA GLY C 179 51.74 -17.43 0.59
C GLY C 179 51.30 -18.71 -0.07
N VAL C 180 50.14 -19.25 0.38
CA VAL C 180 49.50 -20.45 -0.16
C VAL C 180 48.80 -20.15 -1.46
N CYS C 181 48.12 -18.98 -1.57
CA CYS C 181 47.45 -18.57 -2.79
C CYS C 181 48.41 -18.44 -3.97
N ARG C 182 49.58 -17.81 -3.72
CA ARG C 182 50.64 -17.61 -4.72
C ARG C 182 51.31 -18.94 -5.07
N GLY C 183 51.45 -19.80 -4.08
CA GLY C 183 52.06 -21.12 -4.22
C GLY C 183 51.21 -22.11 -5.00
N LEU C 184 49.89 -22.13 -4.72
CA LEU C 184 48.93 -23.01 -5.41
C LEU C 184 48.73 -22.52 -6.84
N SER C 185 48.55 -21.19 -7.02
CA SER C 185 48.41 -20.59 -8.34
C SER C 185 49.66 -20.84 -9.23
N LYS C 186 50.88 -20.97 -8.63
CA LYS C 186 52.09 -21.28 -9.39
C LYS C 186 52.07 -22.75 -9.79
N GLY C 187 52.32 -23.62 -8.82
CA GLY C 187 52.38 -25.07 -8.99
C GLY C 187 51.08 -25.81 -9.31
N ALA C 188 50.49 -26.48 -8.27
CA ALA C 188 49.30 -27.36 -8.23
C ALA C 188 48.01 -26.77 -8.82
N MET C 189 48.07 -26.44 -10.11
CA MET C 189 46.99 -25.92 -10.91
C MET C 189 46.66 -26.96 -12.00
N GLN C 190 45.35 -27.26 -12.18
CA GLN C 190 44.94 -28.21 -13.21
C GLN C 190 45.07 -27.54 -14.58
N LYS C 191 45.68 -28.28 -15.53
CA LYS C 191 45.89 -27.84 -16.91
C LYS C 191 44.54 -27.50 -17.58
N PRO C 192 44.49 -26.51 -18.52
CA PRO C 192 43.20 -26.15 -19.15
C PRO C 192 42.62 -27.30 -19.97
N GLU C 193 41.27 -27.42 -19.97
CA GLU C 193 40.46 -28.46 -20.65
C GLU C 193 40.62 -29.83 -19.96
N LEU C 194 41.16 -29.84 -18.72
CA LEU C 194 41.41 -31.07 -17.96
C LEU C 194 40.80 -31.05 -16.54
N GLY C 195 39.90 -30.09 -16.30
CA GLY C 195 39.20 -29.95 -15.04
C GLY C 195 39.21 -28.56 -14.43
N TRP C 196 38.35 -28.37 -13.40
CA TRP C 196 38.24 -27.09 -12.67
C TRP C 196 39.04 -27.06 -11.38
N VAL C 197 39.45 -25.85 -10.98
CA VAL C 197 40.11 -25.58 -9.71
C VAL C 197 39.24 -24.53 -8.99
N ARG C 198 38.90 -24.81 -7.74
CA ARG C 198 38.09 -23.92 -6.94
C ARG C 198 38.77 -23.77 -5.57
N LEU C 199 38.69 -22.57 -4.97
CA LEU C 199 39.33 -22.22 -3.68
C LEU C 199 38.28 -21.84 -2.63
N ILE C 200 38.08 -22.68 -1.61
CA ILE C 200 37.20 -22.29 -0.52
C ILE C 200 38.08 -21.52 0.44
N VAL C 201 37.91 -20.22 0.43
CA VAL C 201 38.72 -19.42 1.32
C VAL C 201 37.90 -19.13 2.57
N GLU C 202 38.50 -19.41 3.69
CA GLU C 202 37.93 -19.18 4.98
C GLU C 202 38.26 -17.74 5.41
N LYS C 203 37.55 -17.23 6.41
CA LYS C 203 37.81 -15.90 6.98
C LYS C 203 39.05 -15.94 7.96
N PRO C 204 39.62 -14.82 8.45
CA PRO C 204 39.22 -13.41 8.28
C PRO C 204 39.62 -12.81 6.92
N PHE C 205 38.87 -11.78 6.51
CA PHE C 205 39.14 -11.07 5.27
C PHE C 205 39.61 -9.62 5.58
N GLY C 206 40.77 -9.51 6.22
CA GLY C 206 41.35 -8.23 6.62
C GLY C 206 40.80 -7.72 7.92
N ARG C 207 41.32 -6.61 8.41
CA ARG C 207 40.79 -6.11 9.66
C ARG C 207 40.01 -4.79 9.45
N ASP C 208 39.95 -4.32 8.18
CA ASP C 208 39.24 -3.12 7.71
C ASP C 208 39.09 -3.15 6.19
N THR C 209 38.46 -2.10 5.60
CA THR C 209 38.22 -1.99 4.16
C THR C 209 39.55 -1.84 3.39
N GLU C 210 40.53 -1.10 3.94
CA GLU C 210 41.86 -0.91 3.32
C GLU C 210 42.65 -2.21 3.29
N THR C 211 42.61 -2.94 4.41
CA THR C 211 43.28 -4.23 4.63
C THR C 211 42.73 -5.25 3.67
N SER C 212 41.39 -5.37 3.62
CA SER C 212 40.68 -6.30 2.75
C SER C 212 40.93 -5.98 1.27
N GLU C 213 40.91 -4.66 0.88
CA GLU C 213 41.14 -4.19 -0.49
C GLU C 213 42.44 -4.76 -1.02
N GLN C 214 43.54 -4.50 -0.26
CA GLN C 214 44.90 -4.96 -0.52
C GLN C 214 44.90 -6.46 -0.81
N LEU C 215 44.32 -7.25 0.12
CA LEU C 215 44.23 -8.72 0.04
C LEU C 215 43.49 -9.19 -1.21
N SER C 216 42.39 -8.52 -1.57
CA SER C 216 41.62 -8.88 -2.75
C SER C 216 42.41 -8.60 -4.04
N ASN C 217 43.20 -7.49 -4.04
CA ASN C 217 44.06 -7.13 -5.16
C ASN C 217 45.20 -8.14 -5.26
N GLN C 218 45.68 -8.65 -4.10
CA GLN C 218 46.75 -9.67 -4.01
C GLN C 218 46.36 -10.99 -4.67
N LEU C 219 45.04 -11.29 -4.73
CA LEU C 219 44.47 -12.50 -5.33
C LEU C 219 43.99 -12.35 -6.76
N LYS C 220 43.72 -11.08 -7.21
CA LYS C 220 43.26 -10.75 -8.57
C LYS C 220 44.08 -11.45 -9.68
N PRO C 221 45.44 -11.35 -9.71
CA PRO C 221 46.19 -12.05 -10.76
C PRO C 221 46.21 -13.57 -10.59
N LEU C 222 46.28 -14.02 -9.34
CA LEU C 222 46.38 -15.42 -8.93
C LEU C 222 45.19 -16.27 -9.38
N PHE C 223 43.94 -15.79 -9.17
CA PHE C 223 42.72 -16.52 -9.52
C PHE C 223 41.61 -15.60 -10.04
N ASN C 224 40.73 -16.14 -10.90
CA ASN C 224 39.54 -15.47 -11.42
C ASN C 224 38.53 -15.55 -10.31
N GLU C 225 37.67 -14.51 -10.12
CA GLU C 225 36.68 -14.52 -9.02
C GLU C 225 35.84 -15.81 -8.98
N ARG C 226 35.42 -16.31 -10.17
CA ARG C 226 34.65 -17.54 -10.39
C ARG C 226 35.23 -18.77 -9.62
N GLN C 227 36.56 -18.87 -9.57
CA GLN C 227 37.29 -19.92 -8.85
C GLN C 227 37.24 -19.72 -7.33
N VAL C 228 37.17 -18.47 -6.87
CA VAL C 228 37.16 -18.13 -5.45
C VAL C 228 35.77 -18.35 -4.83
N PHE C 229 35.78 -19.02 -3.67
CA PHE C 229 34.59 -19.34 -2.89
C PHE C 229 34.79 -18.88 -1.43
N ARG C 230 34.50 -17.57 -1.20
CA ARG C 230 34.65 -16.92 0.11
C ARG C 230 33.56 -17.46 1.04
N ILE C 231 33.98 -18.21 2.05
CA ILE C 231 33.01 -18.85 2.93
C ILE C 231 32.66 -18.05 4.21
N ASP C 232 31.36 -17.81 4.35
CA ASP C 232 30.65 -17.24 5.50
C ASP C 232 29.64 -18.35 5.71
N HIS C 233 29.94 -19.25 6.66
CA HIS C 233 29.14 -20.44 6.90
C HIS C 233 27.69 -20.16 7.37
N TYR C 234 27.38 -18.90 7.75
CA TYR C 234 26.04 -18.51 8.17
C TYR C 234 25.04 -18.80 7.08
N LEU C 235 25.48 -18.65 5.79
CA LEU C 235 24.74 -18.86 4.51
C LEU C 235 24.37 -20.31 4.24
N GLY C 236 24.83 -21.19 5.13
CA GLY C 236 24.57 -22.61 5.05
C GLY C 236 23.60 -23.06 6.11
N LYS C 237 23.21 -22.15 7.02
CA LYS C 237 22.29 -22.48 8.11
C LYS C 237 20.89 -22.61 7.55
N GLU C 238 20.14 -23.66 7.97
CA GLU C 238 18.80 -23.92 7.46
C GLU C 238 17.88 -22.66 7.43
N MET C 239 17.76 -21.90 8.56
CA MET C 239 16.90 -20.71 8.63
C MET C 239 17.39 -19.52 7.84
N VAL C 240 18.73 -19.39 7.70
CA VAL C 240 19.37 -18.32 6.93
C VAL C 240 19.07 -18.50 5.43
N GLN C 241 19.00 -19.75 4.99
CA GLN C 241 18.65 -20.10 3.61
C GLN C 241 17.17 -19.76 3.29
N ASN C 242 16.23 -20.05 4.22
CA ASN C 242 14.82 -19.73 4.02
C ASN C 242 14.50 -18.22 4.02
N ILE C 243 15.48 -17.33 4.36
CA ILE C 243 15.22 -15.87 4.34
C ILE C 243 14.72 -15.39 2.95
N ILE C 244 15.34 -15.89 1.87
CA ILE C 244 14.98 -15.54 0.49
C ILE C 244 13.61 -16.10 0.06
N VAL C 245 13.28 -17.34 0.48
CA VAL C 245 12.02 -18.01 0.15
C VAL C 245 10.86 -17.41 0.93
N THR C 246 11.01 -17.27 2.26
CA THR C 246 9.97 -16.75 3.10
C THR C 246 9.60 -15.30 2.70
N ARG C 247 10.54 -14.52 2.12
CA ARG C 247 10.13 -13.17 1.77
C ARG C 247 9.80 -12.97 0.25
N PHE C 248 10.14 -13.91 -0.64
CA PHE C 248 9.79 -13.65 -2.05
C PHE C 248 8.90 -14.76 -2.70
N ALA C 249 8.43 -15.71 -1.88
CA ALA C 249 7.53 -16.77 -2.36
C ALA C 249 6.13 -16.53 -1.78
N ASN C 250 6.09 -15.79 -0.68
CA ASN C 250 4.89 -15.48 0.07
C ASN C 250 4.46 -14.01 -0.07
N ARG C 251 3.21 -13.81 -0.54
CA ARG C 251 2.55 -12.51 -0.68
C ARG C 251 2.35 -11.88 0.69
N VAL C 252 2.07 -12.74 1.74
CA VAL C 252 1.84 -12.37 3.13
C VAL C 252 3.00 -11.56 3.68
N PHE C 253 4.24 -12.04 3.48
CA PHE C 253 5.42 -11.33 3.96
C PHE C 253 5.91 -10.30 2.98
N SER C 254 5.71 -10.52 1.67
CA SER C 254 6.11 -9.58 0.63
C SER C 254 5.44 -8.22 0.79
N ALA C 255 4.12 -8.22 1.01
CA ALA C 255 3.32 -7.02 1.16
C ALA C 255 3.65 -6.21 2.45
N LEU C 256 4.20 -6.91 3.46
CA LEU C 256 4.55 -6.34 4.77
C LEU C 256 6.01 -5.89 4.88
N TRP C 257 6.89 -6.38 3.97
CA TRP C 257 8.33 -6.09 4.04
C TRP C 257 8.72 -4.68 3.50
N ASN C 258 8.32 -3.63 4.24
CA ASN C 258 8.57 -2.22 3.91
C ASN C 258 8.34 -1.33 5.14
N SER C 259 8.77 -0.05 5.08
CA SER C 259 8.68 0.93 6.16
C SER C 259 7.27 1.18 6.69
N ASN C 260 6.23 1.00 5.85
CA ASN C 260 4.82 1.23 6.19
C ASN C 260 4.28 0.25 7.22
N SER C 261 4.75 -1.02 7.18
CA SER C 261 4.32 -2.12 8.08
C SER C 261 5.33 -2.45 9.21
N ILE C 262 6.66 -2.39 8.92
CA ILE C 262 7.73 -2.72 9.88
C ILE C 262 8.19 -1.52 10.67
N ALA C 263 8.16 -1.66 12.00
CA ALA C 263 8.56 -0.64 12.97
C ALA C 263 10.02 -0.77 13.42
N CYS C 264 10.58 -1.99 13.41
CA CYS C 264 11.95 -2.25 13.89
C CYS C 264 12.47 -3.65 13.47
N VAL C 265 13.78 -3.80 13.19
CA VAL C 265 14.33 -5.11 12.86
C VAL C 265 15.54 -5.43 13.75
N GLN C 266 15.49 -6.57 14.47
CA GLN C 266 16.56 -6.99 15.39
C GLN C 266 17.23 -8.34 15.05
N ILE C 267 18.54 -8.28 14.78
CA ILE C 267 19.41 -9.43 14.50
C ILE C 267 20.23 -9.70 15.78
N THR C 268 20.05 -10.91 16.39
CA THR C 268 20.68 -11.30 17.65
C THR C 268 21.60 -12.54 17.57
N PHE C 269 22.83 -12.37 18.05
CA PHE C 269 23.80 -13.43 18.20
C PHE C 269 24.14 -13.40 19.70
N LYS C 270 23.99 -14.54 20.35
CA LYS C 270 24.25 -14.75 21.78
C LYS C 270 25.03 -16.04 21.93
N GLU C 271 26.04 -16.01 22.80
CA GLU C 271 26.91 -17.15 23.05
C GLU C 271 27.14 -17.32 24.55
N LYS C 272 26.81 -18.50 25.10
CA LYS C 272 26.99 -18.74 26.53
C LYS C 272 28.48 -18.77 26.87
N ILE C 273 29.31 -19.28 25.92
CA ILE C 273 30.77 -19.39 26.09
C ILE C 273 31.52 -18.09 25.79
N GLY C 274 32.71 -17.96 26.36
CA GLY C 274 33.61 -16.83 26.17
C GLY C 274 34.70 -17.19 25.18
N THR C 275 35.87 -16.53 25.31
CA THR C 275 37.05 -16.76 24.45
C THR C 275 37.81 -18.00 25.00
N GLU C 276 37.66 -18.26 26.32
CA GLU C 276 38.26 -19.37 27.05
C GLU C 276 39.80 -19.33 26.89
N GLY C 277 40.44 -20.46 26.55
CA GLY C 277 41.90 -20.60 26.41
C GLY C 277 42.58 -19.74 25.38
N ARG C 278 41.91 -19.49 24.22
CA ARG C 278 42.42 -18.67 23.12
C ARG C 278 41.69 -17.33 23.05
N GLY C 279 42.30 -16.31 23.65
CA GLY C 279 41.78 -14.96 23.77
C GLY C 279 42.60 -13.89 23.07
N GLY C 280 43.94 -14.02 23.14
CA GLY C 280 44.86 -13.09 22.50
C GLY C 280 44.63 -12.96 21.00
N TYR C 281 44.17 -14.08 20.41
CA TYR C 281 43.79 -14.26 19.02
C TYR C 281 42.50 -13.44 18.75
N PHE C 282 41.53 -13.50 19.69
CA PHE C 282 40.28 -12.76 19.61
C PHE C 282 40.52 -11.26 19.87
N ASP C 283 41.52 -10.94 20.72
CA ASP C 283 41.91 -9.56 21.08
C ASP C 283 42.15 -8.66 19.85
N SER C 284 42.79 -9.22 18.82
CA SER C 284 43.10 -8.56 17.55
C SER C 284 41.89 -8.49 16.63
N ILE C 285 40.83 -9.28 16.90
CA ILE C 285 39.64 -9.33 16.05
C ILE C 285 38.48 -8.53 16.63
N GLY C 286 37.96 -8.94 17.79
CA GLY C 286 36.81 -8.31 18.43
C GLY C 286 35.47 -8.77 17.88
N ILE C 287 34.39 -8.58 18.67
CA ILE C 287 33.03 -9.03 18.34
C ILE C 287 32.48 -8.48 16.98
N ILE C 288 32.78 -7.20 16.63
CA ILE C 288 32.31 -6.58 15.38
C ILE C 288 32.93 -7.26 14.16
N ARG C 289 34.27 -7.39 14.13
CA ARG C 289 35.02 -8.02 13.03
C ARG C 289 34.75 -9.51 12.91
N ASP C 290 34.56 -10.21 14.05
CA ASP C 290 34.41 -11.65 14.14
C ASP C 290 33.04 -12.20 13.76
N VAL C 291 31.97 -11.42 14.00
CA VAL C 291 30.59 -11.90 13.82
C VAL C 291 29.71 -10.92 13.01
N ILE C 292 29.53 -9.69 13.54
CA ILE C 292 28.72 -8.65 12.93
C ILE C 292 29.11 -8.40 11.47
N GLN C 293 30.37 -7.87 11.22
CA GLN C 293 30.89 -7.53 9.87
C GLN C 293 30.59 -8.60 8.83
N ASN C 294 30.81 -9.88 9.18
CA ASN C 294 30.60 -11.02 8.30
C ASN C 294 29.19 -11.59 8.44
N HIS C 295 29.03 -12.55 9.37
CA HIS C 295 27.82 -13.31 9.66
C HIS C 295 26.54 -12.49 9.69
N LEU C 296 26.45 -11.48 10.58
CA LEU C 296 25.18 -10.79 10.75
C LEU C 296 24.90 -9.73 9.69
N THR C 297 25.95 -9.17 9.02
CA THR C 297 25.70 -8.21 7.95
C THR C 297 25.13 -9.02 6.80
N GLN C 298 25.48 -10.33 6.78
CA GLN C 298 25.03 -11.27 5.77
C GLN C 298 23.54 -11.46 5.88
N ILE C 299 23.05 -11.76 7.11
CA ILE C 299 21.61 -11.90 7.40
C ILE C 299 20.94 -10.55 6.97
N LEU C 300 21.50 -9.44 7.47
CA LEU C 300 21.04 -8.10 7.16
C LEU C 300 20.83 -7.88 5.68
N SER C 301 21.76 -8.36 4.81
CA SER C 301 21.68 -8.19 3.36
C SER C 301 20.49 -8.92 2.80
N LEU C 302 20.27 -10.13 3.32
CA LEU C 302 19.20 -10.99 2.86
C LEU C 302 17.84 -10.49 3.27
N LEU C 303 17.76 -9.90 4.46
CA LEU C 303 16.56 -9.34 5.08
C LEU C 303 16.05 -8.05 4.39
N THR C 304 17.00 -7.25 3.85
CA THR C 304 16.77 -5.91 3.31
C THR C 304 16.76 -5.77 1.80
N MET C 305 17.40 -6.70 1.13
CA MET C 305 17.52 -6.70 -0.32
C MET C 305 16.18 -6.66 -1.08
N GLU C 306 16.19 -6.17 -2.33
CA GLU C 306 14.96 -6.13 -3.13
C GLU C 306 14.86 -7.47 -3.82
N LYS C 307 13.66 -7.79 -4.31
CA LYS C 307 13.39 -9.06 -4.99
C LYS C 307 14.39 -9.27 -6.15
N PRO C 308 15.15 -10.40 -6.13
CA PRO C 308 16.11 -10.65 -7.21
C PRO C 308 15.47 -10.79 -8.61
N ARG C 309 16.19 -10.31 -9.69
CA ARG C 309 15.67 -10.36 -11.07
C ARG C 309 15.28 -11.78 -11.44
N SER C 310 16.15 -12.73 -11.11
CA SER C 310 16.02 -14.18 -11.30
C SER C 310 16.48 -14.85 -9.98
N LEU C 311 16.41 -16.20 -9.90
CA LEU C 311 16.96 -16.91 -8.75
C LEU C 311 18.41 -17.34 -9.04
N SER C 312 19.01 -16.78 -10.12
CA SER C 312 20.40 -17.02 -10.52
C SER C 312 21.36 -16.64 -9.38
N ALA C 313 22.57 -17.22 -9.38
CA ALA C 313 23.60 -16.93 -8.36
C ALA C 313 23.94 -15.46 -8.31
N GLU C 314 24.35 -14.87 -9.44
CA GLU C 314 24.70 -13.46 -9.48
C GLU C 314 23.51 -12.53 -9.38
N ASP C 315 22.30 -12.95 -9.85
CA ASP C 315 21.06 -12.15 -9.69
C ASP C 315 20.73 -11.92 -8.22
N ILE C 316 20.96 -12.96 -7.39
CA ILE C 316 20.78 -12.95 -5.94
C ILE C 316 21.88 -12.10 -5.28
N ARG C 317 23.15 -12.39 -5.61
CA ARG C 317 24.34 -11.70 -5.10
C ARG C 317 24.37 -10.17 -5.43
N ASP C 318 23.77 -9.77 -6.58
CA ASP C 318 23.69 -8.39 -7.05
C ASP C 318 22.83 -7.55 -6.15
N GLU C 319 21.74 -8.14 -5.64
CA GLU C 319 20.81 -7.42 -4.78
C GLU C 319 21.39 -7.30 -3.38
N LYS C 320 22.17 -8.33 -2.97
CA LYS C 320 22.87 -8.34 -1.69
C LYS C 320 23.84 -7.16 -1.64
N VAL C 321 24.70 -7.02 -2.65
CA VAL C 321 25.64 -5.90 -2.65
C VAL C 321 24.91 -4.56 -2.76
N GLN C 322 23.91 -4.46 -3.66
CA GLN C 322 23.09 -3.27 -3.89
C GLN C 322 22.53 -2.62 -2.60
N VAL C 323 22.03 -3.47 -1.68
CA VAL C 323 21.47 -3.00 -0.41
C VAL C 323 22.57 -2.62 0.61
N LEU C 324 23.72 -3.35 0.67
CA LEU C 324 24.80 -2.99 1.59
C LEU C 324 25.48 -1.69 1.12
N ARG C 325 25.28 -1.37 -0.16
CA ARG C 325 25.80 -0.15 -0.76
C ARG C 325 24.94 1.06 -0.31
N GLN C 326 23.77 0.78 0.27
CA GLN C 326 22.86 1.81 0.74
C GLN C 326 22.83 1.91 2.26
N VAL C 327 23.50 0.96 2.97
CA VAL C 327 23.59 0.95 4.43
C VAL C 327 24.50 2.12 4.79
N VAL C 328 24.04 2.97 5.71
CA VAL C 328 24.85 4.10 6.19
C VAL C 328 25.92 3.50 7.12
N PRO C 329 27.18 3.98 7.04
CA PRO C 329 28.22 3.43 7.91
C PRO C 329 27.93 3.67 9.38
N ALA C 330 28.15 2.64 10.22
CA ALA C 330 27.92 2.72 11.65
C ALA C 330 28.68 3.87 12.30
N ASN C 331 27.93 4.72 12.98
CA ASN C 331 28.43 5.87 13.71
C ASN C 331 28.67 5.43 15.17
N PRO C 332 29.82 5.86 15.74
CA PRO C 332 30.16 5.49 17.12
C PRO C 332 29.14 5.84 18.22
N ALA C 333 28.46 6.99 18.10
CA ALA C 333 27.47 7.43 19.09
C ALA C 333 26.25 6.53 19.14
N GLU C 334 25.96 5.79 18.02
CA GLU C 334 24.82 4.86 17.89
C GLU C 334 25.27 3.41 18.05
N CYS C 335 25.91 3.10 19.19
CA CYS C 335 26.37 1.75 19.54
C CYS C 335 26.78 1.62 21.02
N VAL C 336 26.72 0.39 21.57
CA VAL C 336 27.10 0.05 22.94
C VAL C 336 28.12 -1.12 22.90
N LEU C 337 29.26 -0.99 23.61
CA LEU C 337 30.26 -2.06 23.63
C LEU C 337 30.49 -2.60 25.02
N GLY C 338 30.75 -3.90 25.10
CA GLY C 338 31.02 -4.59 26.35
C GLY C 338 32.27 -5.44 26.30
N GLN C 339 32.75 -5.84 27.49
CA GLN C 339 33.90 -6.74 27.70
C GLN C 339 33.58 -7.51 28.98
N TYR C 340 33.42 -8.85 28.85
CA TYR C 340 33.03 -9.70 29.96
C TYR C 340 34.07 -9.73 31.12
N THR C 341 33.53 -9.70 32.34
CA THR C 341 34.19 -9.71 33.64
C THR C 341 33.83 -11.09 34.20
N ALA C 342 34.54 -11.58 35.25
CA ALA C 342 34.27 -12.88 35.87
C ALA C 342 32.82 -13.02 36.34
N SER C 343 32.27 -14.23 36.24
CA SER C 343 30.90 -14.56 36.64
C SER C 343 30.78 -14.56 38.18
N ALA C 344 29.55 -14.33 38.70
CA ALA C 344 29.27 -14.35 40.16
C ALA C 344 29.76 -15.66 40.78
N ASP C 345 29.51 -16.80 40.09
CA ASP C 345 29.93 -18.17 40.47
C ASP C 345 31.45 -18.37 40.39
N GLY C 346 32.13 -17.59 39.54
CA GLY C 346 33.57 -17.65 39.34
C GLY C 346 34.02 -18.69 38.33
N SER C 347 33.08 -19.54 37.86
CA SER C 347 33.33 -20.63 36.89
C SER C 347 33.87 -20.10 35.57
N THR C 348 33.38 -18.93 35.14
CA THR C 348 33.85 -18.28 33.94
C THR C 348 34.81 -17.16 34.38
N PRO C 349 36.13 -17.27 34.07
CA PRO C 349 37.05 -16.19 34.48
C PRO C 349 36.88 -14.95 33.60
N GLY C 350 37.37 -13.81 34.07
CA GLY C 350 37.30 -12.55 33.35
C GLY C 350 38.03 -12.63 32.02
N TYR C 351 37.61 -11.80 31.05
CA TYR C 351 38.24 -11.77 29.72
C TYR C 351 39.74 -11.49 29.82
N LEU C 352 40.09 -10.45 30.60
CA LEU C 352 41.46 -10.01 30.82
C LEU C 352 42.27 -11.00 31.66
N ASP C 353 41.57 -11.80 32.49
CA ASP C 353 42.14 -12.84 33.37
C ASP C 353 42.69 -14.06 32.57
N ASP C 354 43.08 -13.82 31.31
CA ASP C 354 43.62 -14.75 30.35
C ASP C 354 45.06 -14.33 30.11
N PRO C 355 46.07 -15.24 30.23
CA PRO C 355 47.47 -14.84 29.99
C PRO C 355 47.71 -14.37 28.56
N SER C 356 47.01 -14.97 27.57
CA SER C 356 47.10 -14.65 26.14
C SER C 356 46.50 -13.27 25.84
N VAL C 357 45.52 -12.82 26.66
CA VAL C 357 44.89 -11.51 26.51
C VAL C 357 45.87 -10.40 26.95
N PRO C 358 46.27 -9.49 26.02
CA PRO C 358 47.21 -8.40 26.37
C PRO C 358 46.77 -7.57 27.57
N LYS C 359 47.75 -7.21 28.44
CA LYS C 359 47.54 -6.42 29.65
C LYS C 359 46.87 -5.07 29.34
N GLY C 360 45.77 -4.79 30.04
CA GLY C 360 45.01 -3.55 29.89
C GLY C 360 44.29 -3.40 28.56
N SER C 361 43.80 -4.51 28.00
CA SER C 361 43.07 -4.50 26.72
C SER C 361 41.67 -3.91 26.88
N HIS C 362 41.13 -3.37 25.77
CA HIS C 362 39.80 -2.80 25.72
C HIS C 362 38.98 -3.40 24.56
N CYS C 363 39.29 -4.66 24.20
CA CYS C 363 38.63 -5.40 23.12
C CYS C 363 37.17 -5.72 23.41
N PRO C 364 36.21 -5.26 22.57
CA PRO C 364 34.80 -5.58 22.83
C PRO C 364 34.42 -7.03 22.54
N THR C 365 33.83 -7.70 23.55
CA THR C 365 33.36 -9.08 23.49
C THR C 365 31.86 -9.05 23.23
N PHE C 366 31.27 -7.85 23.28
CA PHE C 366 29.85 -7.56 23.08
C PHE C 366 29.64 -6.24 22.37
N ALA C 367 28.69 -6.20 21.44
CA ALA C 367 28.30 -5.00 20.72
C ALA C 367 26.82 -5.00 20.33
N VAL C 368 26.16 -3.84 20.46
CA VAL C 368 24.82 -3.56 19.99
C VAL C 368 24.91 -2.28 19.16
N LEU C 369 24.44 -2.36 17.91
CA LEU C 369 24.49 -1.31 16.93
C LEU C 369 23.11 -0.98 16.40
N ARG C 370 22.89 0.30 16.01
CA ARG C 370 21.66 0.77 15.36
C ARG C 370 22.12 1.20 13.99
N LEU C 371 21.76 0.42 12.95
CA LEU C 371 22.10 0.69 11.55
C LEU C 371 20.91 1.28 10.78
N HIS C 372 21.18 2.06 9.70
CA HIS C 372 20.14 2.67 8.88
C HIS C 372 20.31 2.36 7.40
N VAL C 373 19.30 1.74 6.78
CA VAL C 373 19.34 1.45 5.33
C VAL C 373 18.68 2.66 4.60
N ASN C 374 19.46 3.32 3.75
CA ASN C 374 19.02 4.54 3.10
C ASN C 374 18.37 4.31 1.72
N ASN C 375 17.16 3.79 1.74
CA ASN C 375 16.37 3.60 0.53
C ASN C 375 14.90 3.74 0.91
N ASP C 376 14.01 3.96 -0.07
CA ASP C 376 12.59 4.16 0.17
C ASP C 376 11.87 2.92 0.77
N ARG C 377 12.55 1.74 0.87
CA ARG C 377 11.95 0.59 1.55
C ARG C 377 12.24 0.65 3.05
N TRP C 378 13.49 0.92 3.42
CA TRP C 378 13.94 0.91 4.81
C TRP C 378 14.16 2.26 5.44
N HIS C 379 13.58 3.30 4.83
CA HIS C 379 13.68 4.65 5.35
C HIS C 379 12.97 4.80 6.70
N GLY C 380 13.76 5.11 7.73
CA GLY C 380 13.26 5.26 9.08
C GLY C 380 13.39 3.99 9.90
N VAL C 381 13.16 2.80 9.31
CA VAL C 381 13.24 1.51 9.99
C VAL C 381 14.61 1.31 10.70
N PRO C 382 14.58 1.20 12.06
CA PRO C 382 15.84 0.92 12.80
C PRO C 382 16.26 -0.54 12.66
N PHE C 383 17.57 -0.75 12.51
CA PHE C 383 18.14 -2.08 12.39
C PHE C 383 19.05 -2.31 13.58
N ILE C 384 18.57 -3.05 14.58
CA ILE C 384 19.34 -3.28 15.80
C ILE C 384 20.13 -4.60 15.70
N ILE C 385 21.45 -4.48 15.56
CA ILE C 385 22.29 -5.68 15.47
C ILE C 385 23.00 -5.88 16.81
N ARG C 386 22.76 -7.04 17.40
CA ARG C 386 23.29 -7.43 18.69
C ARG C 386 24.21 -8.63 18.50
N ALA C 387 25.29 -8.71 19.32
CA ALA C 387 26.28 -9.79 19.28
C ALA C 387 27.15 -9.76 20.51
N GLY C 388 27.29 -10.91 21.17
CA GLY C 388 28.09 -11.03 22.38
C GLY C 388 28.41 -12.43 22.83
N LYS C 389 29.62 -12.57 23.40
CA LYS C 389 30.16 -13.82 23.97
C LYS C 389 30.02 -13.74 25.49
N ALA C 390 30.00 -14.91 26.18
CA ALA C 390 29.83 -15.04 27.63
C ALA C 390 28.53 -14.37 28.13
N LEU C 391 27.41 -14.64 27.44
CA LEU C 391 26.09 -14.13 27.77
C LEU C 391 25.21 -15.18 28.45
N GLU C 392 23.95 -14.84 28.73
CA GLU C 392 22.96 -15.67 29.42
C GLU C 392 22.52 -16.95 28.65
N GLU C 393 22.53 -16.94 27.32
CA GLU C 393 22.07 -18.08 26.52
C GLU C 393 22.73 -18.16 25.15
N ARG C 394 22.63 -19.33 24.50
CA ARG C 394 23.09 -19.51 23.12
C ARG C 394 21.88 -19.12 22.23
N LEU C 395 22.04 -18.15 21.29
CA LEU C 395 20.92 -17.72 20.46
C LEU C 395 21.27 -17.06 19.14
N LEU C 396 20.59 -17.48 18.06
CA LEU C 396 20.62 -16.84 16.76
C LEU C 396 19.17 -16.67 16.28
N ASP C 397 18.68 -15.42 16.27
CA ASP C 397 17.34 -15.14 15.83
C ASP C 397 17.25 -13.78 15.19
N ILE C 398 16.27 -13.65 14.31
CA ILE C 398 15.91 -12.48 13.52
C ILE C 398 14.51 -12.10 14.01
N ARG C 399 14.30 -10.82 14.32
CA ARG C 399 13.03 -10.31 14.83
C ARG C 399 12.51 -9.13 13.99
N ILE C 400 11.46 -9.38 13.20
CA ILE C 400 10.83 -8.37 12.35
C ILE C 400 9.58 -7.84 13.08
N GLN C 401 9.77 -6.80 13.91
CA GLN C 401 8.73 -6.14 14.71
C GLN C 401 7.91 -5.09 13.91
N PHE C 402 6.62 -5.45 13.62
CA PHE C 402 5.65 -4.66 12.86
C PHE C 402 5.12 -3.48 13.65
N LYS C 403 4.51 -2.48 13.00
CA LYS C 403 3.99 -1.28 13.65
C LYS C 403 2.88 -1.59 14.65
N ASP C 404 2.75 -0.77 15.70
N ASP C 404 2.74 -0.70 15.63
CA ASP C 404 1.69 -0.96 16.70
CA ASP C 404 1.76 -0.68 16.70
C ASP C 404 0.38 -0.45 16.08
C ASP C 404 0.34 -0.31 16.11
N GLU C 405 -0.66 -1.26 16.15
CA GLU C 405 -2.04 -1.00 15.64
C GLU C 405 -2.87 -0.33 16.76
N ILE C 406 -2.80 1.02 16.78
CA ILE C 406 -3.32 1.97 17.78
C ILE C 406 -4.81 1.80 18.11
N ARG C 407 -5.67 1.80 17.11
CA ARG C 407 -7.11 1.72 17.32
C ARG C 407 -7.64 0.48 16.60
N PRO C 408 -8.76 -0.16 17.03
CA PRO C 408 -9.64 0.20 18.17
C PRO C 408 -9.25 -0.43 19.47
N PHE C 409 -8.15 -1.22 19.50
CA PHE C 409 -7.72 -2.01 20.65
C PHE C 409 -6.80 -1.33 21.66
N GLY C 410 -6.14 -0.25 21.27
CA GLY C 410 -5.28 0.51 22.17
C GLY C 410 -4.25 -0.34 22.89
N GLU C 411 -4.22 -0.21 24.23
CA GLU C 411 -3.28 -0.96 25.09
C GLU C 411 -3.58 -2.48 25.15
N SER C 412 -4.78 -2.89 24.76
CA SER C 412 -5.20 -4.29 24.72
C SER C 412 -4.43 -5.05 23.64
N THR C 413 -3.61 -4.35 22.85
CA THR C 413 -2.82 -5.01 21.83
C THR C 413 -1.36 -4.52 21.94
N GLN C 414 -0.45 -5.09 21.14
CA GLN C 414 0.97 -4.78 21.11
C GLN C 414 1.58 -5.26 19.79
N ARG C 415 2.66 -4.56 19.32
CA ARG C 415 3.38 -4.84 18.07
C ARG C 415 3.47 -6.33 17.72
N ASN C 416 3.10 -6.69 16.48
CA ASN C 416 3.25 -8.06 16.01
C ASN C 416 4.71 -8.21 15.62
N GLU C 417 5.19 -9.42 15.64
CA GLU C 417 6.57 -9.69 15.35
C GLU C 417 6.71 -11.00 14.67
N LEU C 418 7.50 -11.02 13.62
CA LEU C 418 7.83 -12.27 12.92
C LEU C 418 9.22 -12.66 13.43
N VAL C 419 9.30 -13.83 14.07
CA VAL C 419 10.53 -14.31 14.66
C VAL C 419 11.03 -15.54 13.92
N ILE C 420 12.29 -15.46 13.40
CA ILE C 420 12.98 -16.56 12.73
C ILE C 420 14.18 -16.92 13.60
N ARG C 421 14.16 -18.10 14.26
CA ARG C 421 15.26 -18.53 15.13
C ARG C 421 16.10 -19.60 14.44
N ALA C 422 17.29 -19.21 14.01
CA ALA C 422 18.20 -20.04 13.23
C ALA C 422 18.95 -21.14 14.03
N GLN C 423 18.95 -20.98 15.39
CA GLN C 423 19.54 -21.83 16.45
C GLN C 423 19.16 -21.23 17.84
N PRO C 424 18.95 -22.01 18.92
CA PRO C 424 19.07 -23.46 19.07
C PRO C 424 18.05 -24.25 18.26
N SER C 425 16.74 -24.23 18.64
CA SER C 425 15.74 -25.00 17.90
C SER C 425 15.31 -24.24 16.68
N GLU C 426 15.54 -24.81 15.48
CA GLU C 426 15.16 -24.22 14.20
C GLU C 426 13.63 -24.00 14.19
N ALA C 427 13.21 -22.73 14.27
CA ALA C 427 11.79 -22.39 14.31
C ALA C 427 11.51 -21.03 13.69
N MET C 428 10.27 -20.88 13.20
CA MET C 428 9.74 -19.65 12.63
C MET C 428 8.37 -19.52 13.23
N TYR C 429 8.10 -18.34 13.84
CA TYR C 429 6.81 -18.06 14.49
C TYR C 429 6.43 -16.60 14.38
N LEU C 430 5.19 -16.36 14.03
CA LEU C 430 4.63 -15.02 13.93
C LEU C 430 3.81 -14.74 15.18
N LYS C 431 4.14 -13.66 15.89
CA LYS C 431 3.48 -13.25 17.13
C LYS C 431 2.34 -12.31 16.83
N LEU C 432 1.13 -12.64 17.34
CA LEU C 432 -0.07 -11.81 17.18
C LEU C 432 -1.00 -11.84 18.39
N THR C 433 -1.94 -10.90 18.40
CA THR C 433 -2.89 -10.68 19.47
C THR C 433 -4.26 -11.30 19.12
N ALA C 434 -4.78 -12.06 20.06
CA ALA C 434 -6.03 -12.76 19.92
C ALA C 434 -6.86 -12.68 21.20
N LYS C 435 -8.18 -12.87 21.08
CA LYS C 435 -9.12 -12.88 22.19
C LYS C 435 -8.76 -14.02 23.13
N THR C 436 -8.75 -13.75 24.45
CA THR C 436 -8.49 -14.72 25.51
C THR C 436 -9.50 -15.85 25.32
N PRO C 437 -9.07 -17.10 25.01
CA PRO C 437 -10.04 -18.18 24.78
C PRO C 437 -10.89 -18.50 26.01
N GLY C 438 -12.20 -18.53 25.80
CA GLY C 438 -13.15 -18.80 26.86
C GLY C 438 -14.31 -17.84 26.89
N LEU C 439 -14.96 -17.75 28.06
CA LEU C 439 -16.10 -16.90 28.38
C LEU C 439 -15.56 -15.49 28.78
N LEU C 440 -14.80 -14.85 27.87
CA LEU C 440 -14.13 -13.55 28.12
C LEU C 440 -14.09 -12.62 26.92
N ASN C 441 -14.07 -11.31 27.21
CA ASN C 441 -13.90 -10.19 26.30
C ASN C 441 -12.57 -9.55 26.75
N ASP C 442 -11.46 -10.27 26.55
CA ASP C 442 -10.12 -9.80 26.90
C ASP C 442 -9.14 -10.25 25.80
N THR C 443 -7.92 -9.73 25.78
CA THR C 443 -6.91 -10.09 24.77
C THR C 443 -5.70 -10.83 25.40
N HIS C 444 -4.88 -11.46 24.57
CA HIS C 444 -3.68 -12.18 24.99
C HIS C 444 -2.73 -12.32 23.82
N GLN C 445 -1.42 -12.34 24.08
CA GLN C 445 -0.44 -12.52 23.01
C GLN C 445 -0.37 -14.02 22.70
N THR C 446 -0.22 -14.34 21.41
CA THR C 446 -0.12 -15.70 20.91
C THR C 446 0.87 -15.76 19.72
N GLU C 447 1.19 -16.97 19.27
CA GLU C 447 2.15 -17.23 18.19
C GLU C 447 1.59 -18.28 17.22
N LEU C 448 1.89 -18.12 15.92
CA LEU C 448 1.50 -19.07 14.87
C LEU C 448 2.82 -19.77 14.55
N ASP C 449 3.14 -20.72 15.40
CA ASP C 449 4.39 -21.46 15.42
C ASP C 449 4.51 -22.41 14.24
N LEU C 450 5.75 -22.79 13.98
CA LEU C 450 6.26 -23.83 13.10
C LEU C 450 7.66 -24.18 13.65
N THR C 451 7.73 -25.27 14.45
CA THR C 451 8.98 -25.76 15.07
C THR C 451 9.51 -26.94 14.24
N TYR C 452 10.62 -26.71 13.52
CA TYR C 452 11.22 -27.68 12.60
C TYR C 452 11.53 -29.03 13.21
N GLU C 453 11.75 -29.09 14.55
CA GLU C 453 12.05 -30.33 15.29
C GLU C 453 10.77 -31.14 15.58
N ARG C 454 9.68 -30.42 15.78
CA ARG C 454 8.35 -30.97 16.01
C ARG C 454 7.65 -31.35 14.68
N ARG C 455 7.86 -30.56 13.57
CA ARG C 455 7.23 -30.72 12.23
C ARG C 455 7.90 -31.67 11.25
N TYR C 456 9.22 -31.84 11.37
CA TYR C 456 10.01 -32.68 10.46
C TYR C 456 10.88 -33.67 11.25
N ASP C 457 10.91 -34.91 10.79
CA ASP C 457 11.66 -36.00 11.43
C ASP C 457 13.06 -36.11 10.84
N VAL C 458 13.48 -35.08 10.05
CA VAL C 458 14.75 -35.01 9.31
C VAL C 458 15.91 -34.38 10.15
N THR C 459 17.07 -35.06 10.12
CA THR C 459 18.31 -34.68 10.81
C THR C 459 19.07 -33.69 9.92
N LEU C 460 18.67 -32.39 9.97
CA LEU C 460 19.20 -31.25 9.19
C LEU C 460 20.75 -31.15 9.10
N PRO C 461 21.33 -30.85 7.92
CA PRO C 461 22.79 -30.78 7.84
C PRO C 461 23.44 -29.56 8.46
N ASP C 462 24.73 -29.72 8.81
CA ASP C 462 25.62 -28.70 9.37
C ASP C 462 25.90 -27.77 8.23
N ALA C 463 25.93 -26.46 8.52
CA ALA C 463 26.17 -25.37 7.54
C ALA C 463 27.21 -25.73 6.48
N TYR C 464 28.32 -26.35 6.92
CA TYR C 464 29.45 -26.73 6.10
C TYR C 464 29.18 -27.86 5.10
N GLU C 465 28.17 -28.72 5.35
CA GLU C 465 27.83 -29.80 4.41
C GLU C 465 27.27 -29.21 3.13
N SER C 466 26.29 -28.29 3.29
CA SER C 466 25.63 -27.57 2.19
C SER C 466 26.68 -26.80 1.38
N LEU C 467 27.45 -25.93 2.03
CA LEU C 467 28.45 -25.10 1.40
C LEU C 467 29.44 -25.88 0.58
N ILE C 468 30.12 -26.90 1.17
CA ILE C 468 31.13 -27.71 0.48
C ILE C 468 30.50 -28.36 -0.74
N HIS C 469 29.28 -28.87 -0.57
CA HIS C 469 28.51 -29.50 -1.64
C HIS C 469 28.23 -28.50 -2.75
N GLU C 470 27.66 -27.33 -2.41
CA GLU C 470 27.36 -26.25 -3.36
C GLU C 470 28.60 -25.78 -4.12
N ALA C 471 29.77 -25.83 -3.47
CA ALA C 471 31.05 -25.45 -4.07
C ALA C 471 31.52 -26.47 -5.09
N LEU C 472 31.17 -27.75 -4.87
CA LEU C 472 31.55 -28.85 -5.77
C LEU C 472 30.72 -28.75 -7.06
N LEU C 473 29.48 -28.22 -6.91
CA LEU C 473 28.51 -28.02 -7.98
C LEU C 473 28.79 -26.73 -8.75
N GLY C 474 29.40 -25.74 -8.07
CA GLY C 474 29.76 -24.43 -8.64
C GLY C 474 28.70 -23.39 -8.44
N ASN C 475 28.04 -23.42 -7.28
CA ASN C 475 26.98 -22.46 -6.99
C ASN C 475 27.51 -21.33 -6.13
N SER C 476 27.88 -20.23 -6.79
CA SER C 476 28.50 -19.10 -6.13
C SER C 476 27.55 -18.27 -5.28
N THR C 477 26.23 -18.61 -5.23
CA THR C 477 25.17 -17.90 -4.44
C THR C 477 25.49 -17.77 -2.93
N ASN C 478 25.80 -18.91 -2.25
CA ASN C 478 26.06 -18.90 -0.82
C ASN C 478 27.52 -18.60 -0.46
N PHE C 479 28.20 -17.85 -1.33
CA PHE C 479 29.58 -17.45 -1.14
C PHE C 479 29.72 -15.95 -1.29
N VAL C 480 30.52 -15.34 -0.43
CA VAL C 480 30.79 -13.89 -0.40
C VAL C 480 31.51 -13.45 -1.72
N ARG C 481 30.96 -12.39 -2.40
CA ARG C 481 31.53 -11.80 -3.61
C ARG C 481 32.52 -10.70 -3.18
N VAL C 482 33.43 -10.28 -4.06
CA VAL C 482 34.44 -9.31 -3.66
C VAL C 482 33.80 -7.94 -3.37
N ASP C 483 32.85 -7.52 -4.21
CA ASP C 483 32.14 -6.28 -4.00
C ASP C 483 31.21 -6.36 -2.76
N GLU C 484 30.63 -7.54 -2.49
CA GLU C 484 29.82 -7.86 -1.31
C GLU C 484 30.69 -7.62 -0.08
N LEU C 485 31.92 -8.11 -0.15
CA LEU C 485 32.89 -8.05 0.93
C LEU C 485 33.21 -6.61 1.18
N ASP C 486 33.40 -5.85 0.12
CA ASP C 486 33.72 -4.45 0.24
C ASP C 486 32.58 -3.67 0.87
N ALA C 487 31.38 -3.86 0.31
CA ALA C 487 30.17 -3.19 0.74
C ALA C 487 29.94 -3.39 2.23
N ALA C 488 30.35 -4.58 2.76
CA ALA C 488 30.22 -4.97 4.15
C ALA C 488 31.23 -4.24 4.99
N TRP C 489 32.51 -4.29 4.61
CA TRP C 489 33.61 -3.62 5.32
C TRP C 489 33.41 -2.13 5.48
N ARG C 490 32.86 -1.48 4.43
CA ARG C 490 32.60 -0.06 4.37
C ARG C 490 31.57 0.44 5.40
N ILE C 491 30.76 -0.47 5.97
CA ILE C 491 29.77 -0.11 6.99
C ILE C 491 30.50 0.11 8.34
N TYR C 492 31.32 -0.86 8.72
CA TYR C 492 31.96 -0.91 10.03
C TYR C 492 33.36 -0.29 10.13
N THR C 493 34.15 -0.20 9.02
CA THR C 493 35.51 0.37 9.05
C THR C 493 35.61 1.72 9.83
N PRO C 494 34.79 2.77 9.56
CA PRO C 494 34.88 3.99 10.38
C PRO C 494 34.64 3.76 11.88
N LEU C 495 33.64 2.89 12.24
CA LEU C 495 33.30 2.55 13.64
C LEU C 495 34.45 1.80 14.27
N LEU C 496 34.98 0.79 13.55
CA LEU C 496 36.09 -0.07 13.97
C LEU C 496 37.32 0.75 14.31
N HIS C 497 37.66 1.72 13.43
CA HIS C 497 38.77 2.64 13.61
C HIS C 497 38.59 3.51 14.84
N ALA C 498 37.38 4.11 15.01
CA ALA C 498 37.02 4.94 16.17
C ALA C 498 37.27 4.15 17.44
N ILE C 499 36.78 2.88 17.48
CA ILE C 499 36.96 1.91 18.56
C ILE C 499 38.44 1.72 18.88
N ASP C 500 39.26 1.39 17.85
CA ASP C 500 40.70 1.15 17.95
C ASP C 500 41.51 2.40 18.33
N ARG C 501 40.96 3.60 18.07
CA ARG C 501 41.59 4.87 18.43
C ARG C 501 41.28 5.20 19.91
N GLY C 502 40.41 4.38 20.52
CA GLY C 502 39.99 4.51 21.91
C GLY C 502 38.87 5.50 22.12
N GLU C 503 38.23 5.92 21.03
CA GLU C 503 37.17 6.91 21.04
C GLU C 503 35.84 6.38 21.58
N VAL C 504 35.60 5.06 21.50
CA VAL C 504 34.33 4.44 21.94
C VAL C 504 34.54 3.69 23.28
N LYS C 505 33.64 3.93 24.26
CA LYS C 505 33.72 3.31 25.58
C LYS C 505 33.31 1.84 25.53
N VAL C 506 34.09 0.97 26.21
CA VAL C 506 33.85 -0.47 26.31
C VAL C 506 33.49 -0.82 27.76
N LEU C 507 32.19 -0.94 28.03
CA LEU C 507 31.61 -1.19 29.34
C LEU C 507 31.84 -2.62 29.86
N PRO C 508 32.05 -2.80 31.19
CA PRO C 508 32.23 -4.17 31.71
C PRO C 508 30.90 -4.83 32.08
N TYR C 509 30.80 -6.15 31.87
CA TYR C 509 29.59 -6.91 32.20
C TYR C 509 29.96 -8.29 32.70
N ALA C 510 29.23 -8.80 33.72
CA ALA C 510 29.48 -10.11 34.34
C ALA C 510 29.23 -11.27 33.35
N ALA C 511 30.19 -12.20 33.24
CA ALA C 511 30.07 -13.34 32.34
C ALA C 511 28.83 -14.15 32.71
N GLY C 512 28.02 -14.45 31.71
CA GLY C 512 26.80 -15.21 31.91
C GLY C 512 25.57 -14.37 32.19
N SER C 513 25.74 -13.04 32.36
CA SER C 513 24.63 -12.10 32.58
C SER C 513 24.04 -11.73 31.21
N GLY C 515 24.27 -8.90 29.72
CA GLY C 515 25.17 -7.93 29.11
C GLY C 515 25.10 -6.58 29.81
N PRO C 516 25.75 -5.50 29.31
CA PRO C 516 25.65 -4.20 30.01
C PRO C 516 24.25 -3.58 29.98
N GLU C 517 23.85 -2.94 31.11
CA GLU C 517 22.55 -2.28 31.33
C GLU C 517 22.25 -1.23 30.26
N GLU C 518 23.29 -0.44 29.92
CA GLU C 518 23.29 0.65 28.93
C GLU C 518 22.76 0.18 27.57
N ALA C 519 23.09 -1.08 27.19
CA ALA C 519 22.69 -1.73 25.95
C ALA C 519 21.18 -1.93 25.85
N GLN C 520 20.52 -2.49 26.90
CA GLN C 520 19.08 -2.72 26.89
C GLN C 520 18.32 -1.38 26.78
N GLU C 521 18.86 -0.30 27.42
CA GLU C 521 18.30 1.04 27.39
C GLU C 521 18.40 1.61 25.99
N PHE C 522 19.59 1.45 25.37
CA PHE C 522 19.89 1.87 23.99
C PHE C 522 18.95 1.18 23.00
N ILE C 523 18.70 -0.12 23.19
CA ILE C 523 17.80 -0.91 22.33
C ILE C 523 16.38 -0.30 22.41
N ARG C 524 15.93 0.09 23.62
CA ARG C 524 14.62 0.71 23.81
C ARG C 524 14.56 2.03 23.06
N ILE C 525 15.59 2.87 23.22
CA ILE C 525 15.74 4.19 22.57
C ILE C 525 15.84 4.01 21.04
N SER C 526 16.54 2.95 20.58
CA SER C 526 16.74 2.65 19.17
C SER C 526 15.45 2.29 18.43
N GLY C 527 14.38 2.02 19.18
CA GLY C 527 13.06 1.76 18.62
C GLY C 527 12.45 0.41 18.89
N TYR C 528 13.17 -0.48 19.62
CA TYR C 528 12.68 -1.82 19.93
C TYR C 528 11.81 -1.81 21.15
N LYS C 529 10.55 -2.15 20.92
CA LYS C 529 9.51 -2.23 21.92
C LYS C 529 9.39 -3.67 22.39
N THR C 530 10.18 -3.99 23.43
CA THR C 530 10.22 -5.27 24.16
C THR C 530 8.80 -5.89 24.40
N THR C 531 8.32 -6.73 23.44
CA THR C 531 6.99 -7.37 23.44
C THR C 531 6.77 -8.33 24.63
N VAL D 38 -25.08 47.61 -17.60
CA VAL D 38 -25.82 46.34 -17.65
C VAL D 38 -26.60 46.08 -16.33
N CYS D 39 -27.87 45.62 -16.46
CA CYS D 39 -28.81 45.33 -15.37
C CYS D 39 -29.91 44.41 -15.92
N GLU D 40 -29.99 43.16 -15.42
CA GLU D 40 -30.97 42.17 -15.89
C GLU D 40 -31.88 41.58 -14.78
N ARG D 41 -33.08 41.08 -15.17
CA ARG D 41 -34.11 40.48 -14.31
C ARG D 41 -33.62 39.37 -13.40
N ILE D 42 -33.99 39.46 -12.12
CA ILE D 42 -33.60 38.47 -11.12
C ILE D 42 -34.51 37.23 -11.26
N PRO D 43 -33.97 36.01 -11.41
CA PRO D 43 -34.85 34.85 -11.58
C PRO D 43 -35.43 34.38 -10.25
N ASP D 44 -36.61 33.74 -10.29
CA ASP D 44 -37.29 33.21 -9.09
C ASP D 44 -36.83 31.75 -8.78
N ALA D 45 -35.51 31.54 -8.66
CA ALA D 45 -34.91 30.22 -8.42
C ALA D 45 -34.72 29.88 -6.93
N VAL D 46 -35.54 30.50 -6.07
CA VAL D 46 -35.54 30.25 -4.62
C VAL D 46 -36.05 28.83 -4.41
N SER D 47 -35.31 28.00 -3.65
CA SER D 47 -35.60 26.58 -3.41
C SER D 47 -37.04 26.29 -3.03
N PRO D 48 -37.66 25.27 -3.67
CA PRO D 48 -39.08 24.95 -3.41
C PRO D 48 -39.53 24.78 -1.95
N GLU D 49 -38.58 24.46 -1.02
CA GLU D 49 -38.87 24.34 0.42
C GLU D 49 -39.33 25.69 0.94
N LEU D 50 -38.57 26.72 0.57
CA LEU D 50 -38.84 28.07 1.02
C LEU D 50 -40.02 28.72 0.27
N ARG D 51 -40.43 28.16 -0.90
CA ARG D 51 -41.52 28.69 -1.75
C ARG D 51 -42.91 28.68 -1.10
N SER D 52 -43.25 27.58 -0.38
CA SER D 52 -44.57 27.37 0.24
C SER D 52 -44.92 28.33 1.37
N ARG D 53 -44.08 28.45 2.38
CA ARG D 53 -44.36 29.28 3.54
C ARG D 53 -43.61 30.60 3.51
N ALA D 54 -43.91 31.48 4.47
CA ALA D 54 -43.31 32.80 4.61
C ALA D 54 -41.85 32.74 5.08
N LEU D 55 -41.13 33.88 4.94
CA LEU D 55 -39.74 33.97 5.37
C LEU D 55 -39.42 35.28 6.06
N THR D 56 -38.71 35.14 7.18
CA THR D 56 -38.28 36.23 8.05
C THR D 56 -36.84 35.92 8.49
N ILE D 57 -35.91 36.79 8.10
CA ILE D 57 -34.50 36.68 8.48
C ILE D 57 -34.22 37.82 9.48
N VAL D 58 -34.16 37.50 10.78
CA VAL D 58 -33.89 38.51 11.80
C VAL D 58 -32.40 38.62 12.04
N VAL D 59 -31.83 39.79 11.80
CA VAL D 59 -30.41 40.04 12.03
C VAL D 59 -30.28 40.82 13.37
N LEU D 60 -30.15 40.08 14.51
CA LEU D 60 -29.99 40.68 15.84
C LEU D 60 -28.59 41.20 15.98
N GLY D 61 -28.47 42.51 16.18
CA GLY D 61 -27.17 43.18 16.21
C GLY D 61 -26.84 43.70 14.82
N ALA D 62 -27.88 44.29 14.13
CA ALA D 62 -27.89 44.88 12.79
C ALA D 62 -27.04 46.10 12.64
N SER D 63 -26.79 46.81 13.75
CA SER D 63 -25.94 48.00 13.78
C SER D 63 -24.47 47.57 13.72
N GLY D 64 -24.17 46.47 14.42
CA GLY D 64 -22.86 45.87 14.53
C GLY D 64 -22.03 45.76 13.26
N ASP D 65 -20.71 45.77 13.42
CA ASP D 65 -19.71 45.73 12.36
C ASP D 65 -19.84 44.56 11.41
N LEU D 66 -20.09 43.35 11.94
CA LEU D 66 -20.22 42.12 11.16
C LEU D 66 -21.44 42.16 10.25
N ALA D 67 -22.60 42.55 10.79
CA ALA D 67 -23.85 42.61 10.03
C ALA D 67 -23.75 43.58 8.85
N LYS D 68 -23.32 44.84 9.11
CA LYS D 68 -23.17 45.89 8.11
C LYS D 68 -22.09 45.59 7.04
N LYS D 69 -21.03 44.83 7.42
CA LYS D 69 -19.91 44.48 6.53
C LYS D 69 -20.03 43.16 5.79
N LYS D 70 -20.61 42.12 6.43
CA LYS D 70 -20.67 40.77 5.87
C LYS D 70 -22.08 40.18 5.71
N THR D 71 -22.94 40.26 6.76
CA THR D 71 -24.31 39.70 6.74
C THR D 71 -25.19 40.37 5.70
N PHE D 72 -25.47 41.66 5.90
CA PHE D 72 -26.33 42.36 4.97
C PHE D 72 -25.78 42.25 3.55
N PRO D 73 -24.46 42.53 3.26
CA PRO D 73 -23.98 42.37 1.89
C PRO D 73 -24.24 41.00 1.26
N ALA D 74 -24.08 39.89 2.04
CA ALA D 74 -24.32 38.51 1.58
C ALA D 74 -25.80 38.26 1.24
N LEU D 75 -26.72 38.91 2.01
CA LEU D 75 -28.16 38.78 1.85
C LEU D 75 -28.58 39.45 0.56
N PHE D 76 -27.88 40.54 0.18
CA PHE D 76 -28.12 41.25 -1.08
C PHE D 76 -27.80 40.34 -2.24
N GLN D 77 -26.63 39.70 -2.20
CA GLN D 77 -26.18 38.79 -3.25
C GLN D 77 -27.09 37.56 -3.37
N LEU D 78 -27.61 37.03 -2.24
CA LEU D 78 -28.52 35.88 -2.31
C LEU D 78 -29.86 36.29 -2.92
N TYR D 79 -30.27 37.55 -2.73
CA TYR D 79 -31.51 38.12 -3.28
C TYR D 79 -31.36 38.28 -4.79
N CYS D 80 -30.22 38.84 -5.22
CA CYS D 80 -29.85 39.06 -6.62
C CYS D 80 -29.76 37.74 -7.39
N ASN D 81 -29.35 36.67 -6.72
CA ASN D 81 -29.28 35.34 -7.32
C ASN D 81 -30.69 34.75 -7.47
N GLY D 82 -31.66 35.39 -6.81
CA GLY D 82 -33.03 34.91 -6.79
C GLY D 82 -33.12 33.60 -6.04
N MET D 83 -32.35 33.52 -4.92
CA MET D 83 -32.25 32.36 -4.03
C MET D 83 -33.06 32.56 -2.77
N LEU D 84 -33.51 33.80 -2.56
CA LEU D 84 -34.37 34.23 -1.46
C LEU D 84 -35.73 34.53 -2.08
N PRO D 85 -36.87 34.23 -1.40
CA PRO D 85 -38.18 34.57 -1.99
C PRO D 85 -38.32 36.06 -2.25
N ARG D 86 -39.13 36.42 -3.26
CA ARG D 86 -39.36 37.81 -3.68
C ARG D 86 -39.77 38.68 -2.49
N ASP D 87 -40.68 38.13 -1.65
CA ASP D 87 -41.30 38.72 -0.47
C ASP D 87 -40.65 38.32 0.86
N VAL D 88 -39.31 38.26 0.90
CA VAL D 88 -38.54 37.93 2.11
C VAL D 88 -38.51 39.12 3.09
N ASN D 89 -38.33 38.86 4.38
CA ASN D 89 -38.34 39.93 5.38
C ASN D 89 -37.10 39.98 6.26
N ILE D 90 -36.16 40.84 5.91
CA ILE D 90 -34.93 41.00 6.69
C ILE D 90 -35.19 42.05 7.78
N LEU D 91 -35.16 41.63 9.05
CA LEU D 91 -35.41 42.54 10.15
C LEU D 91 -34.17 42.79 10.99
N GLY D 92 -33.77 44.05 11.05
CA GLY D 92 -32.69 44.50 11.90
C GLY D 92 -33.25 44.78 13.28
N TYR D 93 -32.55 44.31 14.33
CA TYR D 93 -32.94 44.50 15.72
C TYR D 93 -31.69 44.76 16.56
N ALA D 94 -31.49 46.00 16.99
CA ALA D 94 -30.30 46.33 17.77
C ALA D 94 -30.60 47.30 18.88
N ARG D 95 -29.65 47.54 19.78
CA ARG D 95 -29.84 48.52 20.85
C ARG D 95 -29.75 49.95 20.27
N SER D 96 -29.05 50.11 19.13
CA SER D 96 -28.90 51.42 18.52
C SER D 96 -30.24 52.10 18.21
N THR D 97 -30.32 53.38 18.51
CA THR D 97 -31.50 54.15 18.21
C THR D 97 -31.31 54.73 16.80
N MET D 98 -32.37 54.72 15.97
CA MET D 98 -32.26 55.25 14.61
C MET D 98 -33.19 56.40 14.34
N GLU D 99 -32.62 57.46 13.74
CA GLU D 99 -33.38 58.62 13.34
C GLU D 99 -33.99 58.29 11.96
N ASP D 100 -33.13 58.08 10.97
CA ASP D 100 -33.52 57.78 9.60
C ASP D 100 -32.96 56.42 9.25
N VAL D 101 -33.84 55.42 9.22
CA VAL D 101 -33.49 54.03 8.90
C VAL D 101 -33.16 53.93 7.43
N GLU D 102 -33.97 54.61 6.59
CA GLU D 102 -33.81 54.62 5.14
C GLU D 102 -32.46 55.21 4.70
N LYS D 103 -31.93 56.22 5.44
CA LYS D 103 -30.63 56.85 5.19
C LYS D 103 -29.52 55.85 5.54
N TRP D 104 -29.62 55.19 6.70
CA TRP D 104 -28.66 54.16 7.13
C TRP D 104 -28.69 52.97 6.16
N LYS D 105 -29.88 52.68 5.60
CA LYS D 105 -30.07 51.62 4.62
C LYS D 105 -29.36 51.93 3.28
N LYS D 106 -29.56 53.13 2.74
CA LYS D 106 -29.05 53.58 1.45
C LYS D 106 -27.59 54.06 1.49
N ASP D 107 -27.15 54.62 2.62
CA ASP D 107 -25.80 55.17 2.74
C ASP D 107 -24.83 54.25 3.46
N THR D 108 -25.19 53.77 4.66
CA THR D 108 -24.33 52.88 5.44
C THR D 108 -24.33 51.48 4.84
N LEU D 109 -25.44 50.76 5.05
CA LEU D 109 -25.69 49.39 4.62
C LEU D 109 -25.32 49.11 3.16
N ALA D 110 -25.92 49.88 2.22
CA ALA D 110 -25.72 49.74 0.78
C ALA D 110 -24.31 50.01 0.29
N GLY D 111 -23.58 50.85 1.03
CA GLY D 111 -22.19 51.16 0.71
C GLY D 111 -21.27 49.96 0.73
N PHE D 112 -21.72 48.88 1.40
CA PHE D 112 -20.97 47.64 1.54
C PHE D 112 -21.27 46.58 0.47
N PHE D 113 -22.32 46.77 -0.35
CA PHE D 113 -22.67 45.84 -1.44
C PHE D 113 -21.58 45.92 -2.53
N THR D 114 -21.21 44.76 -3.11
CA THR D 114 -20.07 44.63 -4.00
C THR D 114 -20.32 44.67 -5.52
N ARG D 115 -20.98 43.63 -6.11
CA ARG D 115 -21.19 43.63 -7.58
C ARG D 115 -22.21 44.69 -7.89
N LEU D 116 -21.76 45.85 -8.42
CA LEU D 116 -22.67 46.97 -8.69
C LEU D 116 -22.64 47.41 -10.15
N ASP D 117 -21.76 46.78 -10.93
CA ASP D 117 -21.58 47.02 -12.36
C ASP D 117 -22.49 46.04 -13.11
N GLU D 118 -23.11 45.10 -12.36
CA GLU D 118 -24.03 44.09 -12.88
C GLU D 118 -25.31 44.09 -12.06
N ARG D 119 -25.20 44.34 -10.74
CA ARG D 119 -26.31 44.26 -9.79
C ARG D 119 -26.68 45.56 -9.06
N GLY D 120 -26.03 46.66 -9.44
CA GLY D 120 -26.25 47.97 -8.85
C GLY D 120 -27.68 48.48 -8.81
N CYS D 121 -28.49 48.16 -9.84
CA CYS D 121 -29.89 48.59 -9.96
C CYS D 121 -30.79 47.94 -8.90
N HIS D 122 -30.49 46.68 -8.55
CA HIS D 122 -31.23 45.88 -7.60
C HIS D 122 -31.12 46.35 -6.14
N VAL D 123 -30.13 47.21 -5.82
CA VAL D 123 -29.95 47.75 -4.46
C VAL D 123 -31.26 48.34 -3.89
N GLY D 124 -32.02 49.04 -4.73
CA GLY D 124 -33.31 49.62 -4.36
C GLY D 124 -34.34 48.62 -3.91
N ASN D 125 -34.74 47.72 -4.83
CA ASN D 125 -35.71 46.64 -4.62
C ASN D 125 -35.38 45.81 -3.40
N PHE D 126 -34.06 45.46 -3.25
CA PHE D 126 -33.54 44.69 -2.12
C PHE D 126 -33.74 45.41 -0.78
N LEU D 127 -33.18 46.65 -0.65
CA LEU D 127 -33.26 47.49 0.55
C LEU D 127 -34.67 47.67 1.04
N ARG D 128 -35.64 47.69 0.11
CA ARG D 128 -37.09 47.78 0.37
C ARG D 128 -37.61 46.64 1.32
N ARG D 129 -36.85 45.48 1.39
CA ARG D 129 -37.16 44.29 2.22
C ARG D 129 -36.62 44.40 3.64
N ILE D 130 -35.51 45.13 3.81
CA ILE D 130 -34.91 45.35 5.12
C ILE D 130 -35.72 46.39 5.93
N SER D 131 -35.97 46.08 7.21
CA SER D 131 -36.68 46.93 8.17
C SER D 131 -35.86 46.93 9.45
N TYR D 132 -35.92 48.01 10.27
CA TYR D 132 -35.17 48.11 11.53
C TYR D 132 -36.07 48.29 12.75
N MET D 133 -35.63 47.75 13.91
CA MET D 133 -36.28 47.94 15.20
C MET D 133 -35.28 48.01 16.36
N THR D 134 -35.43 49.02 17.27
CA THR D 134 -34.57 49.24 18.46
C THR D 134 -35.06 48.37 19.62
N GLY D 135 -34.14 47.68 20.30
CA GLY D 135 -34.47 46.78 21.41
C GLY D 135 -33.31 46.35 22.29
N SER D 136 -33.63 46.05 23.57
CA SER D 136 -32.68 45.59 24.59
C SER D 136 -32.48 44.10 24.47
N TYR D 137 -31.30 43.61 24.82
CA TYR D 137 -31.10 42.16 24.74
C TYR D 137 -31.28 41.47 26.11
N ASP D 138 -32.26 41.96 26.92
CA ASP D 138 -32.59 41.43 28.25
C ASP D 138 -34.06 41.71 28.70
N ARG D 139 -34.72 42.71 28.05
CA ARG D 139 -36.10 43.13 28.34
C ARG D 139 -37.12 42.36 27.49
N ASP D 140 -37.88 41.42 28.13
CA ASP D 140 -38.85 40.50 27.51
C ASP D 140 -39.93 41.20 26.67
N GLU D 141 -40.23 42.48 27.00
CA GLU D 141 -41.20 43.35 26.32
C GLU D 141 -40.75 43.63 24.89
N ASP D 142 -39.45 43.94 24.74
CA ASP D 142 -38.81 44.23 23.48
C ASP D 142 -38.79 42.96 22.60
N PHE D 143 -38.73 41.78 23.25
CA PHE D 143 -38.79 40.47 22.59
C PHE D 143 -40.22 40.17 22.13
N ALA D 144 -41.23 40.54 22.95
CA ALA D 144 -42.66 40.41 22.66
C ALA D 144 -43.03 41.34 21.52
N ARG D 145 -42.16 42.36 21.28
CA ARG D 145 -42.27 43.39 20.24
C ARG D 145 -41.66 42.94 18.91
N LEU D 146 -40.53 42.18 18.97
CA LEU D 146 -39.85 41.63 17.81
C LEU D 146 -40.75 40.56 17.19
N ASN D 147 -41.34 39.69 18.03
CA ASN D 147 -42.25 38.60 17.66
C ASN D 147 -43.51 39.13 16.99
N GLU D 148 -44.09 40.18 17.57
CA GLU D 148 -45.30 40.79 17.03
C GLU D 148 -45.03 41.30 15.61
N ARG D 149 -43.90 42.01 15.38
CA ARG D 149 -43.51 42.45 14.02
C ARG D 149 -43.56 41.24 13.07
N ILE D 150 -42.91 40.10 13.49
CA ILE D 150 -42.74 38.81 12.79
C ILE D 150 -44.08 38.17 12.46
N LEU D 151 -45.01 38.20 13.42
CA LEU D 151 -46.35 37.67 13.24
C LEU D 151 -47.03 38.36 12.09
N ARG D 152 -47.08 39.70 12.15
CA ARG D 152 -47.68 40.60 11.18
C ARG D 152 -47.08 40.44 9.75
N MET D 153 -45.77 40.16 9.65
CA MET D 153 -45.10 39.98 8.37
C MET D 153 -45.56 38.72 7.65
N GLU D 154 -45.59 37.59 8.37
CA GLU D 154 -45.99 36.29 7.83
C GLU D 154 -47.54 36.14 7.73
N GLU D 155 -48.26 37.16 8.27
CA GLU D 155 -49.71 37.34 8.23
C GLU D 155 -50.06 38.01 6.88
N ALA D 156 -49.08 38.74 6.27
CA ALA D 156 -49.18 39.44 4.98
C ALA D 156 -48.78 38.57 3.77
N PHE D 157 -48.30 37.34 4.02
CA PHE D 157 -47.91 36.36 3.00
C PHE D 157 -49.11 35.87 2.16
N GLN D 158 -48.96 35.79 0.84
CA GLN D 158 -50.05 35.34 -0.03
C GLN D 158 -49.76 33.98 -0.69
N GLY D 159 -49.01 33.15 0.01
CA GLY D 159 -48.63 31.84 -0.51
C GLY D 159 -49.46 30.65 -0.08
N PRO D 160 -49.00 29.42 -0.41
CA PRO D 160 -49.78 28.21 -0.07
C PRO D 160 -49.99 27.92 1.41
N GLU D 161 -48.94 27.98 2.25
CA GLU D 161 -49.04 27.62 3.66
C GLU D 161 -49.08 28.80 4.64
N LYS D 162 -49.87 28.64 5.72
CA LYS D 162 -50.07 29.59 6.82
C LYS D 162 -48.87 29.52 7.79
N GLY D 163 -48.68 30.58 8.57
CA GLY D 163 -47.57 30.70 9.50
C GLY D 163 -46.33 31.13 8.74
N GLY D 164 -45.16 30.99 9.35
CA GLY D 164 -43.93 31.39 8.69
C GLY D 164 -42.66 30.72 9.18
N ASN D 165 -41.57 30.87 8.40
CA ASN D 165 -40.25 30.35 8.78
C ASN D 165 -39.42 31.52 9.34
N ARG D 166 -38.65 31.28 10.41
CA ARG D 166 -37.84 32.28 11.11
C ARG D 166 -36.37 31.90 11.23
N LEU D 167 -35.48 32.65 10.58
CA LEU D 167 -34.03 32.44 10.72
C LEU D 167 -33.48 33.63 11.51
N PHE D 168 -32.85 33.37 12.68
CA PHE D 168 -32.27 34.39 13.55
C PHE D 168 -30.74 34.40 13.48
N TYR D 169 -30.17 35.48 12.97
CA TYR D 169 -28.74 35.69 12.85
C TYR D 169 -28.34 36.54 14.05
N LEU D 170 -27.64 35.92 15.00
CA LEU D 170 -27.18 36.52 16.26
C LEU D 170 -25.75 37.05 16.14
N ALA D 171 -25.60 38.19 15.45
CA ALA D 171 -24.31 38.83 15.27
C ALA D 171 -24.23 39.94 16.37
N LEU D 172 -24.24 39.49 17.62
CA LEU D 172 -24.23 40.34 18.82
C LEU D 172 -23.07 39.98 19.75
N PRO D 173 -22.66 40.89 20.69
CA PRO D 173 -21.53 40.56 21.60
C PRO D 173 -21.68 39.26 22.40
N PRO D 174 -20.58 38.60 22.83
CA PRO D 174 -20.73 37.34 23.62
C PRO D 174 -21.30 37.63 25.01
N SER D 175 -21.20 38.91 25.39
CA SER D 175 -21.63 39.51 26.66
C SER D 175 -23.16 39.45 26.85
N VAL D 176 -23.94 39.38 25.75
CA VAL D 176 -25.41 39.39 25.78
C VAL D 176 -26.07 38.17 25.15
N PHE D 177 -25.24 37.21 24.69
CA PHE D 177 -25.67 36.02 23.95
C PHE D 177 -26.76 35.21 24.63
N VAL D 178 -26.49 34.67 25.83
CA VAL D 178 -27.44 33.84 26.56
C VAL D 178 -28.77 34.61 26.83
N GLY D 179 -28.67 35.93 27.03
CA GLY D 179 -29.81 36.79 27.27
C GLY D 179 -30.81 36.74 26.14
N VAL D 180 -30.30 36.89 24.90
CA VAL D 180 -31.06 36.85 23.65
C VAL D 180 -31.57 35.44 23.37
N CYS D 181 -30.74 34.41 23.63
CA CYS D 181 -31.15 33.03 23.44
C CYS D 181 -32.34 32.64 24.30
N ARG D 182 -32.32 33.09 25.58
CA ARG D 182 -33.38 32.87 26.55
C ARG D 182 -34.61 33.66 26.15
N GLY D 183 -34.41 34.88 25.69
CA GLY D 183 -35.49 35.77 25.25
C GLY D 183 -36.23 35.27 24.03
N LEU D 184 -35.47 34.86 22.99
CA LEU D 184 -36.02 34.34 21.73
C LEU D 184 -36.74 33.04 21.97
N SER D 185 -36.11 32.12 22.72
CA SER D 185 -36.73 30.85 23.08
C SER D 185 -38.03 31.04 23.87
N LYS D 186 -38.15 32.13 24.66
CA LYS D 186 -39.36 32.43 25.45
C LYS D 186 -40.45 32.92 24.52
N GLY D 187 -40.37 34.17 24.08
CA GLY D 187 -41.41 34.76 23.25
C GLY D 187 -41.03 35.32 21.89
N ALA D 188 -40.53 34.46 20.98
CA ALA D 188 -40.19 34.81 19.59
C ALA D 188 -40.20 33.59 18.67
N MET D 189 -40.58 32.41 19.22
CA MET D 189 -40.64 31.12 18.54
C MET D 189 -41.89 30.98 17.68
N GLN D 190 -41.83 30.09 16.68
CA GLN D 190 -42.96 29.81 15.80
C GLN D 190 -43.72 28.63 16.35
N LYS D 191 -45.08 28.71 16.33
CA LYS D 191 -45.97 27.64 16.81
C LYS D 191 -45.70 26.33 16.07
N PRO D 192 -45.84 25.14 16.70
CA PRO D 192 -45.51 23.89 15.98
C PRO D 192 -46.46 23.63 14.81
N GLU D 193 -45.90 23.06 13.73
CA GLU D 193 -46.57 22.74 12.46
C GLU D 193 -46.91 24.02 11.65
N LEU D 194 -46.26 25.14 12.00
CA LEU D 194 -46.45 26.43 11.34
C LEU D 194 -45.13 27.09 10.89
N GLY D 195 -44.08 26.27 10.83
CA GLY D 195 -42.76 26.71 10.38
C GLY D 195 -41.60 26.34 11.27
N TRP D 196 -40.37 26.54 10.73
CA TRP D 196 -39.12 26.29 11.46
C TRP D 196 -38.48 27.54 12.01
N VAL D 197 -37.73 27.38 13.09
CA VAL D 197 -36.90 28.44 13.66
C VAL D 197 -35.44 27.88 13.67
N ARG D 198 -34.52 28.66 13.15
CA ARG D 198 -33.12 28.28 13.08
C ARG D 198 -32.30 29.45 13.62
N LEU D 199 -31.19 29.14 14.28
CA LEU D 199 -30.34 30.16 14.87
C LEU D 199 -28.94 30.10 14.36
N ILE D 200 -28.50 31.15 13.64
CA ILE D 200 -27.11 31.22 13.20
C ILE D 200 -26.34 31.90 14.33
N VAL D 201 -25.54 31.10 15.03
CA VAL D 201 -24.76 31.51 16.18
C VAL D 201 -23.36 31.84 15.70
N GLU D 202 -22.98 33.08 15.87
CA GLU D 202 -21.67 33.54 15.48
C GLU D 202 -20.72 33.26 16.62
N LYS D 203 -19.39 33.31 16.35
CA LYS D 203 -18.38 33.11 17.39
C LYS D 203 -18.18 34.45 18.21
N PRO D 204 -17.49 34.47 19.38
CA PRO D 204 -16.71 33.39 20.04
C PRO D 204 -17.57 32.38 20.80
N PHE D 205 -17.03 31.17 20.98
CA PHE D 205 -17.71 30.11 21.71
C PHE D 205 -16.95 29.78 22.99
N GLY D 206 -16.91 30.74 23.91
CA GLY D 206 -16.16 30.60 25.16
C GLY D 206 -14.68 30.90 25.03
N ARG D 207 -13.96 30.92 26.14
CA ARG D 207 -12.56 31.25 26.15
C ARG D 207 -11.73 29.97 26.25
N ASP D 208 -12.38 28.86 26.61
CA ASP D 208 -11.78 27.52 26.73
C ASP D 208 -12.87 26.44 26.74
N THR D 209 -12.51 25.16 27.06
CA THR D 209 -13.42 24.01 27.04
C THR D 209 -14.47 24.10 28.18
N GLU D 210 -14.09 24.57 29.38
CA GLU D 210 -14.98 24.72 30.54
C GLU D 210 -16.02 25.82 30.27
N THR D 211 -15.56 26.95 29.70
CA THR D 211 -16.35 28.12 29.36
C THR D 211 -17.38 27.75 28.32
N SER D 212 -16.91 27.09 27.23
CA SER D 212 -17.76 26.65 26.12
C SER D 212 -18.81 25.63 26.60
N GLU D 213 -18.39 24.66 27.47
CA GLU D 213 -19.26 23.60 28.02
C GLU D 213 -20.47 24.24 28.69
N GLN D 214 -20.22 25.16 29.64
CA GLN D 214 -21.20 25.93 30.38
C GLN D 214 -22.23 26.55 29.41
N LEU D 215 -21.72 27.29 28.39
CA LEU D 215 -22.52 27.96 27.37
C LEU D 215 -23.40 27.00 26.58
N SER D 216 -22.86 25.83 26.21
CA SER D 216 -23.61 24.82 25.46
C SER D 216 -24.74 24.24 26.32
N ASN D 217 -24.48 24.07 27.64
CA ASN D 217 -25.47 23.58 28.60
C ASN D 217 -26.54 24.62 28.79
N GLN D 218 -26.16 25.93 28.75
CA GLN D 218 -27.07 27.07 28.88
C GLN D 218 -28.10 27.13 27.73
N LEU D 219 -27.75 26.58 26.54
CA LEU D 219 -28.59 26.51 25.34
C LEU D 219 -29.38 25.21 25.16
N LYS D 220 -28.93 24.11 25.83
CA LYS D 220 -29.55 22.77 25.76
C LYS D 220 -31.08 22.82 25.96
N PRO D 221 -31.63 23.44 27.05
CA PRO D 221 -33.09 23.49 27.20
C PRO D 221 -33.77 24.43 26.21
N LEU D 222 -33.11 25.57 25.90
CA LEU D 222 -33.58 26.62 25.02
C LEU D 222 -33.86 26.18 23.61
N PHE D 223 -32.94 25.42 22.98
CA PHE D 223 -33.09 24.95 21.59
C PHE D 223 -32.54 23.54 21.39
N ASN D 224 -33.12 22.82 20.40
CA ASN D 224 -32.67 21.50 19.97
C ASN D 224 -31.48 21.75 19.10
N GLU D 225 -30.44 20.89 19.12
CA GLU D 225 -29.23 21.10 18.32
C GLU D 225 -29.53 21.39 16.84
N ARG D 226 -30.52 20.68 16.23
CA ARG D 226 -30.99 20.83 14.84
C ARG D 226 -31.29 22.30 14.46
N GLN D 227 -31.83 23.06 15.41
CA GLN D 227 -32.15 24.47 15.24
C GLN D 227 -30.89 25.35 15.27
N VAL D 228 -29.87 24.92 16.03
CA VAL D 228 -28.61 25.67 16.17
C VAL D 228 -27.70 25.48 14.94
N PHE D 229 -27.18 26.61 14.45
CA PHE D 229 -26.28 26.69 13.31
C PHE D 229 -25.05 27.52 13.71
N ARG D 230 -24.13 26.88 14.46
CA ARG D 230 -22.87 27.45 14.94
C ARG D 230 -21.99 27.72 13.68
N ILE D 231 -21.78 29.02 13.36
CA ILE D 231 -21.08 29.42 12.15
C ILE D 231 -19.56 29.62 12.31
N ASP D 232 -18.83 28.95 11.42
CA ASP D 232 -17.40 29.06 11.19
C ASP D 232 -17.39 29.36 9.71
N HIS D 233 -16.94 30.58 9.33
CA HIS D 233 -17.06 31.03 7.93
C HIS D 233 -16.10 30.38 6.94
N TYR D 234 -15.06 29.67 7.44
CA TYR D 234 -14.06 29.03 6.58
C TYR D 234 -14.66 27.90 5.81
N LEU D 235 -15.74 27.27 6.38
CA LEU D 235 -16.50 26.15 5.79
C LEU D 235 -17.31 26.56 4.59
N GLY D 236 -17.30 27.85 4.32
CA GLY D 236 -17.99 28.45 3.19
C GLY D 236 -17.04 28.88 2.11
N LYS D 237 -15.71 28.76 2.35
CA LYS D 237 -14.69 29.16 1.38
C LYS D 237 -14.62 28.13 0.28
N GLU D 238 -14.57 28.59 -0.99
CA GLU D 238 -14.55 27.69 -2.14
C GLU D 238 -13.54 26.50 -2.00
N MET D 239 -12.26 26.78 -1.68
CA MET D 239 -11.22 25.74 -1.56
C MET D 239 -11.39 24.81 -0.36
N VAL D 240 -11.95 25.35 0.74
CA VAL D 240 -12.23 24.59 1.97
C VAL D 240 -13.33 23.56 1.70
N GLN D 241 -14.30 23.91 0.85
CA GLN D 241 -15.37 22.99 0.45
C GLN D 241 -14.85 21.82 -0.43
N ASN D 242 -13.93 22.10 -1.38
CA ASN D 242 -13.34 21.06 -2.21
C ASN D 242 -12.40 20.07 -1.44
N ILE D 243 -12.08 20.33 -0.14
CA ILE D 243 -11.22 19.41 0.63
C ILE D 243 -11.81 18.00 0.66
N ILE D 244 -13.14 17.87 0.86
CA ILE D 244 -13.85 16.59 0.92
C ILE D 244 -13.90 15.87 -0.45
N VAL D 245 -14.10 16.61 -1.53
CA VAL D 245 -14.19 16.08 -2.90
C VAL D 245 -12.82 15.67 -3.42
N THR D 246 -11.80 16.55 -3.28
CA THR D 246 -10.46 16.28 -3.78
C THR D 246 -9.86 15.05 -3.07
N ARG D 247 -10.28 14.78 -1.83
CA ARG D 247 -9.83 13.65 -1.02
C ARG D 247 -10.58 12.35 -1.27
N PHE D 248 -11.89 12.39 -1.51
CA PHE D 248 -12.67 11.15 -1.57
C PHE D 248 -13.37 10.85 -2.91
N ALA D 249 -13.05 11.64 -3.94
CA ALA D 249 -13.60 11.41 -5.29
C ALA D 249 -12.46 10.92 -6.21
N ASN D 250 -11.23 11.23 -5.81
CA ASN D 250 -10.01 10.92 -6.53
C ASN D 250 -9.17 9.82 -5.87
N ARG D 251 -8.94 8.71 -6.62
CA ARG D 251 -8.11 7.58 -6.22
C ARG D 251 -6.65 8.03 -6.06
N VAL D 252 -6.20 9.01 -6.90
CA VAL D 252 -4.87 9.62 -6.92
C VAL D 252 -4.50 10.18 -5.57
N PHE D 253 -5.41 10.97 -4.96
CA PHE D 253 -5.16 11.54 -3.63
C PHE D 253 -5.56 10.61 -2.50
N SER D 254 -6.58 9.77 -2.74
CA SER D 254 -7.03 8.81 -1.74
C SER D 254 -5.93 7.82 -1.33
N ALA D 255 -5.23 7.27 -2.33
CA ALA D 255 -4.17 6.29 -2.11
C ALA D 255 -2.93 6.88 -1.41
N LEU D 256 -2.76 8.22 -1.55
CA LEU D 256 -1.62 8.94 -0.98
C LEU D 256 -1.91 9.56 0.40
N TRP D 257 -3.20 9.69 0.79
CA TRP D 257 -3.59 10.34 2.05
C TRP D 257 -3.43 9.45 3.31
N ASN D 258 -2.15 9.14 3.67
CA ASN D 258 -1.76 8.31 4.82
C ASN D 258 -0.28 8.51 5.15
N SER D 259 0.18 8.00 6.32
CA SER D 259 1.56 8.13 6.83
C SER D 259 2.66 7.59 5.89
N ASN D 260 2.33 6.60 5.05
CA ASN D 260 3.25 5.95 4.13
C ASN D 260 3.74 6.86 3.01
N SER D 261 2.86 7.78 2.51
CA SER D 261 3.14 8.73 1.41
C SER D 261 3.39 10.19 1.87
N ILE D 262 2.69 10.67 2.92
CA ILE D 262 2.80 12.04 3.46
C ILE D 262 3.84 12.15 4.55
N ALA D 263 4.77 13.10 4.35
CA ALA D 263 5.87 13.39 5.27
C ALA D 263 5.54 14.54 6.23
N CYS D 264 4.67 15.48 5.84
CA CYS D 264 4.35 16.67 6.66
C CYS D 264 3.09 17.42 6.15
N VAL D 265 2.27 18.01 7.04
CA VAL D 265 1.11 18.78 6.60
C VAL D 265 1.13 20.16 7.23
N GLN D 266 1.10 21.24 6.38
CA GLN D 266 1.14 22.63 6.86
C GLN D 266 -0.09 23.48 6.49
N ILE D 267 -0.81 23.96 7.53
CA ILE D 267 -1.97 24.87 7.43
C ILE D 267 -1.49 26.28 7.80
N THR D 268 -1.60 27.23 6.84
CA THR D 268 -1.10 28.60 6.99
C THR D 268 -2.16 29.70 6.88
N PHE D 269 -2.20 30.57 7.91
CA PHE D 269 -2.98 31.77 7.98
C PHE D 269 -1.97 32.91 8.11
N LYS D 270 -2.10 33.90 7.21
CA LYS D 270 -1.27 35.10 7.14
C LYS D 270 -2.15 36.30 6.86
N GLU D 271 -1.87 37.41 7.54
CA GLU D 271 -2.64 38.64 7.43
C GLU D 271 -1.68 39.80 7.41
N LYS D 272 -1.78 40.66 6.38
CA LYS D 272 -0.92 41.84 6.26
C LYS D 272 -1.27 42.87 7.33
N ILE D 273 -2.58 42.96 7.69
CA ILE D 273 -3.09 43.89 8.70
C ILE D 273 -2.93 43.36 10.13
N GLY D 274 -2.82 44.28 11.09
CA GLY D 274 -2.71 43.94 12.50
C GLY D 274 -4.04 43.99 13.23
N THR D 275 -4.02 44.43 14.49
CA THR D 275 -5.23 44.57 15.30
C THR D 275 -5.92 45.93 15.00
N GLU D 276 -5.09 46.94 14.62
CA GLU D 276 -5.52 48.29 14.29
C GLU D 276 -6.29 48.90 15.47
N GLY D 277 -7.49 49.45 15.27
CA GLY D 277 -8.31 50.02 16.33
C GLY D 277 -8.93 48.98 17.25
N ARG D 278 -9.33 47.83 16.64
CA ARG D 278 -9.92 46.65 17.31
C ARG D 278 -8.80 45.73 17.90
N GLY D 279 -8.10 46.26 18.91
CA GLY D 279 -7.01 45.63 19.65
C GLY D 279 -7.38 45.26 21.07
N GLY D 280 -8.20 46.11 21.72
CA GLY D 280 -8.74 45.88 23.05
C GLY D 280 -9.54 44.60 23.05
N TYR D 281 -10.45 44.43 22.05
CA TYR D 281 -11.25 43.21 21.87
C TYR D 281 -10.30 41.99 21.71
N PHE D 282 -9.23 42.13 20.86
CA PHE D 282 -8.27 41.07 20.55
C PHE D 282 -7.47 40.58 21.76
N ASP D 283 -7.07 41.48 22.69
CA ASP D 283 -6.26 41.16 23.88
C ASP D 283 -6.79 39.97 24.70
N SER D 284 -8.13 39.92 24.86
CA SER D 284 -8.85 38.87 25.58
C SER D 284 -8.99 37.59 24.76
N ILE D 285 -8.77 37.65 23.42
CA ILE D 285 -8.94 36.51 22.53
C ILE D 285 -7.60 35.87 22.17
N GLY D 286 -6.73 36.59 21.46
CA GLY D 286 -5.44 36.03 21.02
C GLY D 286 -5.54 35.23 19.73
N ILE D 287 -4.42 35.08 19.00
CA ILE D 287 -4.36 34.40 17.70
C ILE D 287 -4.87 32.92 17.72
N ILE D 288 -4.59 32.15 18.79
CA ILE D 288 -5.01 30.75 18.92
C ILE D 288 -6.55 30.65 19.01
N ARG D 289 -7.16 31.40 19.94
CA ARG D 289 -8.61 31.40 20.13
C ARG D 289 -9.37 31.99 18.95
N ASP D 290 -8.80 33.02 18.28
CA ASP D 290 -9.40 33.79 17.19
C ASP D 290 -9.42 33.11 15.83
N VAL D 291 -8.36 32.31 15.49
CA VAL D 291 -8.26 31.70 14.17
C VAL D 291 -7.94 30.19 14.23
N ILE D 292 -6.90 29.79 15.00
CA ILE D 292 -6.43 28.41 15.11
C ILE D 292 -7.53 27.47 15.62
N GLN D 293 -8.05 27.70 16.86
CA GLN D 293 -9.09 26.89 17.55
C GLN D 293 -10.31 26.61 16.68
N ASN D 294 -10.75 27.59 15.93
CA ASN D 294 -11.94 27.56 15.10
C ASN D 294 -11.66 27.23 13.65
N HIS D 295 -11.33 28.26 12.85
CA HIS D 295 -11.11 28.15 11.41
C HIS D 295 -10.10 27.05 11.01
N LEU D 296 -8.85 27.10 11.52
CA LEU D 296 -7.80 26.18 11.07
C LEU D 296 -7.95 24.77 11.63
N THR D 297 -8.56 24.59 12.82
CA THR D 297 -8.78 23.23 13.34
C THR D 297 -9.83 22.59 12.44
N GLN D 298 -10.68 23.45 11.78
CA GLN D 298 -11.75 23.06 10.87
C GLN D 298 -11.18 22.44 9.61
N ILE D 299 -10.20 23.14 8.98
CA ILE D 299 -9.47 22.65 7.82
C ILE D 299 -8.75 21.32 8.24
N LEU D 300 -8.11 21.34 9.44
CA LEU D 300 -7.43 20.19 10.00
C LEU D 300 -8.32 18.97 10.10
N SER D 301 -9.60 19.13 10.53
CA SER D 301 -10.58 18.05 10.70
C SER D 301 -10.90 17.43 9.37
N LEU D 302 -11.11 18.28 8.37
CA LEU D 302 -11.47 17.84 7.05
C LEU D 302 -10.34 17.12 6.39
N LEU D 303 -9.10 17.64 6.55
CA LEU D 303 -7.86 17.09 5.97
C LEU D 303 -7.48 15.67 6.48
N THR D 304 -7.82 15.39 7.74
CA THR D 304 -7.44 14.19 8.50
C THR D 304 -8.50 13.10 8.66
N MET D 305 -9.76 13.49 8.55
CA MET D 305 -10.90 12.60 8.74
C MET D 305 -10.90 11.38 7.82
N GLU D 306 -11.59 10.30 8.23
CA GLU D 306 -11.68 9.10 7.39
C GLU D 306 -12.82 9.29 6.44
N LYS D 307 -12.88 8.52 5.35
CA LYS D 307 -13.94 8.64 4.35
C LYS D 307 -15.33 8.50 5.02
N PRO D 308 -16.21 9.52 4.85
CA PRO D 308 -17.54 9.48 5.49
C PRO D 308 -18.41 8.31 5.02
N ARG D 309 -19.25 7.74 5.94
CA ARG D 309 -20.10 6.58 5.63
C ARG D 309 -20.95 6.87 4.40
N SER D 310 -21.56 8.08 4.40
CA SER D 310 -22.39 8.66 3.33
C SER D 310 -21.94 10.11 3.15
N LEU D 311 -22.53 10.85 2.21
CA LEU D 311 -22.24 12.29 2.08
C LEU D 311 -23.28 13.12 2.90
N SER D 312 -24.07 12.43 3.75
CA SER D 312 -25.06 13.01 4.66
C SER D 312 -24.40 14.04 5.57
N ALA D 313 -25.18 14.99 6.12
CA ALA D 313 -24.68 16.05 7.00
C ALA D 313 -24.05 15.45 8.24
N GLU D 314 -24.86 14.62 8.96
CA GLU D 314 -24.56 13.87 10.17
C GLU D 314 -23.40 12.84 9.97
N ASP D 315 -23.25 12.24 8.75
CA ASP D 315 -22.21 11.26 8.36
C ASP D 315 -20.85 11.91 8.18
N ILE D 316 -20.83 13.13 7.60
CA ILE D 316 -19.66 13.98 7.39
C ILE D 316 -19.15 14.54 8.72
N ARG D 317 -20.05 15.18 9.50
CA ARG D 317 -19.70 15.75 10.80
C ARG D 317 -19.18 14.69 11.85
N ASP D 318 -19.69 13.43 11.77
CA ASP D 318 -19.30 12.34 12.66
C ASP D 318 -17.84 12.03 12.53
N GLU D 319 -17.32 12.10 11.30
CA GLU D 319 -15.92 11.81 11.02
C GLU D 319 -15.05 12.96 11.44
N LYS D 320 -15.56 14.19 11.33
CA LYS D 320 -14.89 15.40 11.76
C LYS D 320 -14.63 15.32 13.26
N VAL D 321 -15.67 15.01 14.06
CA VAL D 321 -15.49 14.91 15.49
C VAL D 321 -14.56 13.75 15.85
N GLN D 322 -14.78 12.58 15.25
CA GLN D 322 -14.00 11.35 15.44
C GLN D 322 -12.47 11.58 15.38
N VAL D 323 -12.00 12.38 14.38
CA VAL D 323 -10.60 12.69 14.18
C VAL D 323 -10.09 13.74 15.19
N LEU D 324 -10.89 14.77 15.55
CA LEU D 324 -10.44 15.77 16.54
C LEU D 324 -10.37 15.13 17.93
N ARG D 325 -11.08 14.01 18.09
CA ARG D 325 -11.10 13.25 19.32
C ARG D 325 -9.77 12.45 19.45
N GLN D 326 -9.02 12.37 18.35
CA GLN D 326 -7.75 11.64 18.32
C GLN D 326 -6.55 12.58 18.27
N VAL D 327 -6.79 13.89 18.08
CA VAL D 327 -5.73 14.90 18.06
C VAL D 327 -5.21 14.99 19.49
N VAL D 328 -3.89 14.90 19.65
CA VAL D 328 -3.27 15.06 20.96
C VAL D 328 -3.32 16.58 21.31
N PRO D 329 -3.65 16.93 22.57
CA PRO D 329 -3.72 18.35 22.92
C PRO D 329 -2.37 19.04 22.76
N ALA D 330 -2.39 20.26 22.24
CA ALA D 330 -1.17 21.03 22.02
C ALA D 330 -0.37 21.21 23.31
N ASN D 331 0.90 20.81 23.26
CA ASN D 331 1.84 20.93 24.35
C ASN D 331 2.61 22.23 24.16
N PRO D 332 2.81 23.00 25.26
CA PRO D 332 3.53 24.29 25.19
C PRO D 332 4.94 24.27 24.58
N ALA D 333 5.73 23.20 24.82
CA ALA D 333 7.10 23.07 24.31
C ALA D 333 7.15 22.93 22.80
N GLU D 334 6.02 22.47 22.18
CA GLU D 334 5.87 22.29 20.73
C GLU D 334 5.07 23.42 20.09
N CYS D 335 5.51 24.67 20.29
CA CYS D 335 4.88 25.86 19.73
C CYS D 335 5.77 27.12 19.86
N VAL D 336 5.53 28.13 18.98
CA VAL D 336 6.23 29.43 18.97
C VAL D 336 5.18 30.57 18.97
N LEU D 337 5.33 31.57 19.86
CA LEU D 337 4.39 32.70 19.91
C LEU D 337 5.04 34.03 19.63
N GLY D 338 4.31 34.92 18.98
CA GLY D 338 4.77 36.25 18.63
C GLY D 338 3.79 37.35 18.99
N GLN D 339 4.28 38.60 19.01
CA GLN D 339 3.52 39.84 19.26
C GLN D 339 4.23 40.93 18.48
N TYR D 340 3.54 41.58 17.53
CA TYR D 340 4.18 42.57 16.64
C TYR D 340 4.59 43.91 17.30
N THR D 341 5.75 44.41 16.82
CA THR D 341 6.39 45.68 17.16
C THR D 341 6.06 46.58 15.97
N ALA D 342 6.32 47.92 16.08
CA ALA D 342 6.12 48.87 14.97
C ALA D 342 6.99 48.50 13.76
N SER D 343 6.45 48.73 12.55
CA SER D 343 7.09 48.44 11.27
C SER D 343 8.28 49.39 11.04
N ALA D 344 9.24 48.99 10.17
CA ALA D 344 10.43 49.79 9.83
C ALA D 344 10.04 51.21 9.36
N ASP D 345 9.00 51.30 8.48
CA ASP D 345 8.43 52.55 7.95
C ASP D 345 7.69 53.39 9.02
N GLY D 346 7.20 52.73 10.06
CA GLY D 346 6.47 53.35 11.16
C GLY D 346 4.98 53.50 10.92
N SER D 347 4.52 53.21 9.66
CA SER D 347 3.12 53.28 9.22
C SER D 347 2.21 52.36 10.03
N THR D 348 2.73 51.19 10.42
CA THR D 348 1.99 50.25 11.26
C THR D 348 2.51 50.43 12.68
N PRO D 349 1.69 50.94 13.64
CA PRO D 349 2.19 51.10 15.01
C PRO D 349 2.29 49.75 15.74
N GLY D 350 3.06 49.71 16.83
CA GLY D 350 3.23 48.52 17.64
C GLY D 350 1.91 48.05 18.22
N TYR D 351 1.79 46.75 18.55
CA TYR D 351 0.56 46.18 19.12
C TYR D 351 0.27 46.87 20.44
N LEU D 352 1.31 46.97 21.28
CA LEU D 352 1.29 47.58 22.61
C LEU D 352 0.99 49.09 22.57
N ASP D 353 1.31 49.75 21.43
CA ASP D 353 1.14 51.18 21.12
C ASP D 353 -0.33 51.54 20.76
N ASP D 354 -1.27 50.75 21.28
CA ASP D 354 -2.71 50.88 21.10
C ASP D 354 -3.28 51.27 22.47
N PRO D 355 -4.09 52.36 22.58
CA PRO D 355 -4.63 52.74 23.90
C PRO D 355 -5.53 51.67 24.50
N SER D 356 -6.30 50.95 23.63
CA SER D 356 -7.24 49.88 23.98
C SER D 356 -6.49 48.63 24.49
N VAL D 357 -5.24 48.42 24.03
CA VAL D 357 -4.41 47.30 24.45
C VAL D 357 -3.87 47.53 25.88
N PRO D 358 -4.24 46.65 26.86
CA PRO D 358 -3.76 46.81 28.24
C PRO D 358 -2.25 46.94 28.37
N LYS D 359 -1.79 47.81 29.28
CA LYS D 359 -0.37 48.09 29.54
C LYS D 359 0.39 46.82 29.92
N GLY D 360 1.50 46.59 29.23
CA GLY D 360 2.39 45.44 29.45
C GLY D 360 1.77 44.09 29.13
N SER D 361 0.90 44.04 28.10
CA SER D 361 0.25 42.80 27.67
C SER D 361 1.22 41.81 27.03
N HIS D 362 0.87 40.52 27.06
CA HIS D 362 1.68 39.47 26.45
C HIS D 362 0.83 38.60 25.50
N CYS D 363 -0.23 39.22 24.92
CA CYS D 363 -1.16 38.56 24.00
C CYS D 363 -0.50 38.16 22.66
N PRO D 364 -0.50 36.86 22.30
CA PRO D 364 0.10 36.47 21.02
C PRO D 364 -0.75 36.87 19.80
N THR D 365 -0.09 37.57 18.85
CA THR D 365 -0.67 38.03 17.58
C THR D 365 -0.25 37.04 16.50
N PHE D 366 0.67 36.12 16.85
CA PHE D 366 1.23 35.08 15.99
C PHE D 366 1.48 33.77 16.77
N ALA D 367 1.20 32.62 16.13
CA ALA D 367 1.44 31.29 16.69
C ALA D 367 1.70 30.26 15.59
N VAL D 368 2.68 29.37 15.86
CA VAL D 368 3.04 28.21 15.06
C VAL D 368 3.05 27.02 16.00
N LEU D 369 2.26 26.01 15.67
CA LEU D 369 2.06 24.80 16.46
C LEU D 369 2.41 23.53 15.67
N ARG D 370 2.86 22.48 16.37
CA ARG D 370 3.12 21.17 15.81
C ARG D 370 2.12 20.27 16.53
N LEU D 371 1.08 19.83 15.81
CA LEU D 371 0.03 18.95 16.33
C LEU D 371 0.25 17.50 15.87
N HIS D 372 -0.28 16.53 16.66
CA HIS D 372 -0.16 15.11 16.34
C HIS D 372 -1.49 14.39 16.35
N VAL D 373 -1.87 13.76 15.21
CA VAL D 373 -3.12 12.97 15.16
C VAL D 373 -2.76 11.50 15.53
N ASN D 374 -3.36 11.00 16.59
CA ASN D 374 -3.01 9.70 17.12
C ASN D 374 -3.91 8.56 16.58
N ASN D 375 -3.70 8.19 15.34
CA ASN D 375 -4.38 7.06 14.70
C ASN D 375 -3.44 6.45 13.68
N ASP D 376 -3.72 5.23 13.21
CA ASP D 376 -2.88 4.50 12.24
C ASP D 376 -2.78 5.19 10.84
N ARG D 377 -3.59 6.25 10.57
CA ARG D 377 -3.43 6.99 9.31
C ARG D 377 -2.37 8.10 9.49
N TRP D 378 -2.48 8.87 10.59
CA TRP D 378 -1.62 10.02 10.82
C TRP D 378 -0.53 9.84 11.84
N HIS D 379 -0.22 8.58 12.14
CA HIS D 379 0.83 8.24 13.08
C HIS D 379 2.20 8.73 12.58
N GLY D 380 2.77 9.67 13.35
CA GLY D 380 4.05 10.26 13.05
C GLY D 380 3.96 11.53 12.24
N VAL D 381 3.05 11.60 11.23
CA VAL D 381 2.86 12.78 10.35
C VAL D 381 2.73 14.08 11.17
N PRO D 382 3.73 15.02 11.01
CA PRO D 382 3.63 16.33 11.70
C PRO D 382 2.58 17.22 11.08
N PHE D 383 1.83 17.93 11.92
CA PHE D 383 0.81 18.86 11.49
C PHE D 383 1.22 20.25 11.94
N ILE D 384 1.76 21.05 11.02
CA ILE D 384 2.26 22.39 11.35
C ILE D 384 1.20 23.45 11.07
N ILE D 385 0.63 24.01 12.14
CA ILE D 385 -0.40 25.03 12.01
C ILE D 385 0.21 26.40 12.31
N ARG D 386 0.07 27.31 11.36
CA ARG D 386 0.59 28.65 11.41
C ARG D 386 -0.50 29.71 11.30
N ALA D 387 -0.39 30.78 12.10
CA ALA D 387 -1.36 31.87 12.11
C ALA D 387 -0.78 33.13 12.71
N GLY D 388 -0.93 34.24 11.99
CA GLY D 388 -0.41 35.53 12.43
C GLY D 388 -0.97 36.75 11.74
N LYS D 389 -1.05 37.85 12.51
CA LYS D 389 -1.50 39.16 12.08
C LYS D 389 -0.28 40.06 11.94
N ALA D 390 -0.37 41.12 11.09
CA ALA D 390 0.70 42.07 10.78
C ALA D 390 1.95 41.37 10.24
N LEU D 391 1.73 40.46 9.26
CA LEU D 391 2.79 39.69 8.59
C LEU D 391 3.09 40.27 7.20
N GLU D 392 4.02 39.59 6.47
CA GLU D 392 4.50 39.97 5.15
C GLU D 392 3.45 39.93 4.01
N GLU D 393 2.44 39.03 4.10
CA GLU D 393 1.44 38.86 3.04
C GLU D 393 0.10 38.35 3.57
N ARG D 394 -0.97 38.49 2.76
CA ARG D 394 -2.28 37.92 3.06
C ARG D 394 -2.24 36.48 2.47
N LEU D 395 -2.50 35.43 3.27
CA LEU D 395 -2.45 34.05 2.77
C LEU D 395 -3.25 33.01 3.56
N LEU D 396 -3.96 32.15 2.82
CA LEU D 396 -4.63 30.97 3.34
C LEU D 396 -4.29 29.79 2.39
N ASP D 397 -3.45 28.87 2.86
CA ASP D 397 -3.09 27.71 2.07
C ASP D 397 -2.84 26.52 2.94
N ILE D 398 -3.03 25.33 2.34
CA ILE D 398 -2.86 23.99 2.88
C ILE D 398 -1.75 23.39 2.04
N ARG D 399 -0.76 22.78 2.72
CA ARG D 399 0.42 22.17 2.07
C ARG D 399 0.60 20.72 2.51
N ILE D 400 0.28 19.78 1.61
CA ILE D 400 0.43 18.34 1.88
C ILE D 400 1.75 17.88 1.26
N GLN D 401 2.85 17.95 2.04
CA GLN D 401 4.21 17.59 1.66
C GLN D 401 4.48 16.07 1.76
N PHE D 402 4.60 15.40 0.59
CA PHE D 402 4.84 13.96 0.43
C PHE D 402 6.27 13.57 0.78
N LYS D 403 6.55 12.27 1.03
CA LYS D 403 7.88 11.79 1.38
C LYS D 403 8.91 12.03 0.28
N ASP D 404 10.18 12.23 0.66
N ASP D 404 10.17 12.13 0.71
CA ASP D 404 11.25 12.44 -0.31
CA ASP D 404 11.38 12.32 -0.07
C ASP D 404 11.60 11.07 -0.92
C ASP D 404 11.70 11.01 -0.87
N GLU D 405 11.65 11.02 -2.25
CA GLU D 405 11.99 9.80 -3.07
C GLU D 405 13.51 9.75 -3.31
N ILE D 406 14.21 9.09 -2.34
CA ILE D 406 15.65 8.97 -2.11
C ILE D 406 16.46 8.55 -3.36
N ARG D 407 16.11 7.39 -3.94
CA ARG D 407 16.83 6.85 -5.08
C ARG D 407 15.83 6.69 -6.25
N PRO D 408 16.25 6.76 -7.54
CA PRO D 408 17.63 6.91 -8.06
C PRO D 408 18.07 8.32 -8.28
N PHE D 409 17.21 9.31 -7.97
CA PHE D 409 17.46 10.71 -8.26
C PHE D 409 18.21 11.52 -7.20
N GLY D 410 18.21 11.05 -5.94
CA GLY D 410 18.93 11.69 -4.84
C GLY D 410 18.62 13.17 -4.69
N GLU D 411 19.67 14.02 -4.70
CA GLU D 411 19.55 15.47 -4.55
C GLU D 411 18.92 16.16 -5.76
N SER D 412 18.88 15.48 -6.91
CA SER D 412 18.27 15.97 -8.15
C SER D 412 16.76 16.05 -7.99
N THR D 413 16.22 15.59 -6.87
CA THR D 413 14.78 15.68 -6.65
C THR D 413 14.54 16.26 -5.24
N GLN D 414 13.27 16.51 -4.88
CA GLN D 414 12.85 17.08 -3.61
C GLN D 414 11.36 16.76 -3.39
N ARG D 415 10.95 16.60 -2.10
CA ARG D 415 9.56 16.31 -1.69
C ARG D 415 8.49 16.97 -2.58
N ASN D 416 7.53 16.16 -3.03
CA ASN D 416 6.40 16.67 -3.80
C ASN D 416 5.45 17.25 -2.77
N GLU D 417 4.63 18.16 -3.21
CA GLU D 417 3.75 18.85 -2.34
C GLU D 417 2.50 19.11 -3.06
N LEU D 418 1.37 18.84 -2.44
CA LEU D 418 0.07 19.22 -3.01
C LEU D 418 -0.32 20.50 -2.24
N VAL D 419 -0.48 21.60 -2.99
CA VAL D 419 -0.79 22.90 -2.42
C VAL D 419 -2.19 23.34 -2.81
N ILE D 420 -3.04 23.61 -1.78
CA ILE D 420 -4.40 24.14 -1.96
C ILE D 420 -4.43 25.54 -1.33
N ARG D 421 -4.47 26.60 -2.17
CA ARG D 421 -4.51 27.99 -1.69
C ARG D 421 -5.95 28.48 -1.76
N ALA D 422 -6.54 28.70 -0.59
CA ALA D 422 -7.93 29.10 -0.43
C ALA D 422 -8.21 30.60 -0.62
N GLN D 423 -7.10 31.41 -0.59
CA GLN D 423 -6.99 32.87 -0.78
C GLN D 423 -5.49 33.27 -0.73
N PRO D 424 -5.00 34.28 -1.47
CA PRO D 424 -5.71 35.21 -2.35
C PRO D 424 -6.30 34.57 -3.61
N SER D 425 -5.47 34.11 -4.59
CA SER D 425 -6.06 33.52 -5.78
C SER D 425 -6.40 32.10 -5.52
N GLU D 426 -7.69 31.73 -5.50
CA GLU D 426 -8.10 30.33 -5.22
C GLU D 426 -7.56 29.41 -6.29
N ALA D 427 -6.59 28.59 -5.93
CA ALA D 427 -5.84 27.69 -6.80
C ALA D 427 -5.45 26.40 -6.07
N MET D 428 -5.23 25.34 -6.87
CA MET D 428 -4.80 24.04 -6.42
C MET D 428 -3.72 23.65 -7.39
N TYR D 429 -2.56 23.26 -6.85
CA TYR D 429 -1.41 22.88 -7.66
C TYR D 429 -0.56 21.82 -6.98
N LEU D 430 -0.18 20.81 -7.75
CA LEU D 430 0.67 19.75 -7.27
C LEU D 430 2.09 20.02 -7.79
N LYS D 431 3.05 20.22 -6.84
CA LYS D 431 4.50 20.44 -7.10
C LYS D 431 5.12 19.10 -7.37
N LEU D 432 5.93 19.03 -8.39
CA LEU D 432 6.50 17.81 -8.93
C LEU D 432 7.91 18.04 -9.53
N THR D 433 8.70 16.99 -9.70
CA THR D 433 10.03 17.07 -10.30
C THR D 433 9.98 16.49 -11.72
N ALA D 434 10.49 17.26 -12.67
CA ALA D 434 10.52 16.90 -14.08
C ALA D 434 11.86 17.27 -14.72
N LYS D 435 12.19 16.61 -15.83
CA LYS D 435 13.40 16.84 -16.59
C LYS D 435 13.39 18.28 -17.12
N THR D 436 14.53 18.99 -16.98
CA THR D 436 14.72 20.35 -17.48
C THR D 436 14.42 20.30 -18.98
N PRO D 437 13.36 21.00 -19.48
CA PRO D 437 13.03 20.93 -20.91
C PRO D 437 14.14 21.46 -21.80
N GLY D 438 14.51 20.65 -22.79
CA GLY D 438 15.54 21.00 -23.76
C GLY D 438 16.53 19.88 -23.98
N LEU D 439 17.73 20.26 -24.45
CA LEU D 439 18.87 19.38 -24.72
C LEU D 439 19.70 19.23 -23.43
N LEU D 440 19.04 18.67 -22.38
CA LEU D 440 19.63 18.48 -21.06
C LEU D 440 19.21 17.20 -20.36
N ASN D 441 20.11 16.68 -19.51
CA ASN D 441 19.92 15.56 -18.60
C ASN D 441 20.01 16.17 -17.18
N ASP D 442 19.05 17.05 -16.84
CA ASP D 442 18.98 17.71 -15.53
C ASP D 442 17.52 17.74 -15.05
N THR D 443 17.27 18.10 -13.79
CA THR D 443 15.91 18.16 -13.23
C THR D 443 15.53 19.60 -12.84
N HIS D 444 14.25 19.83 -12.60
CA HIS D 444 13.72 21.13 -12.19
C HIS D 444 12.39 20.93 -11.50
N GLN D 445 12.09 21.72 -10.47
CA GLN D 445 10.79 21.57 -9.83
C GLN D 445 9.74 22.36 -10.66
N THR D 446 8.57 21.76 -10.82
CA THR D 446 7.45 22.28 -11.58
C THR D 446 6.14 21.98 -10.86
N GLU D 447 5.03 22.37 -11.45
CA GLU D 447 3.73 22.11 -10.87
C GLU D 447 2.70 21.82 -11.95
N LEU D 448 1.59 21.25 -11.52
CA LEU D 448 0.45 20.89 -12.36
C LEU D 448 -0.67 21.73 -11.81
N ASP D 449 -0.78 22.93 -12.38
CA ASP D 449 -1.70 23.95 -11.93
C ASP D 449 -3.16 23.70 -12.31
N LEU D 450 -4.02 24.49 -11.67
CA LEU D 450 -5.45 24.68 -11.80
C LEU D 450 -5.68 25.96 -11.00
N THR D 451 -5.66 27.13 -11.73
CA THR D 451 -5.94 28.48 -11.18
C THR D 451 -7.41 28.85 -11.50
N TYR D 452 -8.27 28.83 -10.48
CA TYR D 452 -9.71 29.05 -10.61
C TYR D 452 -10.09 30.34 -11.31
N GLU D 453 -9.20 31.37 -11.28
CA GLU D 453 -9.41 32.69 -11.91
C GLU D 453 -9.15 32.63 -13.41
N ARG D 454 -8.15 31.83 -13.77
CA ARG D 454 -7.76 31.58 -15.13
C ARG D 454 -8.70 30.57 -15.82
N ARG D 455 -9.13 29.49 -15.10
CA ARG D 455 -9.94 28.40 -15.65
C ARG D 455 -11.46 28.59 -15.66
N TYR D 456 -12.04 29.40 -14.76
CA TYR D 456 -13.48 29.65 -14.66
C TYR D 456 -13.83 31.13 -14.74
N ASP D 457 -14.89 31.42 -15.48
CA ASP D 457 -15.48 32.72 -15.78
C ASP D 457 -16.46 33.18 -14.67
N VAL D 458 -16.59 32.36 -13.58
CA VAL D 458 -17.58 32.55 -12.51
C VAL D 458 -17.05 33.43 -11.34
N THR D 459 -17.89 34.40 -10.90
CA THR D 459 -17.59 35.32 -9.80
C THR D 459 -18.00 34.66 -8.50
N LEU D 460 -17.08 33.82 -7.95
CA LEU D 460 -17.20 32.99 -6.73
C LEU D 460 -17.82 33.70 -5.49
N PRO D 461 -18.77 33.06 -4.76
CA PRO D 461 -19.40 33.73 -3.63
C PRO D 461 -18.55 33.88 -2.39
N ASP D 462 -18.92 34.87 -1.55
CA ASP D 462 -18.34 35.18 -0.25
C ASP D 462 -18.81 34.05 0.66
N ALA D 463 -17.92 33.54 1.52
CA ALA D 463 -18.18 32.42 2.46
C ALA D 463 -19.59 32.47 3.06
N TYR D 464 -20.04 33.68 3.46
CA TYR D 464 -21.33 33.94 4.09
C TYR D 464 -22.54 33.74 3.19
N GLU D 465 -22.40 33.84 1.87
CA GLU D 465 -23.52 33.61 0.94
C GLU D 465 -23.93 32.15 0.99
N SER D 466 -22.93 31.25 0.86
CA SER D 466 -23.10 29.79 0.92
C SER D 466 -23.75 29.39 2.25
N LEU D 467 -23.10 29.76 3.37
CA LEU D 467 -23.56 29.43 4.71
C LEU D 467 -25.00 29.80 4.96
N ILE D 468 -25.36 31.10 4.76
CA ILE D 468 -26.72 31.62 5.00
C ILE D 468 -27.72 30.83 4.15
N HIS D 469 -27.34 30.56 2.89
CA HIS D 469 -28.16 29.80 1.96
C HIS D 469 -28.36 28.38 2.46
N GLU D 470 -27.26 27.69 2.81
CA GLU D 470 -27.28 26.32 3.34
C GLU D 470 -28.11 26.21 4.61
N ALA D 471 -28.13 27.27 5.43
CA ALA D 471 -28.91 27.34 6.67
C ALA D 471 -30.40 27.46 6.39
N LEU D 472 -30.77 28.10 5.27
CA LEU D 472 -32.17 28.29 4.87
C LEU D 472 -32.74 26.96 4.39
N LEU D 473 -31.86 26.14 3.80
CA LEU D 473 -32.16 24.81 3.26
C LEU D 473 -32.18 23.76 4.37
N GLY D 474 -31.38 23.98 5.44
CA GLY D 474 -31.28 23.09 6.59
C GLY D 474 -30.14 22.12 6.48
N ASN D 475 -29.03 22.55 5.91
CA ASN D 475 -27.87 21.68 5.75
C ASN D 475 -26.85 21.91 6.86
N SER D 476 -26.94 21.07 7.90
CA SER D 476 -26.12 21.21 9.09
C SER D 476 -24.65 20.83 8.89
N THR D 477 -24.25 20.37 7.68
CA THR D 477 -22.86 19.97 7.32
C THR D 477 -21.81 21.06 7.57
N ASN D 478 -22.01 22.27 7.00
CA ASN D 478 -21.02 23.35 7.12
C ASN D 478 -21.17 24.19 8.39
N PHE D 479 -21.71 23.55 9.43
CA PHE D 479 -21.94 24.17 10.74
C PHE D 479 -21.30 23.33 11.83
N VAL D 480 -20.70 23.99 12.81
CA VAL D 480 -20.02 23.32 13.91
C VAL D 480 -21.08 22.60 14.80
N ARG D 481 -20.82 21.31 15.13
CA ARG D 481 -21.67 20.51 16.00
C ARG D 481 -21.18 20.74 17.44
N VAL D 482 -21.99 20.41 18.47
CA VAL D 482 -21.59 20.72 19.84
C VAL D 482 -20.38 19.88 20.25
N ASP D 483 -20.40 18.58 19.90
CA ASP D 483 -19.30 17.66 20.20
C ASP D 483 -18.07 18.02 19.39
N GLU D 484 -18.28 18.53 18.17
CA GLU D 484 -17.26 19.01 17.25
C GLU D 484 -16.55 20.21 17.88
N LEU D 485 -17.31 21.08 18.55
CA LEU D 485 -16.86 22.31 19.20
C LEU D 485 -16.06 21.90 20.39
N ASP D 486 -16.54 20.89 21.13
CA ASP D 486 -15.86 20.39 22.30
C ASP D 486 -14.51 19.83 21.90
N ALA D 487 -14.54 18.88 20.98
CA ALA D 487 -13.37 18.17 20.47
C ALA D 487 -12.26 19.13 20.08
N ALA D 488 -12.64 20.32 19.57
CA ALA D 488 -11.74 21.37 19.12
C ALA D 488 -11.14 22.07 20.29
N TRP D 489 -11.98 22.52 21.24
CA TRP D 489 -11.55 23.22 22.46
C TRP D 489 -10.55 22.43 23.29
N ARG D 490 -10.77 21.11 23.37
CA ARG D 490 -9.94 20.17 24.13
C ARG D 490 -8.50 20.06 23.62
N ILE D 491 -8.23 20.48 22.38
CA ILE D 491 -6.90 20.47 21.80
C ILE D 491 -6.06 21.61 22.40
N TYR D 492 -6.63 22.81 22.35
CA TYR D 492 -5.93 24.03 22.72
C TYR D 492 -6.08 24.50 24.17
N THR D 493 -7.17 24.14 24.89
CA THR D 493 -7.41 24.58 26.29
C THR D 493 -6.14 24.41 27.19
N PRO D 494 -5.45 23.23 27.28
CA PRO D 494 -4.24 23.16 28.10
C PRO D 494 -3.13 24.13 27.69
N LEU D 495 -2.91 24.31 26.35
CA LEU D 495 -1.90 25.22 25.80
C LEU D 495 -2.27 26.66 26.12
N LEU D 496 -3.55 27.01 25.89
CA LEU D 496 -4.12 28.33 26.13
C LEU D 496 -3.94 28.75 27.58
N HIS D 497 -4.22 27.83 28.51
CA HIS D 497 -4.06 28.03 29.94
C HIS D 497 -2.60 28.27 30.32
N ALA D 498 -1.67 27.43 29.78
CA ALA D 498 -0.23 27.55 30.00
C ALA D 498 0.21 28.96 29.59
N ILE D 499 -0.23 29.41 28.39
CA ILE D 499 0.00 30.74 27.84
C ILE D 499 -0.46 31.82 28.83
N ASP D 500 -1.74 31.73 29.28
CA ASP D 500 -2.39 32.69 30.20
C ASP D 500 -1.78 32.68 31.60
N ARG D 501 -1.11 31.60 31.99
CA ARG D 501 -0.43 31.48 33.27
C ARG D 501 0.98 32.11 33.16
N GLY D 502 1.36 32.50 31.94
CA GLY D 502 2.64 33.13 31.65
C GLY D 502 3.77 32.15 31.47
N GLU D 503 3.43 30.87 31.30
CA GLU D 503 4.40 29.79 31.15
C GLU D 503 5.07 29.75 29.77
N VAL D 504 4.40 30.29 28.73
CA VAL D 504 4.91 30.29 27.36
C VAL D 504 5.43 31.69 26.94
N LYS D 505 6.67 31.75 26.39
CA LYS D 505 7.29 33.00 25.94
C LYS D 505 6.66 33.54 24.66
N VAL D 506 6.39 34.85 24.63
CA VAL D 506 5.79 35.54 23.47
C VAL D 506 6.82 36.49 22.87
N LEU D 507 7.49 36.03 21.80
CA LEU D 507 8.58 36.71 21.10
C LEU D 507 8.15 37.94 20.29
N PRO D 508 8.98 39.00 20.23
CA PRO D 508 8.58 40.18 19.44
C PRO D 508 9.05 40.08 17.98
N TYR D 509 8.23 40.59 17.03
CA TYR D 509 8.54 40.63 15.59
C TYR D 509 8.01 41.91 14.98
N ALA D 510 8.79 42.57 14.11
CA ALA D 510 8.41 43.82 13.45
C ALA D 510 7.15 43.64 12.56
N ALA D 511 6.19 44.57 12.63
CA ALA D 511 4.97 44.49 11.83
C ALA D 511 5.32 44.49 10.34
N GLY D 512 4.80 43.53 9.61
CA GLY D 512 5.06 43.38 8.18
C GLY D 512 6.21 42.45 7.86
N SER D 513 6.94 41.96 8.89
CA SER D 513 8.04 41.00 8.74
C SER D 513 7.47 39.57 8.67
N GLY D 515 7.74 37.18 10.52
CA GLY D 515 7.42 36.72 11.88
C GLY D 515 8.69 36.41 12.66
N PRO D 516 8.63 35.86 13.90
CA PRO D 516 9.88 35.59 14.63
C PRO D 516 10.75 34.49 14.00
N GLU D 517 12.09 34.67 14.06
CA GLU D 517 13.13 33.78 13.53
C GLU D 517 12.98 32.37 14.07
N GLU D 518 12.73 32.27 15.37
CA GLU D 518 12.55 31.03 16.16
C GLU D 518 11.50 30.11 15.53
N ALA D 519 10.43 30.71 14.96
CA ALA D 519 9.30 30.03 14.30
C ALA D 519 9.74 29.25 13.05
N GLN D 520 10.50 29.89 12.12
CA GLN D 520 10.98 29.26 10.89
C GLN D 520 11.91 28.08 11.22
N GLU D 521 12.72 28.23 12.29
CA GLU D 521 13.64 27.18 12.79
C GLU D 521 12.85 26.00 13.34
N PHE D 522 11.83 26.29 14.16
CA PHE D 522 10.90 25.33 14.73
C PHE D 522 10.17 24.55 13.63
N ILE D 523 9.73 25.22 12.56
CA ILE D 523 9.05 24.61 11.41
C ILE D 523 10.00 23.60 10.76
N ARG D 524 11.29 23.95 10.63
CA ARG D 524 12.32 23.05 10.06
C ARG D 524 12.45 21.82 10.92
N ILE D 525 12.59 22.01 12.25
CA ILE D 525 12.73 20.97 13.28
C ILE D 525 11.45 20.09 13.31
N SER D 526 10.26 20.72 13.15
CA SER D 526 8.95 20.06 13.17
C SER D 526 8.75 19.08 12.02
N GLY D 527 9.60 19.17 10.99
CA GLY D 527 9.58 18.23 9.86
C GLY D 527 9.31 18.83 8.50
N TYR D 528 9.13 20.16 8.41
CA TYR D 528 8.86 20.82 7.13
C TYR D 528 10.14 21.20 6.39
N LYS D 529 10.17 20.90 5.09
CA LYS D 529 11.31 21.16 4.22
C LYS D 529 11.05 22.27 3.16
N THR D 530 11.65 23.46 3.42
CA THR D 530 11.71 24.74 2.68
C THR D 530 11.25 24.75 1.19
N THR D 531 11.66 23.75 0.37
CA THR D 531 11.42 23.66 -1.09
C THR D 531 12.26 24.74 -1.80
#